data_5FAD
# 
_entry.id   5FAD 
# 
_audit_conform.dict_name       mmcif_pdbx.dic 
_audit_conform.dict_version    5.387 
_audit_conform.dict_location   http://mmcif.pdb.org/dictionaries/ascii/mmcif_pdbx.dic 
# 
loop_
_database_2.database_id 
_database_2.database_code 
_database_2.pdbx_database_accession 
_database_2.pdbx_DOI 
PDB   5FAD         pdb_00005fad 10.2210/pdb5fad/pdb 
WWPDB D_1000216263 ?            ?                   
# 
loop_
_pdbx_audit_revision_history.ordinal 
_pdbx_audit_revision_history.data_content_type 
_pdbx_audit_revision_history.major_revision 
_pdbx_audit_revision_history.minor_revision 
_pdbx_audit_revision_history.revision_date 
1 'Structure model' 1 0 2016-06-29 
2 'Structure model' 1 1 2016-07-06 
3 'Structure model' 1 2 2016-07-27 
4 'Structure model' 1 3 2016-09-14 
5 'Structure model' 1 4 2024-03-20 
# 
_pdbx_audit_revision_details.ordinal             1 
_pdbx_audit_revision_details.revision_ordinal    1 
_pdbx_audit_revision_details.data_content_type   'Structure model' 
_pdbx_audit_revision_details.provider            repository 
_pdbx_audit_revision_details.type                'Initial release' 
_pdbx_audit_revision_details.description         ? 
_pdbx_audit_revision_details.details             ? 
# 
loop_
_pdbx_audit_revision_group.ordinal 
_pdbx_audit_revision_group.revision_ordinal 
_pdbx_audit_revision_group.data_content_type 
_pdbx_audit_revision_group.group 
1 2 'Structure model' 'Database references'  
2 3 'Structure model' 'Database references'  
3 4 'Structure model' 'Database references'  
4 5 'Structure model' 'Data collection'      
5 5 'Structure model' 'Database references'  
6 5 'Structure model' 'Derived calculations' 
# 
loop_
_pdbx_audit_revision_category.ordinal 
_pdbx_audit_revision_category.revision_ordinal 
_pdbx_audit_revision_category.data_content_type 
_pdbx_audit_revision_category.category 
1 5 'Structure model' chem_comp_atom        
2 5 'Structure model' chem_comp_bond        
3 5 'Structure model' database_2            
4 5 'Structure model' pdbx_struct_oper_list 
# 
loop_
_pdbx_audit_revision_item.ordinal 
_pdbx_audit_revision_item.revision_ordinal 
_pdbx_audit_revision_item.data_content_type 
_pdbx_audit_revision_item.item 
1 5 'Structure model' '_database_2.pdbx_DOI'                      
2 5 'Structure model' '_database_2.pdbx_database_accession'       
3 5 'Structure model' '_pdbx_struct_oper_list.symmetry_operation' 
# 
_pdbx_database_status.status_code                     REL 
_pdbx_database_status.status_code_sf                  REL 
_pdbx_database_status.status_code_mr                  ? 
_pdbx_database_status.entry_id                        5FAD 
_pdbx_database_status.recvd_initial_deposition_date   2015-12-11 
_pdbx_database_status.SG_entry                        N 
_pdbx_database_status.deposit_site                    RCSB 
_pdbx_database_status.process_site                    PDBJ 
_pdbx_database_status.status_code_cs                  ? 
_pdbx_database_status.methods_development_category    ? 
_pdbx_database_status.pdb_format_compatible           Y 
_pdbx_database_status.status_code_nmr_data            ? 
# 
_pdbx_database_related.db_name        PDB 
_pdbx_database_related.details        . 
_pdbx_database_related.db_id          5FA8 
_pdbx_database_related.content_type   unspecified 
# 
_audit_author.name           'Ouyang, S.' 
_audit_author.pdbx_ordinal   1 
# 
_citation.abstract                  ? 
_citation.abstract_id_CAS           ? 
_citation.book_id_ISBN              ? 
_citation.book_publisher            ? 
_citation.book_publisher_city       ? 
_citation.book_title                ? 
_citation.coordinate_linkage        ? 
_citation.country                   US 
_citation.database_id_Medline       ? 
_citation.details                   ? 
_citation.id                        primary 
_citation.journal_abbrev            'Mol.Cell Proteomics' 
_citation.journal_id_ASTM           ? 
_citation.journal_id_CSD            ? 
_citation.journal_id_ISSN           1535-9484 
_citation.journal_full              ? 
_citation.journal_issue             ? 
_citation.journal_volume            15 
_citation.language                  ? 
_citation.page_first                2908 
_citation.page_last                 2923 
_citation.title                     
;aKMT Catalyzes Extensive Protein Lysine Methylation in the Hyperthermophilic Archaeon Sulfolobus islandicus but is Dispensable for the Growth of the Organism
;
_citation.year                      2016 
_citation.database_id_CSD           ? 
_citation.pdbx_database_id_DOI      10.1074/mcp.M115.057778 
_citation.pdbx_database_id_PubMed   27329856 
_citation.unpublished_flag          ? 
# 
loop_
_citation_author.citation_id 
_citation_author.name 
_citation_author.ordinal 
_citation_author.identifier_ORCID 
primary 'Chu, Y.'    1  ? 
primary 'Zhu, Y.'    2  ? 
primary 'Chen, Y.'   3  ? 
primary 'Li, W.'     4  ? 
primary 'Zhang, Z.'  5  ? 
primary 'Liu, D.'    6  ? 
primary 'Wang, T.'   7  ? 
primary 'Ma, J.'     8  ? 
primary 'Deng, H.'   9  ? 
primary 'Liu, Z.J.'  10 ? 
primary 'Ouyang, S.' 11 ? 
primary 'Huang, L.'  12 ? 
# 
loop_
_entity.id 
_entity.type 
_entity.src_method 
_entity.pdbx_description 
_entity.formula_weight 
_entity.pdbx_number_of_molecules 
_entity.pdbx_ec 
_entity.pdbx_mutation 
_entity.pdbx_fragment 
_entity.details 
1 polymer     man 'Ribosomal protein L11 methyltransferase, putative' 18179.992 1   ? ? ? ? 
2 non-polymer syn S-ADENOSYL-L-HOMOCYSTEINE                           384.411   1   ? ? ? ? 
3 non-polymer syn 'MAGNESIUM ION'                                     24.305    1   ? ? ? ? 
4 water       nat water                                               18.015    122 ? ? ? ? 
# 
_entity_poly.entity_id                      1 
_entity_poly.type                           'polypeptide(L)' 
_entity_poly.nstd_linkage                   no 
_entity_poly.nstd_monomer                   no 
_entity_poly.pdbx_seq_one_letter_code       
;MSYVPHVPYVPTPEKVVRRMLEIAKVSQDDIVYDLGCGDGRIIITAAKDFNVKKAVGVEINDERIREALANIEKNGVTGR
ASIVKGNFFEVDISEATVVTMFLLTNVNEMLKPKLEKELKPGTRVVSHEFEIRGWNPKEVIKVEDGNMNHTVYLYVIGEH
K
;
_entity_poly.pdbx_seq_one_letter_code_can   
;MSYVPHVPYVPTPEKVVRRMLEIAKVSQDDIVYDLGCGDGRIIITAAKDFNVKKAVGVEINDERIREALANIEKNGVTGR
ASIVKGNFFEVDISEATVVTMFLLTNVNEMLKPKLEKELKPGTRVVSHEFEIRGWNPKEVIKVEDGNMNHTVYLYVIGEH
K
;
_entity_poly.pdbx_strand_id                 A 
_entity_poly.pdbx_target_identifier         ? 
# 
loop_
_pdbx_entity_nonpoly.entity_id 
_pdbx_entity_nonpoly.name 
_pdbx_entity_nonpoly.comp_id 
2 S-ADENOSYL-L-HOMOCYSTEINE SAH 
3 'MAGNESIUM ION'           MG  
4 water                     HOH 
# 
loop_
_entity_poly_seq.entity_id 
_entity_poly_seq.num 
_entity_poly_seq.mon_id 
_entity_poly_seq.hetero 
1 1   MET n 
1 2   SER n 
1 3   TYR n 
1 4   VAL n 
1 5   PRO n 
1 6   HIS n 
1 7   VAL n 
1 8   PRO n 
1 9   TYR n 
1 10  VAL n 
1 11  PRO n 
1 12  THR n 
1 13  PRO n 
1 14  GLU n 
1 15  LYS n 
1 16  VAL n 
1 17  VAL n 
1 18  ARG n 
1 19  ARG n 
1 20  MET n 
1 21  LEU n 
1 22  GLU n 
1 23  ILE n 
1 24  ALA n 
1 25  LYS n 
1 26  VAL n 
1 27  SER n 
1 28  GLN n 
1 29  ASP n 
1 30  ASP n 
1 31  ILE n 
1 32  VAL n 
1 33  TYR n 
1 34  ASP n 
1 35  LEU n 
1 36  GLY n 
1 37  CYS n 
1 38  GLY n 
1 39  ASP n 
1 40  GLY n 
1 41  ARG n 
1 42  ILE n 
1 43  ILE n 
1 44  ILE n 
1 45  THR n 
1 46  ALA n 
1 47  ALA n 
1 48  LYS n 
1 49  ASP n 
1 50  PHE n 
1 51  ASN n 
1 52  VAL n 
1 53  LYS n 
1 54  LYS n 
1 55  ALA n 
1 56  VAL n 
1 57  GLY n 
1 58  VAL n 
1 59  GLU n 
1 60  ILE n 
1 61  ASN n 
1 62  ASP n 
1 63  GLU n 
1 64  ARG n 
1 65  ILE n 
1 66  ARG n 
1 67  GLU n 
1 68  ALA n 
1 69  LEU n 
1 70  ALA n 
1 71  ASN n 
1 72  ILE n 
1 73  GLU n 
1 74  LYS n 
1 75  ASN n 
1 76  GLY n 
1 77  VAL n 
1 78  THR n 
1 79  GLY n 
1 80  ARG n 
1 81  ALA n 
1 82  SER n 
1 83  ILE n 
1 84  VAL n 
1 85  LYS n 
1 86  GLY n 
1 87  ASN n 
1 88  PHE n 
1 89  PHE n 
1 90  GLU n 
1 91  VAL n 
1 92  ASP n 
1 93  ILE n 
1 94  SER n 
1 95  GLU n 
1 96  ALA n 
1 97  THR n 
1 98  VAL n 
1 99  VAL n 
1 100 THR n 
1 101 MET n 
1 102 PHE n 
1 103 LEU n 
1 104 LEU n 
1 105 THR n 
1 106 ASN n 
1 107 VAL n 
1 108 ASN n 
1 109 GLU n 
1 110 MET n 
1 111 LEU n 
1 112 LYS n 
1 113 PRO n 
1 114 LYS n 
1 115 LEU n 
1 116 GLU n 
1 117 LYS n 
1 118 GLU n 
1 119 LEU n 
1 120 LYS n 
1 121 PRO n 
1 122 GLY n 
1 123 THR n 
1 124 ARG n 
1 125 VAL n 
1 126 VAL n 
1 127 SER n 
1 128 HIS n 
1 129 GLU n 
1 130 PHE n 
1 131 GLU n 
1 132 ILE n 
1 133 ARG n 
1 134 GLY n 
1 135 TRP n 
1 136 ASN n 
1 137 PRO n 
1 138 LYS n 
1 139 GLU n 
1 140 VAL n 
1 141 ILE n 
1 142 LYS n 
1 143 VAL n 
1 144 GLU n 
1 145 ASP n 
1 146 GLY n 
1 147 ASN n 
1 148 MET n 
1 149 ASN n 
1 150 HIS n 
1 151 THR n 
1 152 VAL n 
1 153 TYR n 
1 154 LEU n 
1 155 TYR n 
1 156 VAL n 
1 157 ILE n 
1 158 GLY n 
1 159 GLU n 
1 160 HIS n 
1 161 LYS n 
# 
_entity_src_gen.entity_id                          1 
_entity_src_gen.pdbx_src_id                        1 
_entity_src_gen.pdbx_alt_source_flag               sample 
_entity_src_gen.pdbx_seq_type                      'Biological sequence' 
_entity_src_gen.pdbx_beg_seq_num                   1 
_entity_src_gen.pdbx_end_seq_num                   161 
_entity_src_gen.gene_src_common_name               ? 
_entity_src_gen.gene_src_genus                     ? 
_entity_src_gen.pdbx_gene_src_gene                 M1425_1574 
_entity_src_gen.gene_src_species                   ? 
_entity_src_gen.gene_src_strain                    'M.14.25 / Kamchatka #1' 
_entity_src_gen.gene_src_tissue                    ? 
_entity_src_gen.gene_src_tissue_fraction           ? 
_entity_src_gen.gene_src_details                   ? 
_entity_src_gen.pdbx_gene_src_fragment             ? 
_entity_src_gen.pdbx_gene_src_scientific_name      'Sulfolobus islandicus (strain M.14.25 / Kamchatka #1)' 
_entity_src_gen.pdbx_gene_src_ncbi_taxonomy_id     427317 
_entity_src_gen.pdbx_gene_src_variant              ? 
_entity_src_gen.pdbx_gene_src_cell_line            ? 
_entity_src_gen.pdbx_gene_src_atcc                 ? 
_entity_src_gen.pdbx_gene_src_organ                ? 
_entity_src_gen.pdbx_gene_src_organelle            ? 
_entity_src_gen.pdbx_gene_src_cell                 ? 
_entity_src_gen.pdbx_gene_src_cellular_location    ? 
_entity_src_gen.host_org_common_name               ? 
_entity_src_gen.pdbx_host_org_scientific_name      'Escherichia coli' 
_entity_src_gen.pdbx_host_org_ncbi_taxonomy_id     562 
_entity_src_gen.host_org_genus                     ? 
_entity_src_gen.pdbx_host_org_gene                 ? 
_entity_src_gen.pdbx_host_org_organ                ? 
_entity_src_gen.host_org_species                   ? 
_entity_src_gen.pdbx_host_org_tissue               ? 
_entity_src_gen.pdbx_host_org_tissue_fraction      ? 
_entity_src_gen.pdbx_host_org_strain               ? 
_entity_src_gen.pdbx_host_org_variant              ? 
_entity_src_gen.pdbx_host_org_cell_line            ? 
_entity_src_gen.pdbx_host_org_atcc                 ? 
_entity_src_gen.pdbx_host_org_culture_collection   ? 
_entity_src_gen.pdbx_host_org_cell                 ? 
_entity_src_gen.pdbx_host_org_organelle            ? 
_entity_src_gen.pdbx_host_org_cellular_location    ? 
_entity_src_gen.pdbx_host_org_vector_type          ? 
_entity_src_gen.pdbx_host_org_vector               ? 
_entity_src_gen.host_org_details                   ? 
_entity_src_gen.expression_system_id               ? 
_entity_src_gen.plasmid_name                       ? 
_entity_src_gen.plasmid_details                    ? 
_entity_src_gen.pdbx_description                   ? 
# 
loop_
_chem_comp.id 
_chem_comp.type 
_chem_comp.mon_nstd_flag 
_chem_comp.name 
_chem_comp.pdbx_synonyms 
_chem_comp.formula 
_chem_comp.formula_weight 
ALA 'L-peptide linking' y ALANINE                   ? 'C3 H7 N O2'      89.093  
ARG 'L-peptide linking' y ARGININE                  ? 'C6 H15 N4 O2 1'  175.209 
ASN 'L-peptide linking' y ASPARAGINE                ? 'C4 H8 N2 O3'     132.118 
ASP 'L-peptide linking' y 'ASPARTIC ACID'           ? 'C4 H7 N O4'      133.103 
CYS 'L-peptide linking' y CYSTEINE                  ? 'C3 H7 N O2 S'    121.158 
GLN 'L-peptide linking' y GLUTAMINE                 ? 'C5 H10 N2 O3'    146.144 
GLU 'L-peptide linking' y 'GLUTAMIC ACID'           ? 'C5 H9 N O4'      147.129 
GLY 'peptide linking'   y GLYCINE                   ? 'C2 H5 N O2'      75.067  
HIS 'L-peptide linking' y HISTIDINE                 ? 'C6 H10 N3 O2 1'  156.162 
HOH non-polymer         . WATER                     ? 'H2 O'            18.015  
ILE 'L-peptide linking' y ISOLEUCINE                ? 'C6 H13 N O2'     131.173 
LEU 'L-peptide linking' y LEUCINE                   ? 'C6 H13 N O2'     131.173 
LYS 'L-peptide linking' y LYSINE                    ? 'C6 H15 N2 O2 1'  147.195 
MET 'L-peptide linking' y METHIONINE                ? 'C5 H11 N O2 S'   149.211 
MG  non-polymer         . 'MAGNESIUM ION'           ? 'Mg 2'            24.305  
PHE 'L-peptide linking' y PHENYLALANINE             ? 'C9 H11 N O2'     165.189 
PRO 'L-peptide linking' y PROLINE                   ? 'C5 H9 N O2'      115.130 
SAH 'L-peptide linking' n S-ADENOSYL-L-HOMOCYSTEINE ? 'C14 H20 N6 O5 S' 384.411 
SER 'L-peptide linking' y SERINE                    ? 'C3 H7 N O3'      105.093 
THR 'L-peptide linking' y THREONINE                 ? 'C4 H9 N O3'      119.119 
TRP 'L-peptide linking' y TRYPTOPHAN                ? 'C11 H12 N2 O2'   204.225 
TYR 'L-peptide linking' y TYROSINE                  ? 'C9 H11 N O3'     181.189 
VAL 'L-peptide linking' y VALINE                    ? 'C5 H11 N O2'     117.146 
# 
loop_
_pdbx_poly_seq_scheme.asym_id 
_pdbx_poly_seq_scheme.entity_id 
_pdbx_poly_seq_scheme.seq_id 
_pdbx_poly_seq_scheme.mon_id 
_pdbx_poly_seq_scheme.ndb_seq_num 
_pdbx_poly_seq_scheme.pdb_seq_num 
_pdbx_poly_seq_scheme.auth_seq_num 
_pdbx_poly_seq_scheme.pdb_mon_id 
_pdbx_poly_seq_scheme.auth_mon_id 
_pdbx_poly_seq_scheme.pdb_strand_id 
_pdbx_poly_seq_scheme.pdb_ins_code 
_pdbx_poly_seq_scheme.hetero 
A 1 1   MET 1   1   ?   ?   ?   A . n 
A 1 2   SER 2   2   2   SER SER A . n 
A 1 3   TYR 3   3   3   TYR TYR A . n 
A 1 4   VAL 4   4   4   VAL VAL A . n 
A 1 5   PRO 5   5   5   PRO PRO A . n 
A 1 6   HIS 6   6   6   HIS HIS A . n 
A 1 7   VAL 7   7   7   VAL VAL A . n 
A 1 8   PRO 8   8   8   PRO PRO A . n 
A 1 9   TYR 9   9   9   TYR TYR A . n 
A 1 10  VAL 10  10  10  VAL VAL A . n 
A 1 11  PRO 11  11  11  PRO PRO A . n 
A 1 12  THR 12  12  12  THR THR A . n 
A 1 13  PRO 13  13  13  PRO PRO A . n 
A 1 14  GLU 14  14  14  GLU GLU A . n 
A 1 15  LYS 15  15  15  LYS LYS A . n 
A 1 16  VAL 16  16  16  VAL VAL A . n 
A 1 17  VAL 17  17  17  VAL VAL A . n 
A 1 18  ARG 18  18  18  ARG ARG A . n 
A 1 19  ARG 19  19  19  ARG ARG A . n 
A 1 20  MET 20  20  20  MET MET A . n 
A 1 21  LEU 21  21  21  LEU LEU A . n 
A 1 22  GLU 22  22  22  GLU GLU A . n 
A 1 23  ILE 23  23  23  ILE ILE A . n 
A 1 24  ALA 24  24  24  ALA ALA A . n 
A 1 25  LYS 25  25  25  LYS LYS A . n 
A 1 26  VAL 26  26  26  VAL VAL A . n 
A 1 27  SER 27  27  27  SER SER A . n 
A 1 28  GLN 28  28  28  GLN GLN A . n 
A 1 29  ASP 29  29  29  ASP ASP A . n 
A 1 30  ASP 30  30  30  ASP ASP A . n 
A 1 31  ILE 31  31  31  ILE ILE A . n 
A 1 32  VAL 32  32  32  VAL VAL A . n 
A 1 33  TYR 33  33  33  TYR TYR A . n 
A 1 34  ASP 34  34  34  ASP ASP A . n 
A 1 35  LEU 35  35  35  LEU LEU A . n 
A 1 36  GLY 36  36  36  GLY GLY A . n 
A 1 37  CYS 37  37  37  CYS CYS A . n 
A 1 38  GLY 38  38  38  GLY GLY A . n 
A 1 39  ASP 39  39  39  ASP ASP A . n 
A 1 40  GLY 40  40  40  GLY GLY A . n 
A 1 41  ARG 41  41  41  ARG ARG A . n 
A 1 42  ILE 42  42  42  ILE ILE A . n 
A 1 43  ILE 43  43  43  ILE ILE A . n 
A 1 44  ILE 44  44  44  ILE ILE A . n 
A 1 45  THR 45  45  45  THR THR A . n 
A 1 46  ALA 46  46  46  ALA ALA A . n 
A 1 47  ALA 47  47  47  ALA ALA A . n 
A 1 48  LYS 48  48  48  LYS LYS A . n 
A 1 49  ASP 49  49  49  ASP ASP A . n 
A 1 50  PHE 50  50  50  PHE PHE A . n 
A 1 51  ASN 51  51  51  ASN ASN A . n 
A 1 52  VAL 52  52  52  VAL VAL A . n 
A 1 53  LYS 53  53  53  LYS LYS A . n 
A 1 54  LYS 54  54  54  LYS LYS A . n 
A 1 55  ALA 55  55  55  ALA ALA A . n 
A 1 56  VAL 56  56  56  VAL VAL A . n 
A 1 57  GLY 57  57  57  GLY GLY A . n 
A 1 58  VAL 58  58  58  VAL VAL A . n 
A 1 59  GLU 59  59  59  GLU GLU A . n 
A 1 60  ILE 60  60  60  ILE ILE A . n 
A 1 61  ASN 61  61  61  ASN ASN A . n 
A 1 62  ASP 62  62  62  ASP ASP A . n 
A 1 63  GLU 63  63  63  GLU GLU A . n 
A 1 64  ARG 64  64  64  ARG ARG A . n 
A 1 65  ILE 65  65  65  ILE ILE A . n 
A 1 66  ARG 66  66  66  ARG ARG A . n 
A 1 67  GLU 67  67  67  GLU GLU A . n 
A 1 68  ALA 68  68  68  ALA ALA A . n 
A 1 69  LEU 69  69  69  LEU LEU A . n 
A 1 70  ALA 70  70  70  ALA ALA A . n 
A 1 71  ASN 71  71  71  ASN ASN A . n 
A 1 72  ILE 72  72  72  ILE ILE A . n 
A 1 73  GLU 73  73  73  GLU GLU A . n 
A 1 74  LYS 74  74  74  LYS LYS A . n 
A 1 75  ASN 75  75  75  ASN ASN A . n 
A 1 76  GLY 76  76  76  GLY GLY A . n 
A 1 77  VAL 77  77  77  VAL VAL A . n 
A 1 78  THR 78  78  78  THR THR A . n 
A 1 79  GLY 79  79  79  GLY GLY A . n 
A 1 80  ARG 80  80  80  ARG ARG A . n 
A 1 81  ALA 81  81  81  ALA ALA A . n 
A 1 82  SER 82  82  82  SER SER A . n 
A 1 83  ILE 83  83  83  ILE ILE A . n 
A 1 84  VAL 84  84  84  VAL VAL A . n 
A 1 85  LYS 85  85  85  LYS LYS A . n 
A 1 86  GLY 86  86  86  GLY GLY A . n 
A 1 87  ASN 87  87  87  ASN ASN A . n 
A 1 88  PHE 88  88  88  PHE PHE A . n 
A 1 89  PHE 89  89  89  PHE PHE A . n 
A 1 90  GLU 90  90  90  GLU GLU A . n 
A 1 91  VAL 91  91  91  VAL VAL A . n 
A 1 92  ASP 92  92  92  ASP ASP A . n 
A 1 93  ILE 93  93  93  ILE ILE A . n 
A 1 94  SER 94  94  94  SER SER A . n 
A 1 95  GLU 95  95  95  GLU GLU A . n 
A 1 96  ALA 96  96  96  ALA ALA A . n 
A 1 97  THR 97  97  97  THR THR A . n 
A 1 98  VAL 98  98  98  VAL VAL A . n 
A 1 99  VAL 99  99  99  VAL VAL A . n 
A 1 100 THR 100 100 100 THR THR A . n 
A 1 101 MET 101 101 101 MET MET A . n 
A 1 102 PHE 102 102 102 PHE PHE A . n 
A 1 103 LEU 103 103 103 LEU LEU A . n 
A 1 104 LEU 104 104 104 LEU LEU A . n 
A 1 105 THR 105 105 105 THR THR A . n 
A 1 106 ASN 106 106 106 ASN ASN A . n 
A 1 107 VAL 107 107 107 VAL VAL A . n 
A 1 108 ASN 108 108 108 ASN ASN A . n 
A 1 109 GLU 109 109 109 GLU GLU A . n 
A 1 110 MET 110 110 110 MET MET A . n 
A 1 111 LEU 111 111 111 LEU LEU A . n 
A 1 112 LYS 112 112 112 LYS LYS A . n 
A 1 113 PRO 113 113 113 PRO PRO A . n 
A 1 114 LYS 114 114 114 LYS LYS A . n 
A 1 115 LEU 115 115 115 LEU LEU A . n 
A 1 116 GLU 116 116 116 GLU GLU A . n 
A 1 117 LYS 117 117 117 LYS LYS A . n 
A 1 118 GLU 118 118 118 GLU GLU A . n 
A 1 119 LEU 119 119 119 LEU LEU A . n 
A 1 120 LYS 120 120 120 LYS LYS A . n 
A 1 121 PRO 121 121 121 PRO PRO A . n 
A 1 122 GLY 122 122 122 GLY GLY A . n 
A 1 123 THR 123 123 123 THR THR A . n 
A 1 124 ARG 124 124 124 ARG ARG A . n 
A 1 125 VAL 125 125 125 VAL VAL A . n 
A 1 126 VAL 126 126 126 VAL VAL A . n 
A 1 127 SER 127 127 127 SER SER A . n 
A 1 128 HIS 128 128 128 HIS HIS A . n 
A 1 129 GLU 129 129 129 GLU GLU A . n 
A 1 130 PHE 130 130 130 PHE PHE A . n 
A 1 131 GLU 131 131 131 GLU GLU A . n 
A 1 132 ILE 132 132 132 ILE ILE A . n 
A 1 133 ARG 133 133 133 ARG ARG A . n 
A 1 134 GLY 134 134 134 GLY GLY A . n 
A 1 135 TRP 135 135 135 TRP TRP A . n 
A 1 136 ASN 136 136 136 ASN ASN A . n 
A 1 137 PRO 137 137 137 PRO PRO A . n 
A 1 138 LYS 138 138 138 LYS LYS A . n 
A 1 139 GLU 139 139 139 GLU GLU A . n 
A 1 140 VAL 140 140 140 VAL VAL A . n 
A 1 141 ILE 141 141 141 ILE ILE A . n 
A 1 142 LYS 142 142 142 LYS LYS A . n 
A 1 143 VAL 143 143 143 VAL VAL A . n 
A 1 144 GLU 144 144 144 GLU GLU A . n 
A 1 145 ASP 145 145 145 ASP ASP A . n 
A 1 146 GLY 146 146 146 GLY GLY A . n 
A 1 147 ASN 147 147 147 ASN ASN A . n 
A 1 148 MET 148 148 148 MET MET A . n 
A 1 149 ASN 149 149 149 ASN ASN A . n 
A 1 150 HIS 150 150 150 HIS HIS A . n 
A 1 151 THR 151 151 151 THR THR A . n 
A 1 152 VAL 152 152 152 VAL VAL A . n 
A 1 153 TYR 153 153 153 TYR TYR A . n 
A 1 154 LEU 154 154 154 LEU LEU A . n 
A 1 155 TYR 155 155 155 TYR TYR A . n 
A 1 156 VAL 156 156 156 VAL VAL A . n 
A 1 157 ILE 157 157 157 ILE ILE A . n 
A 1 158 GLY 158 158 158 GLY GLY A . n 
A 1 159 GLU 159 159 159 GLU GLU A . n 
A 1 160 HIS 160 160 160 HIS HIS A . n 
A 1 161 LYS 161 161 161 LYS LYS A . n 
# 
loop_
_pdbx_nonpoly_scheme.asym_id 
_pdbx_nonpoly_scheme.entity_id 
_pdbx_nonpoly_scheme.mon_id 
_pdbx_nonpoly_scheme.ndb_seq_num 
_pdbx_nonpoly_scheme.pdb_seq_num 
_pdbx_nonpoly_scheme.auth_seq_num 
_pdbx_nonpoly_scheme.pdb_mon_id 
_pdbx_nonpoly_scheme.auth_mon_id 
_pdbx_nonpoly_scheme.pdb_strand_id 
_pdbx_nonpoly_scheme.pdb_ins_code 
B 2 SAH 1   201 300 SAH SAH A . 
C 3 MG  1   202 1   MG  MG  A . 
D 4 HOH 1   301 122 HOH HOH A . 
D 4 HOH 2   302 51  HOH HOH A . 
D 4 HOH 3   303 121 HOH HOH A . 
D 4 HOH 4   304 66  HOH HOH A . 
D 4 HOH 5   305 15  HOH HOH A . 
D 4 HOH 6   306 17  HOH HOH A . 
D 4 HOH 7   307 55  HOH HOH A . 
D 4 HOH 8   308 90  HOH HOH A . 
D 4 HOH 9   309 45  HOH HOH A . 
D 4 HOH 10  310 103 HOH HOH A . 
D 4 HOH 11  311 104 HOH HOH A . 
D 4 HOH 12  312 64  HOH HOH A . 
D 4 HOH 13  313 5   HOH HOH A . 
D 4 HOH 14  314 46  HOH HOH A . 
D 4 HOH 15  315 1   HOH HOH A . 
D 4 HOH 16  316 57  HOH HOH A . 
D 4 HOH 17  317 120 HOH HOH A . 
D 4 HOH 18  318 31  HOH HOH A . 
D 4 HOH 19  319 88  HOH HOH A . 
D 4 HOH 20  320 37  HOH HOH A . 
D 4 HOH 21  321 119 HOH HOH A . 
D 4 HOH 22  322 20  HOH HOH A . 
D 4 HOH 23  323 112 HOH HOH A . 
D 4 HOH 24  324 95  HOH HOH A . 
D 4 HOH 25  325 72  HOH HOH A . 
D 4 HOH 26  326 81  HOH HOH A . 
D 4 HOH 27  327 35  HOH HOH A . 
D 4 HOH 28  328 22  HOH HOH A . 
D 4 HOH 29  329 41  HOH HOH A . 
D 4 HOH 30  330 29  HOH HOH A . 
D 4 HOH 31  331 42  HOH HOH A . 
D 4 HOH 32  332 116 HOH HOH A . 
D 4 HOH 33  333 3   HOH HOH A . 
D 4 HOH 34  334 105 HOH HOH A . 
D 4 HOH 35  335 32  HOH HOH A . 
D 4 HOH 36  336 50  HOH HOH A . 
D 4 HOH 37  337 43  HOH HOH A . 
D 4 HOH 38  338 77  HOH HOH A . 
D 4 HOH 39  339 65  HOH HOH A . 
D 4 HOH 40  340 98  HOH HOH A . 
D 4 HOH 41  341 73  HOH HOH A . 
D 4 HOH 42  342 26  HOH HOH A . 
D 4 HOH 43  343 2   HOH HOH A . 
D 4 HOH 44  344 7   HOH HOH A . 
D 4 HOH 45  345 93  HOH HOH A . 
D 4 HOH 46  346 11  HOH HOH A . 
D 4 HOH 47  347 109 HOH HOH A . 
D 4 HOH 48  348 74  HOH HOH A . 
D 4 HOH 49  349 4   HOH HOH A . 
D 4 HOH 50  350 12  HOH HOH A . 
D 4 HOH 51  351 8   HOH HOH A . 
D 4 HOH 52  352 38  HOH HOH A . 
D 4 HOH 53  353 63  HOH HOH A . 
D 4 HOH 54  354 6   HOH HOH A . 
D 4 HOH 55  355 27  HOH HOH A . 
D 4 HOH 56  356 19  HOH HOH A . 
D 4 HOH 57  357 14  HOH HOH A . 
D 4 HOH 58  358 23  HOH HOH A . 
D 4 HOH 59  359 10  HOH HOH A . 
D 4 HOH 60  360 16  HOH HOH A . 
D 4 HOH 61  361 25  HOH HOH A . 
D 4 HOH 62  362 82  HOH HOH A . 
D 4 HOH 63  363 60  HOH HOH A . 
D 4 HOH 64  364 75  HOH HOH A . 
D 4 HOH 65  365 69  HOH HOH A . 
D 4 HOH 66  366 28  HOH HOH A . 
D 4 HOH 67  367 21  HOH HOH A . 
D 4 HOH 68  368 59  HOH HOH A . 
D 4 HOH 69  369 34  HOH HOH A . 
D 4 HOH 70  370 24  HOH HOH A . 
D 4 HOH 71  371 39  HOH HOH A . 
D 4 HOH 72  372 102 HOH HOH A . 
D 4 HOH 73  373 30  HOH HOH A . 
D 4 HOH 74  374 91  HOH HOH A . 
D 4 HOH 75  375 84  HOH HOH A . 
D 4 HOH 76  376 9   HOH HOH A . 
D 4 HOH 77  377 13  HOH HOH A . 
D 4 HOH 78  378 86  HOH HOH A . 
D 4 HOH 79  379 92  HOH HOH A . 
D 4 HOH 80  380 48  HOH HOH A . 
D 4 HOH 81  381 18  HOH HOH A . 
D 4 HOH 82  382 96  HOH HOH A . 
D 4 HOH 83  383 70  HOH HOH A . 
D 4 HOH 84  384 71  HOH HOH A . 
D 4 HOH 85  385 36  HOH HOH A . 
D 4 HOH 86  386 107 HOH HOH A . 
D 4 HOH 87  387 106 HOH HOH A . 
D 4 HOH 88  388 61  HOH HOH A . 
D 4 HOH 89  389 78  HOH HOH A . 
D 4 HOH 90  390 53  HOH HOH A . 
D 4 HOH 91  391 113 HOH HOH A . 
D 4 HOH 92  392 56  HOH HOH A . 
D 4 HOH 93  393 80  HOH HOH A . 
D 4 HOH 94  394 117 HOH HOH A . 
D 4 HOH 95  395 114 HOH HOH A . 
D 4 HOH 96  396 99  HOH HOH A . 
D 4 HOH 97  397 62  HOH HOH A . 
D 4 HOH 98  398 49  HOH HOH A . 
D 4 HOH 99  399 94  HOH HOH A . 
D 4 HOH 100 400 47  HOH HOH A . 
D 4 HOH 101 401 85  HOH HOH A . 
D 4 HOH 102 402 115 HOH HOH A . 
D 4 HOH 103 403 58  HOH HOH A . 
D 4 HOH 104 404 111 HOH HOH A . 
D 4 HOH 105 405 118 HOH HOH A . 
D 4 HOH 106 406 108 HOH HOH A . 
D 4 HOH 107 407 67  HOH HOH A . 
D 4 HOH 108 408 97  HOH HOH A . 
D 4 HOH 109 409 54  HOH HOH A . 
D 4 HOH 110 410 110 HOH HOH A . 
D 4 HOH 111 411 68  HOH HOH A . 
D 4 HOH 112 412 40  HOH HOH A . 
D 4 HOH 113 413 87  HOH HOH A . 
D 4 HOH 114 414 33  HOH HOH A . 
D 4 HOH 115 415 76  HOH HOH A . 
D 4 HOH 116 416 83  HOH HOH A . 
D 4 HOH 117 417 100 HOH HOH A . 
D 4 HOH 118 418 44  HOH HOH A . 
D 4 HOH 119 419 89  HOH HOH A . 
D 4 HOH 120 420 52  HOH HOH A . 
D 4 HOH 121 421 101 HOH HOH A . 
D 4 HOH 122 422 79  HOH HOH A . 
# 
loop_
_software.citation_id 
_software.classification 
_software.compiler_name 
_software.compiler_version 
_software.contact_author 
_software.contact_author_email 
_software.date 
_software.description 
_software.dependencies 
_software.hardware 
_software.language 
_software.location 
_software.mods 
_software.name 
_software.os 
_software.os_version 
_software.type 
_software.version 
_software.pdbx_ordinal 
? refinement        ? ? ? ? ? ? ? ? ? ? ? PHENIX   ? ? ? 1.8.1_1168 1 
? 'data processing' ? ? ? ? ? ? ? ? ? ? ? HKL-2000 ? ? ? .          2 
# 
_cell.angle_alpha                  90.00 
_cell.angle_alpha_esd              ? 
_cell.angle_beta                   117.84 
_cell.angle_beta_esd               ? 
_cell.angle_gamma                  90.00 
_cell.angle_gamma_esd              ? 
_cell.entry_id                     5FAD 
_cell.details                      ? 
_cell.formula_units_Z              ? 
_cell.length_a                     38.162 
_cell.length_a_esd                 ? 
_cell.length_b                     51.755 
_cell.length_b_esd                 ? 
_cell.length_c                     40.596 
_cell.length_c_esd                 ? 
_cell.volume                       ? 
_cell.volume_esd                   ? 
_cell.Z_PDB                        2 
_cell.reciprocal_angle_alpha       ? 
_cell.reciprocal_angle_beta        ? 
_cell.reciprocal_angle_gamma       ? 
_cell.reciprocal_angle_alpha_esd   ? 
_cell.reciprocal_angle_beta_esd    ? 
_cell.reciprocal_angle_gamma_esd   ? 
_cell.reciprocal_length_a          ? 
_cell.reciprocal_length_b          ? 
_cell.reciprocal_length_c          ? 
_cell.reciprocal_length_a_esd      ? 
_cell.reciprocal_length_b_esd      ? 
_cell.reciprocal_length_c_esd      ? 
_cell.pdbx_unique_axis             ? 
# 
_symmetry.entry_id                         5FAD 
_symmetry.cell_setting                     ? 
_symmetry.Int_Tables_number                4 
_symmetry.space_group_name_Hall            ? 
_symmetry.space_group_name_H-M             'P 1 21 1' 
_symmetry.pdbx_full_space_group_name_H-M   ? 
# 
_exptl.absorpt_coefficient_mu     ? 
_exptl.absorpt_correction_T_max   ? 
_exptl.absorpt_correction_T_min   ? 
_exptl.absorpt_correction_type    ? 
_exptl.absorpt_process_details    ? 
_exptl.entry_id                   5FAD 
_exptl.crystals_number            ? 
_exptl.details                    ? 
_exptl.method                     'X-RAY DIFFRACTION' 
_exptl.method_details             ? 
# 
_exptl_crystal.colour                      ? 
_exptl_crystal.density_diffrn              ? 
_exptl_crystal.density_Matthews            1.95 
_exptl_crystal.density_method              ? 
_exptl_crystal.density_percent_sol         36.92 
_exptl_crystal.description                 ? 
_exptl_crystal.F_000                       ? 
_exptl_crystal.id                          1 
_exptl_crystal.preparation                 ? 
_exptl_crystal.size_max                    ? 
_exptl_crystal.size_mid                    ? 
_exptl_crystal.size_min                    ? 
_exptl_crystal.size_rad                    ? 
_exptl_crystal.colour_lustre               ? 
_exptl_crystal.colour_modifier             ? 
_exptl_crystal.colour_primary              ? 
_exptl_crystal.density_meas                ? 
_exptl_crystal.density_meas_esd            ? 
_exptl_crystal.density_meas_gt             ? 
_exptl_crystal.density_meas_lt             ? 
_exptl_crystal.density_meas_temp           ? 
_exptl_crystal.density_meas_temp_esd       ? 
_exptl_crystal.density_meas_temp_gt        ? 
_exptl_crystal.density_meas_temp_lt        ? 
_exptl_crystal.pdbx_crystal_image_url      ? 
_exptl_crystal.pdbx_crystal_image_format   ? 
_exptl_crystal.pdbx_mosaicity              ? 
_exptl_crystal.pdbx_mosaicity_esd          ? 
# 
_exptl_crystal_grow.apparatus       ? 
_exptl_crystal_grow.atmosphere      ? 
_exptl_crystal_grow.crystal_id      1 
_exptl_crystal_grow.details         ? 
_exptl_crystal_grow.method          'VAPOR DIFFUSION, HANGING DROP' 
_exptl_crystal_grow.method_ref      ? 
_exptl_crystal_grow.pH              ? 
_exptl_crystal_grow.pressure        ? 
_exptl_crystal_grow.pressure_esd    ? 
_exptl_crystal_grow.seeding         ? 
_exptl_crystal_grow.seeding_ref     ? 
_exptl_crystal_grow.temp            289 
_exptl_crystal_grow.temp_details    ? 
_exptl_crystal_grow.temp_esd        ? 
_exptl_crystal_grow.time            ? 
_exptl_crystal_grow.pdbx_details    '10M nickel chloride, 0.1M Tris-HCl, pH 8.5, 20%(w/v) PEG 2,000 MME' 
_exptl_crystal_grow.pdbx_pH_range   ? 
# 
_diffrn.ambient_environment    ? 
_diffrn.ambient_temp           93 
_diffrn.ambient_temp_details   ? 
_diffrn.ambient_temp_esd       ? 
_diffrn.crystal_id             1 
_diffrn.crystal_support        ? 
_diffrn.crystal_treatment      ? 
_diffrn.details                ? 
_diffrn.id                     1 
_diffrn.ambient_pressure       ? 
_diffrn.ambient_pressure_esd   ? 
_diffrn.ambient_pressure_gt    ? 
_diffrn.ambient_pressure_lt    ? 
_diffrn.ambient_temp_gt        ? 
_diffrn.ambient_temp_lt        ? 
# 
_diffrn_detector.details                      ? 
_diffrn_detector.detector                     CCD 
_diffrn_detector.diffrn_id                    1 
_diffrn_detector.type                         'ADSC QUANTUM 315r' 
_diffrn_detector.area_resol_mean              ? 
_diffrn_detector.dtime                        ? 
_diffrn_detector.pdbx_frames_total            ? 
_diffrn_detector.pdbx_collection_time_total   ? 
_diffrn_detector.pdbx_collection_date         2013-12-26 
# 
_diffrn_radiation.collimation                      ? 
_diffrn_radiation.diffrn_id                        1 
_diffrn_radiation.filter_edge                      ? 
_diffrn_radiation.inhomogeneity                    ? 
_diffrn_radiation.monochromator                    ? 
_diffrn_radiation.polarisn_norm                    ? 
_diffrn_radiation.polarisn_ratio                   ? 
_diffrn_radiation.probe                            ? 
_diffrn_radiation.type                             ? 
_diffrn_radiation.xray_symbol                      ? 
_diffrn_radiation.wavelength_id                    1 
_diffrn_radiation.pdbx_monochromatic_or_laue_m_l   M 
_diffrn_radiation.pdbx_wavelength_list             ? 
_diffrn_radiation.pdbx_wavelength                  ? 
_diffrn_radiation.pdbx_diffrn_protocol             'SINGLE WAVELENGTH' 
_diffrn_radiation.pdbx_analyzer                    ? 
_diffrn_radiation.pdbx_scattering_type             x-ray 
# 
_diffrn_radiation_wavelength.id           1 
_diffrn_radiation_wavelength.wavelength   0.9792 
_diffrn_radiation_wavelength.wt           1.0 
# 
_diffrn_source.current                     ? 
_diffrn_source.details                     ? 
_diffrn_source.diffrn_id                   1 
_diffrn_source.power                       ? 
_diffrn_source.size                        ? 
_diffrn_source.source                      SYNCHROTRON 
_diffrn_source.target                      ? 
_diffrn_source.type                        'SSRF BEAMLINE BL17U' 
_diffrn_source.voltage                     ? 
_diffrn_source.take-off_angle              ? 
_diffrn_source.pdbx_wavelength_list        0.9792 
_diffrn_source.pdbx_wavelength             ? 
_diffrn_source.pdbx_synchrotron_beamline   BL17U 
_diffrn_source.pdbx_synchrotron_site       SSRF 
# 
_reflns.B_iso_Wilson_estimate            ? 
_reflns.entry_id                         5FAD 
_reflns.data_reduction_details           ? 
_reflns.data_reduction_method            ? 
_reflns.d_resolution_high                1.87 
_reflns.d_resolution_low                 35.90 
_reflns.details                          ? 
_reflns.limit_h_max                      ? 
_reflns.limit_h_min                      ? 
_reflns.limit_k_max                      ? 
_reflns.limit_k_min                      ? 
_reflns.limit_l_max                      ? 
_reflns.limit_l_min                      ? 
_reflns.number_all                       ? 
_reflns.number_obs                       11289 
_reflns.observed_criterion               ? 
_reflns.observed_criterion_F_max         ? 
_reflns.observed_criterion_F_min         ? 
_reflns.observed_criterion_I_max         ? 
_reflns.observed_criterion_I_min         ? 
_reflns.observed_criterion_sigma_F       ? 
_reflns.observed_criterion_sigma_I       ? 
_reflns.percent_possible_obs             93.7 
_reflns.R_free_details                   ? 
_reflns.Rmerge_F_all                     ? 
_reflns.Rmerge_F_obs                     ? 
_reflns.Friedel_coverage                 ? 
_reflns.number_gt                        ? 
_reflns.threshold_expression             ? 
_reflns.pdbx_redundancy                  3.3 
_reflns.pdbx_Rmerge_I_obs                ? 
_reflns.pdbx_Rmerge_I_all                ? 
_reflns.pdbx_Rsym_value                  ? 
_reflns.pdbx_netI_over_av_sigmaI         ? 
_reflns.pdbx_netI_over_sigmaI            33.35 
_reflns.pdbx_res_netI_over_av_sigmaI_2   ? 
_reflns.pdbx_res_netI_over_sigmaI_2      ? 
_reflns.pdbx_chi_squared                 ? 
_reflns.pdbx_scaling_rejects             ? 
_reflns.pdbx_d_res_high_opt              ? 
_reflns.pdbx_d_res_low_opt               ? 
_reflns.pdbx_d_res_opt_method            ? 
_reflns.phase_calculation_details        ? 
_reflns.pdbx_Rrim_I_all                  ? 
_reflns.pdbx_Rpim_I_all                  ? 
_reflns.pdbx_d_opt                       ? 
_reflns.pdbx_number_measured_all         ? 
_reflns.pdbx_diffrn_id                   1 
_reflns.pdbx_ordinal                     1 
_reflns.pdbx_CC_half                     ? 
_reflns.pdbx_R_split                     ? 
# 
_refine.aniso_B[1][1]                            ? 
_refine.aniso_B[1][2]                            ? 
_refine.aniso_B[1][3]                            ? 
_refine.aniso_B[2][2]                            ? 
_refine.aniso_B[2][3]                            ? 
_refine.aniso_B[3][3]                            ? 
_refine.B_iso_max                                ? 
_refine.B_iso_mean                               ? 
_refine.B_iso_min                                ? 
_refine.correlation_coeff_Fo_to_Fc               ? 
_refine.correlation_coeff_Fo_to_Fc_free          ? 
_refine.details                                  ? 
_refine.diff_density_max                         ? 
_refine.diff_density_max_esd                     ? 
_refine.diff_density_min                         ? 
_refine.diff_density_min_esd                     ? 
_refine.diff_density_rms                         ? 
_refine.diff_density_rms_esd                     ? 
_refine.entry_id                                 5FAD 
_refine.pdbx_refine_id                           'X-RAY DIFFRACTION' 
_refine.ls_abs_structure_details                 ? 
_refine.ls_abs_structure_Flack                   ? 
_refine.ls_abs_structure_Flack_esd               ? 
_refine.ls_abs_structure_Rogers                  ? 
_refine.ls_abs_structure_Rogers_esd              ? 
_refine.ls_d_res_high                            1.87 
_refine.ls_d_res_low                             35.898 
_refine.ls_extinction_coef                       ? 
_refine.ls_extinction_coef_esd                   ? 
_refine.ls_extinction_expression                 ? 
_refine.ls_extinction_method                     ? 
_refine.ls_goodness_of_fit_all                   ? 
_refine.ls_goodness_of_fit_all_esd               ? 
_refine.ls_goodness_of_fit_obs                   ? 
_refine.ls_goodness_of_fit_obs_esd               ? 
_refine.ls_hydrogen_treatment                    ? 
_refine.ls_matrix_type                           ? 
_refine.ls_number_constraints                    ? 
_refine.ls_number_parameters                     ? 
_refine.ls_number_reflns_all                     ? 
_refine.ls_number_reflns_obs                     11289 
_refine.ls_number_reflns_R_free                  1661 
_refine.ls_number_reflns_R_work                  ? 
_refine.ls_number_restraints                     ? 
_refine.ls_percent_reflns_obs                    92.60 
_refine.ls_percent_reflns_R_free                 14.71 
_refine.ls_R_factor_all                          ? 
_refine.ls_R_factor_obs                          0.1883 
_refine.ls_R_factor_R_free                       0.2169 
_refine.ls_R_factor_R_free_error                 ? 
_refine.ls_R_factor_R_free_error_details         ? 
_refine.ls_R_factor_R_work                       0.1835 
_refine.ls_R_Fsqd_factor_obs                     ? 
_refine.ls_R_I_factor_obs                        ? 
_refine.ls_redundancy_reflns_all                 ? 
_refine.ls_redundancy_reflns_obs                 ? 
_refine.ls_restrained_S_all                      ? 
_refine.ls_restrained_S_obs                      ? 
_refine.ls_shift_over_esd_max                    ? 
_refine.ls_shift_over_esd_mean                   ? 
_refine.ls_structure_factor_coef                 ? 
_refine.ls_weighting_details                     ? 
_refine.ls_weighting_scheme                      ? 
_refine.ls_wR_factor_all                         ? 
_refine.ls_wR_factor_obs                         ? 
_refine.ls_wR_factor_R_free                      ? 
_refine.ls_wR_factor_R_work                      ? 
_refine.occupancy_max                            ? 
_refine.occupancy_min                            ? 
_refine.solvent_model_details                    'FLAT BULK SOLVENT MODEL' 
_refine.solvent_model_param_bsol                 ? 
_refine.solvent_model_param_ksol                 ? 
_refine.ls_R_factor_gt                           ? 
_refine.ls_goodness_of_fit_gt                    ? 
_refine.ls_goodness_of_fit_ref                   ? 
_refine.ls_shift_over_su_max                     ? 
_refine.ls_shift_over_su_max_lt                  ? 
_refine.ls_shift_over_su_mean                    ? 
_refine.ls_shift_over_su_mean_lt                 ? 
_refine.pdbx_ls_sigma_I                          ? 
_refine.pdbx_ls_sigma_F                          1.34 
_refine.pdbx_ls_sigma_Fsqd                       ? 
_refine.pdbx_data_cutoff_high_absF               ? 
_refine.pdbx_data_cutoff_high_rms_absF           ? 
_refine.pdbx_data_cutoff_low_absF                ? 
_refine.pdbx_isotropic_thermal_model             ? 
_refine.pdbx_ls_cross_valid_method               'FREE R-VALUE' 
_refine.pdbx_method_to_determine_struct          'MOLECULAR REPLACEMENT' 
_refine.pdbx_starting_model                      ? 
_refine.pdbx_stereochemistry_target_values       ML 
_refine.pdbx_R_Free_selection_details            ? 
_refine.pdbx_stereochem_target_val_spec_case     ? 
_refine.pdbx_overall_ESU_R                       ? 
_refine.pdbx_overall_ESU_R_Free                  ? 
_refine.pdbx_solvent_vdw_probe_radii             1.11 
_refine.pdbx_solvent_ion_probe_radii             ? 
_refine.pdbx_solvent_shrinkage_radii             0.90 
_refine.pdbx_real_space_R                        ? 
_refine.pdbx_density_correlation                 ? 
_refine.pdbx_pd_number_of_powder_patterns        ? 
_refine.pdbx_pd_number_of_points                 ? 
_refine.pdbx_pd_meas_number_of_points            ? 
_refine.pdbx_pd_proc_ls_prof_R_factor            ? 
_refine.pdbx_pd_proc_ls_prof_wR_factor           ? 
_refine.pdbx_pd_Marquardt_correlation_coeff      ? 
_refine.pdbx_pd_Fsqrd_R_factor                   ? 
_refine.pdbx_pd_ls_matrix_band_width             ? 
_refine.pdbx_overall_phase_error                 27.31 
_refine.pdbx_overall_SU_R_free_Cruickshank_DPI   ? 
_refine.pdbx_overall_SU_R_free_Blow_DPI          ? 
_refine.pdbx_overall_SU_R_Blow_DPI               ? 
_refine.pdbx_TLS_residual_ADP_flag               ? 
_refine.pdbx_diffrn_id                           1 
_refine.overall_SU_B                             ? 
_refine.overall_SU_ML                            0.21 
_refine.overall_SU_R_Cruickshank_DPI             ? 
_refine.overall_SU_R_free                        ? 
_refine.overall_FOM_free_R_set                   ? 
_refine.overall_FOM_work_R_set                   ? 
_refine.pdbx_average_fsc_overall                 ? 
_refine.pdbx_average_fsc_work                    ? 
_refine.pdbx_average_fsc_free                    ? 
# 
_refine_hist.pdbx_refine_id                   'X-RAY DIFFRACTION' 
_refine_hist.cycle_id                         LAST 
_refine_hist.pdbx_number_atoms_protein        1267 
_refine_hist.pdbx_number_atoms_nucleic_acid   0 
_refine_hist.pdbx_number_atoms_ligand         27 
_refine_hist.number_atoms_solvent             122 
_refine_hist.number_atoms_total               1416 
_refine_hist.d_res_high                       1.87 
_refine_hist.d_res_low                        35.898 
# 
loop_
_refine_ls_restr.pdbx_refine_id 
_refine_ls_restr.criterion 
_refine_ls_restr.dev_ideal 
_refine_ls_restr.dev_ideal_target 
_refine_ls_restr.number 
_refine_ls_restr.rejects 
_refine_ls_restr.type 
_refine_ls_restr.weight 
_refine_ls_restr.pdbx_restraint_function 
'X-RAY DIFFRACTION' ? 0.007  ? 1317 ? f_bond_d           ? ? 
'X-RAY DIFFRACTION' ? 1.192  ? 1783 ? f_angle_d          ? ? 
'X-RAY DIFFRACTION' ? 14.179 ? 504  ? f_dihedral_angle_d ? ? 
'X-RAY DIFFRACTION' ? 0.086  ? 206  ? f_chiral_restr     ? ? 
'X-RAY DIFFRACTION' ? 0.005  ? 226  ? f_plane_restr      ? ? 
# 
loop_
_refine_ls_shell.pdbx_refine_id 
_refine_ls_shell.d_res_high 
_refine_ls_shell.d_res_low 
_refine_ls_shell.number_reflns_all 
_refine_ls_shell.number_reflns_obs 
_refine_ls_shell.number_reflns_R_free 
_refine_ls_shell.number_reflns_R_work 
_refine_ls_shell.percent_reflns_obs 
_refine_ls_shell.percent_reflns_R_free 
_refine_ls_shell.R_factor_all 
_refine_ls_shell.R_factor_obs 
_refine_ls_shell.R_factor_R_free 
_refine_ls_shell.R_factor_R_free_error 
_refine_ls_shell.R_factor_R_work 
_refine_ls_shell.redundancy_reflns_all 
_refine_ls_shell.redundancy_reflns_obs 
_refine_ls_shell.wR_factor_all 
_refine_ls_shell.wR_factor_obs 
_refine_ls_shell.wR_factor_R_free 
_refine_ls_shell.wR_factor_R_work 
_refine_ls_shell.pdbx_total_number_of_bins_used 
_refine_ls_shell.pdbx_phase_error 
_refine_ls_shell.pdbx_fsc_work 
_refine_ls_shell.pdbx_fsc_free 
'X-RAY DIFFRACTION' 1.8412 1.8954  . . 95  458 57.00  . . . 0.3406 . 0.3347 . . . . . . . . . . 
'X-RAY DIFFRACTION' 1.8954 1.9565  . . 101 682 78.00  . . . 0.3355 . 0.3020 . . . . . . . . . . 
'X-RAY DIFFRACTION' 1.9565 2.0265  . . 146 778 91.00  . . . 0.2780 . 0.2580 . . . . . . . . . . 
'X-RAY DIFFRACTION' 2.0265 2.1076  . . 129 877 98.00  . . . 0.3308 . 0.2411 . . . . . . . . . . 
'X-RAY DIFFRACTION' 2.1076 2.2035  . . 142 854 100.00 . . . 0.2840 . 0.2127 . . . . . . . . . . 
'X-RAY DIFFRACTION' 2.2035 2.3197  . . 151 854 99.00  . . . 0.2120 . 0.2041 . . . . . . . . . . 
'X-RAY DIFFRACTION' 2.3197 2.4650  . . 158 858 100.00 . . . 0.2265 . 0.1932 . . . . . . . . . . 
'X-RAY DIFFRACTION' 2.4650 2.6552  . . 150 849 99.00  . . . 0.2417 . 0.2001 . . . . . . . . . . 
'X-RAY DIFFRACTION' 2.6552 2.9223  . . 138 893 99.00  . . . 0.2148 . 0.1821 . . . . . . . . . . 
'X-RAY DIFFRACTION' 2.9223 3.3449  . . 152 841 99.00  . . . 0.2147 . 0.1864 . . . . . . . . . . 
'X-RAY DIFFRACTION' 3.3449 4.2132  . . 151 832 96.00  . . . 0.1859 . 0.1485 . . . . . . . . . . 
'X-RAY DIFFRACTION' 4.2132 35.9047 . . 148 852 95.00  . . . 0.1825 . 0.1587 . . . . . . . . . . 
# 
_struct.entry_id                     5FAD 
_struct.title                        'SAH complex with aKMT from the hyperthermophilic archaeon Sulfolobus islandicus' 
_struct.pdbx_model_details           ? 
_struct.pdbx_formula_weight          ? 
_struct.pdbx_formula_weight_method   ? 
_struct.pdbx_model_type_details      ? 
_struct.pdbx_CASP_flag               ? 
# 
_struct_keywords.entry_id        5FAD 
_struct_keywords.text            'protein methyltransferase, TRANSFERASE' 
_struct_keywords.pdbx_keywords   TRANSFERASE 
# 
loop_
_struct_asym.id 
_struct_asym.pdbx_blank_PDB_chainid_flag 
_struct_asym.pdbx_modified 
_struct_asym.entity_id 
_struct_asym.details 
A N N 1 ? 
B N N 2 ? 
C N N 3 ? 
D N N 4 ? 
# 
_struct_ref.id                         1 
_struct_ref.db_name                    UNP 
_struct_ref.db_code                    C3MWA1_SULIM 
_struct_ref.pdbx_db_accession          C3MWA1 
_struct_ref.pdbx_db_isoform            ? 
_struct_ref.entity_id                  1 
_struct_ref.pdbx_seq_one_letter_code   
;MSYVPHVPYVPTPEKVVRRMLEIAKVSQDDIVYDLGCGDGRIIITAAKDFNVKKAVGVEINDERIREALANIEKNGVTGR
ASIVKGNFFEVDISEATVVTMFLLTNVNEMLKPKLEKELKPGTRVVSHEFEIRGWNPKEVIKVEDGNMNHTVYLYVIGEH
K
;
_struct_ref.pdbx_align_begin           1 
# 
_struct_ref_seq.align_id                      1 
_struct_ref_seq.ref_id                        1 
_struct_ref_seq.pdbx_PDB_id_code              5FAD 
_struct_ref_seq.pdbx_strand_id                A 
_struct_ref_seq.seq_align_beg                 1 
_struct_ref_seq.pdbx_seq_align_beg_ins_code   ? 
_struct_ref_seq.seq_align_end                 161 
_struct_ref_seq.pdbx_seq_align_end_ins_code   ? 
_struct_ref_seq.pdbx_db_accession             C3MWA1 
_struct_ref_seq.db_align_beg                  1 
_struct_ref_seq.pdbx_db_align_beg_ins_code    ? 
_struct_ref_seq.db_align_end                  161 
_struct_ref_seq.pdbx_db_align_end_ins_code    ? 
_struct_ref_seq.pdbx_auth_seq_align_beg       1 
_struct_ref_seq.pdbx_auth_seq_align_end       161 
# 
_pdbx_struct_assembly.id                   1 
_pdbx_struct_assembly.details              author_and_software_defined_assembly 
_pdbx_struct_assembly.method_details       PISA 
_pdbx_struct_assembly.oligomeric_details   monomeric 
_pdbx_struct_assembly.oligomeric_count     1 
# 
loop_
_pdbx_struct_assembly_prop.biol_id 
_pdbx_struct_assembly_prop.type 
_pdbx_struct_assembly_prop.value 
_pdbx_struct_assembly_prop.details 
1 'ABSA (A^2)' 100  ? 
1 MORE         -10  ? 
1 'SSA (A^2)'  7680 ? 
# 
_pdbx_struct_assembly_gen.assembly_id       1 
_pdbx_struct_assembly_gen.oper_expression   1 
_pdbx_struct_assembly_gen.asym_id_list      A,B,C,D 
# 
_pdbx_struct_oper_list.id                   1 
_pdbx_struct_oper_list.type                 'identity operation' 
_pdbx_struct_oper_list.name                 1_555 
_pdbx_struct_oper_list.symmetry_operation   x,y,z 
_pdbx_struct_oper_list.matrix[1][1]         1.0000000000 
_pdbx_struct_oper_list.matrix[1][2]         0.0000000000 
_pdbx_struct_oper_list.matrix[1][3]         0.0000000000 
_pdbx_struct_oper_list.vector[1]            0.0000000000 
_pdbx_struct_oper_list.matrix[2][1]         0.0000000000 
_pdbx_struct_oper_list.matrix[2][2]         1.0000000000 
_pdbx_struct_oper_list.matrix[2][3]         0.0000000000 
_pdbx_struct_oper_list.vector[2]            0.0000000000 
_pdbx_struct_oper_list.matrix[3][1]         0.0000000000 
_pdbx_struct_oper_list.matrix[3][2]         0.0000000000 
_pdbx_struct_oper_list.matrix[3][3]         1.0000000000 
_pdbx_struct_oper_list.vector[3]            0.0000000000 
# 
loop_
_struct_conf.conf_type_id 
_struct_conf.id 
_struct_conf.pdbx_PDB_helix_id 
_struct_conf.beg_label_comp_id 
_struct_conf.beg_label_asym_id 
_struct_conf.beg_label_seq_id 
_struct_conf.pdbx_beg_PDB_ins_code 
_struct_conf.end_label_comp_id 
_struct_conf.end_label_asym_id 
_struct_conf.end_label_seq_id 
_struct_conf.pdbx_end_PDB_ins_code 
_struct_conf.beg_auth_comp_id 
_struct_conf.beg_auth_asym_id 
_struct_conf.beg_auth_seq_id 
_struct_conf.end_auth_comp_id 
_struct_conf.end_auth_asym_id 
_struct_conf.end_auth_seq_id 
_struct_conf.pdbx_PDB_helix_class 
_struct_conf.details 
_struct_conf.pdbx_PDB_helix_length 
HELX_P HELX_P1 AA1 PRO A 13  ? ALA A 24  ? PRO A 13  ALA A 24  1 ? 12 
HELX_P HELX_P2 AA2 GLY A 40  ? ASN A 51  ? GLY A 40  ASN A 51  1 ? 12 
HELX_P HELX_P3 AA3 ASN A 61  ? ASN A 75  ? ASN A 61  ASN A 75  1 ? 15 
HELX_P HELX_P4 AA4 LEU A 104 ? LEU A 119 ? LEU A 104 LEU A 119 1 ? 16 
# 
_struct_conf_type.id          HELX_P 
_struct_conf_type.criteria    ? 
_struct_conf_type.reference   ? 
# 
loop_
_struct_conn.id 
_struct_conn.conn_type_id 
_struct_conn.pdbx_leaving_atom_flag 
_struct_conn.pdbx_PDB_id 
_struct_conn.ptnr1_label_asym_id 
_struct_conn.ptnr1_label_comp_id 
_struct_conn.ptnr1_label_seq_id 
_struct_conn.ptnr1_label_atom_id 
_struct_conn.pdbx_ptnr1_label_alt_id 
_struct_conn.pdbx_ptnr1_PDB_ins_code 
_struct_conn.pdbx_ptnr1_standard_comp_id 
_struct_conn.ptnr1_symmetry 
_struct_conn.ptnr2_label_asym_id 
_struct_conn.ptnr2_label_comp_id 
_struct_conn.ptnr2_label_seq_id 
_struct_conn.ptnr2_label_atom_id 
_struct_conn.pdbx_ptnr2_label_alt_id 
_struct_conn.pdbx_ptnr2_PDB_ins_code 
_struct_conn.ptnr1_auth_asym_id 
_struct_conn.ptnr1_auth_comp_id 
_struct_conn.ptnr1_auth_seq_id 
_struct_conn.ptnr2_auth_asym_id 
_struct_conn.ptnr2_auth_comp_id 
_struct_conn.ptnr2_auth_seq_id 
_struct_conn.ptnr2_symmetry 
_struct_conn.pdbx_ptnr3_label_atom_id 
_struct_conn.pdbx_ptnr3_label_seq_id 
_struct_conn.pdbx_ptnr3_label_comp_id 
_struct_conn.pdbx_ptnr3_label_asym_id 
_struct_conn.pdbx_ptnr3_label_alt_id 
_struct_conn.pdbx_ptnr3_PDB_ins_code 
_struct_conn.details 
_struct_conn.pdbx_dist_value 
_struct_conn.pdbx_value_order 
_struct_conn.pdbx_role 
metalc1 metalc ? ? A GLU 129 OE2 ? ? ? 1_555 C MG  . MG ? ? A GLU 129 A MG  202 1_555 ? ? ? ? ? ? ? 1.759 ? ? 
metalc2 metalc ? ? C MG  .   MG  ? ? ? 1_555 D HOH . O  ? ? A MG  202 A HOH 339 1_555 ? ? ? ? ? ? ? 2.063 ? ? 
metalc3 metalc ? ? C MG  .   MG  ? ? ? 1_555 D HOH . O  ? ? A MG  202 A HOH 401 1_555 ? ? ? ? ? ? ? 2.122 ? ? 
# 
_struct_conn_type.id          metalc 
_struct_conn_type.criteria    ? 
_struct_conn_type.reference   ? 
# 
loop_
_pdbx_struct_conn_angle.id 
_pdbx_struct_conn_angle.ptnr1_label_atom_id 
_pdbx_struct_conn_angle.ptnr1_label_alt_id 
_pdbx_struct_conn_angle.ptnr1_label_asym_id 
_pdbx_struct_conn_angle.ptnr1_label_comp_id 
_pdbx_struct_conn_angle.ptnr1_label_seq_id 
_pdbx_struct_conn_angle.ptnr1_auth_atom_id 
_pdbx_struct_conn_angle.ptnr1_auth_asym_id 
_pdbx_struct_conn_angle.ptnr1_auth_comp_id 
_pdbx_struct_conn_angle.ptnr1_auth_seq_id 
_pdbx_struct_conn_angle.ptnr1_PDB_ins_code 
_pdbx_struct_conn_angle.ptnr1_symmetry 
_pdbx_struct_conn_angle.ptnr2_label_atom_id 
_pdbx_struct_conn_angle.ptnr2_label_alt_id 
_pdbx_struct_conn_angle.ptnr2_label_asym_id 
_pdbx_struct_conn_angle.ptnr2_label_comp_id 
_pdbx_struct_conn_angle.ptnr2_label_seq_id 
_pdbx_struct_conn_angle.ptnr2_auth_atom_id 
_pdbx_struct_conn_angle.ptnr2_auth_asym_id 
_pdbx_struct_conn_angle.ptnr2_auth_comp_id 
_pdbx_struct_conn_angle.ptnr2_auth_seq_id 
_pdbx_struct_conn_angle.ptnr2_PDB_ins_code 
_pdbx_struct_conn_angle.ptnr2_symmetry 
_pdbx_struct_conn_angle.ptnr3_label_atom_id 
_pdbx_struct_conn_angle.ptnr3_label_alt_id 
_pdbx_struct_conn_angle.ptnr3_label_asym_id 
_pdbx_struct_conn_angle.ptnr3_label_comp_id 
_pdbx_struct_conn_angle.ptnr3_label_seq_id 
_pdbx_struct_conn_angle.ptnr3_auth_atom_id 
_pdbx_struct_conn_angle.ptnr3_auth_asym_id 
_pdbx_struct_conn_angle.ptnr3_auth_comp_id 
_pdbx_struct_conn_angle.ptnr3_auth_seq_id 
_pdbx_struct_conn_angle.ptnr3_PDB_ins_code 
_pdbx_struct_conn_angle.ptnr3_symmetry 
_pdbx_struct_conn_angle.value 
_pdbx_struct_conn_angle.value_esd 
1 OE2 ? A GLU 129 ? A GLU 129 ? 1_555 MG ? C MG . ? A MG 202 ? 1_555 O ? D HOH . ? A HOH 339 ? 1_555 90.5  ? 
2 OE2 ? A GLU 129 ? A GLU 129 ? 1_555 MG ? C MG . ? A MG 202 ? 1_555 O ? D HOH . ? A HOH 401 ? 1_555 122.7 ? 
3 O   ? D HOH .   ? A HOH 339 ? 1_555 MG ? C MG . ? A MG 202 ? 1_555 O ? D HOH . ? A HOH 401 ? 1_555 74.4  ? 
# 
_struct_sheet.id               AA1 
_struct_sheet.type             ? 
_struct_sheet.number_strands   7 
_struct_sheet.details          ? 
# 
loop_
_struct_sheet_order.sheet_id 
_struct_sheet_order.range_id_1 
_struct_sheet_order.range_id_2 
_struct_sheet_order.offset 
_struct_sheet_order.sense 
AA1 1 2 ? parallel      
AA1 2 3 ? parallel      
AA1 3 4 ? parallel      
AA1 4 5 ? parallel      
AA1 5 6 ? anti-parallel 
AA1 6 7 ? anti-parallel 
# 
loop_
_struct_sheet_range.sheet_id 
_struct_sheet_range.id 
_struct_sheet_range.beg_label_comp_id 
_struct_sheet_range.beg_label_asym_id 
_struct_sheet_range.beg_label_seq_id 
_struct_sheet_range.pdbx_beg_PDB_ins_code 
_struct_sheet_range.end_label_comp_id 
_struct_sheet_range.end_label_asym_id 
_struct_sheet_range.end_label_seq_id 
_struct_sheet_range.pdbx_end_PDB_ins_code 
_struct_sheet_range.beg_auth_comp_id 
_struct_sheet_range.beg_auth_asym_id 
_struct_sheet_range.beg_auth_seq_id 
_struct_sheet_range.end_auth_comp_id 
_struct_sheet_range.end_auth_asym_id 
_struct_sheet_range.end_auth_seq_id 
AA1 1 ALA A 81  ? LYS A 85  ? ALA A 81  LYS A 85  
AA1 2 LYS A 54  ? GLU A 59  ? LYS A 54  GLU A 59  
AA1 3 ILE A 31  ? LEU A 35  ? ILE A 31  LEU A 35  
AA1 4 VAL A 98  ? MET A 101 ? VAL A 98  MET A 101 
AA1 5 ARG A 124 ? HIS A 128 ? ARG A 124 HIS A 128 
AA1 6 MET A 148 ? VAL A 156 ? MET A 148 VAL A 156 
AA1 7 GLU A 139 ? ASP A 145 ? GLU A 139 ASP A 145 
# 
loop_
_pdbx_struct_sheet_hbond.sheet_id 
_pdbx_struct_sheet_hbond.range_id_1 
_pdbx_struct_sheet_hbond.range_id_2 
_pdbx_struct_sheet_hbond.range_1_label_atom_id 
_pdbx_struct_sheet_hbond.range_1_label_comp_id 
_pdbx_struct_sheet_hbond.range_1_label_asym_id 
_pdbx_struct_sheet_hbond.range_1_label_seq_id 
_pdbx_struct_sheet_hbond.range_1_PDB_ins_code 
_pdbx_struct_sheet_hbond.range_1_auth_atom_id 
_pdbx_struct_sheet_hbond.range_1_auth_comp_id 
_pdbx_struct_sheet_hbond.range_1_auth_asym_id 
_pdbx_struct_sheet_hbond.range_1_auth_seq_id 
_pdbx_struct_sheet_hbond.range_2_label_atom_id 
_pdbx_struct_sheet_hbond.range_2_label_comp_id 
_pdbx_struct_sheet_hbond.range_2_label_asym_id 
_pdbx_struct_sheet_hbond.range_2_label_seq_id 
_pdbx_struct_sheet_hbond.range_2_PDB_ins_code 
_pdbx_struct_sheet_hbond.range_2_auth_atom_id 
_pdbx_struct_sheet_hbond.range_2_auth_comp_id 
_pdbx_struct_sheet_hbond.range_2_auth_asym_id 
_pdbx_struct_sheet_hbond.range_2_auth_seq_id 
AA1 1 2 O VAL A 84  ? O VAL A 84  N GLY A 57  ? N GLY A 57  
AA1 2 3 O VAL A 56  ? O VAL A 56  N VAL A 32  ? N VAL A 32  
AA1 3 4 N TYR A 33  ? N TYR A 33  O THR A 100 ? O THR A 100 
AA1 4 5 N VAL A 99  ? N VAL A 99  O VAL A 126 ? O VAL A 126 
AA1 5 6 N SER A 127 ? N SER A 127 O TYR A 153 ? O TYR A 153 
AA1 6 7 O HIS A 150 ? O HIS A 150 N VAL A 143 ? N VAL A 143 
# 
loop_
_struct_site.id 
_struct_site.pdbx_evidence_code 
_struct_site.pdbx_auth_asym_id 
_struct_site.pdbx_auth_comp_id 
_struct_site.pdbx_auth_seq_id 
_struct_site.pdbx_auth_ins_code 
_struct_site.pdbx_num_residues 
_struct_site.details 
AC1 Software A SAH 201 ? 21 'binding site for residue SAH A 201' 
AC2 Software A MG  202 ? 5  'binding site for residue MG A 202'  
# 
loop_
_struct_site_gen.id 
_struct_site_gen.site_id 
_struct_site_gen.pdbx_num_res 
_struct_site_gen.label_comp_id 
_struct_site_gen.label_asym_id 
_struct_site_gen.label_seq_id 
_struct_site_gen.pdbx_auth_ins_code 
_struct_site_gen.auth_comp_id 
_struct_site_gen.auth_asym_id 
_struct_site_gen.auth_seq_id 
_struct_site_gen.label_atom_id 
_struct_site_gen.label_alt_id 
_struct_site_gen.symmetry 
_struct_site_gen.details 
1  AC1 21 VAL A 4   ? VAL A 4   . ? 1_555 ? 
2  AC1 21 VAL A 7   ? VAL A 7   . ? 1_555 ? 
3  AC1 21 PRO A 8   ? PRO A 8   . ? 1_555 ? 
4  AC1 21 VAL A 10  ? VAL A 10  . ? 1_555 ? 
5  AC1 21 PRO A 11  ? PRO A 11  . ? 1_555 ? 
6  AC1 21 THR A 12  ? THR A 12  . ? 1_555 ? 
7  AC1 21 ASP A 34  ? ASP A 34  . ? 1_555 ? 
8  AC1 21 GLY A 36  ? GLY A 36  . ? 1_555 ? 
9  AC1 21 CYS A 37  ? CYS A 37  . ? 1_555 ? 
10 AC1 21 GLY A 38  ? GLY A 38  . ? 1_555 ? 
11 AC1 21 ILE A 42  ? ILE A 42  . ? 1_555 ? 
12 AC1 21 GLU A 59  ? GLU A 59  . ? 1_555 ? 
13 AC1 21 ILE A 60  ? ILE A 60  . ? 1_555 ? 
14 AC1 21 GLY A 86  ? GLY A 86  . ? 1_555 ? 
15 AC1 21 ASN A 87  ? ASN A 87  . ? 1_555 ? 
16 AC1 21 PHE A 88  ? PHE A 88  . ? 1_555 ? 
17 AC1 21 PHE A 102 ? PHE A 102 . ? 1_555 ? 
18 AC1 21 HOH D .   ? HOH A 333 . ? 1_555 ? 
19 AC1 21 HOH D .   ? HOH A 349 . ? 1_555 ? 
20 AC1 21 HOH D .   ? HOH A 359 . ? 1_555 ? 
21 AC1 21 HOH D .   ? HOH A 369 . ? 1_555 ? 
22 AC2 5  HIS A 128 ? HIS A 128 . ? 1_555 ? 
23 AC2 5  GLU A 129 ? GLU A 129 . ? 1_555 ? 
24 AC2 5  HIS A 150 ? HIS A 150 . ? 1_555 ? 
25 AC2 5  HOH D .   ? HOH A 339 . ? 1_555 ? 
26 AC2 5  HOH D .   ? HOH A 401 . ? 1_555 ? 
# 
loop_
_pdbx_validate_close_contact.id 
_pdbx_validate_close_contact.PDB_model_num 
_pdbx_validate_close_contact.auth_atom_id_1 
_pdbx_validate_close_contact.auth_asym_id_1 
_pdbx_validate_close_contact.auth_comp_id_1 
_pdbx_validate_close_contact.auth_seq_id_1 
_pdbx_validate_close_contact.PDB_ins_code_1 
_pdbx_validate_close_contact.label_alt_id_1 
_pdbx_validate_close_contact.auth_atom_id_2 
_pdbx_validate_close_contact.auth_asym_id_2 
_pdbx_validate_close_contact.auth_comp_id_2 
_pdbx_validate_close_contact.auth_seq_id_2 
_pdbx_validate_close_contact.PDB_ins_code_2 
_pdbx_validate_close_contact.label_alt_id_2 
_pdbx_validate_close_contact.dist 
1  1 CE  A LYS 120 ? ? O A HOH 301 ? ? 1.56 
2  1 O   A HOH 310 ? ? O A HOH 396 ? ? 1.83 
3  1 O   A HOH 352 ? ? O A HOH 369 ? ? 1.92 
4  1 NZ  A LYS 120 ? ? O A HOH 301 ? ? 1.94 
5  1 OE2 A GLU 73  ? ? O A HOH 302 ? ? 1.96 
6  1 O   A HOH 397 ? ? O A HOH 419 ? ? 2.06 
7  1 NZ  A LYS 142 ? ? O A HOH 303 ? ? 2.10 
8  1 O   A HOH 410 ? ? O A HOH 417 ? ? 2.12 
9  1 NZ  A LYS 120 ? ? O A HOH 304 ? ? 2.13 
10 1 O   A HOH 368 ? ? O A HOH 405 ? ? 2.14 
11 1 OG1 A THR 78  ? ? O A HOH 305 ? ? 2.18 
12 1 O   A HOH 374 ? ? O A HOH 407 ? ? 2.18 
# 
loop_
_pdbx_validate_symm_contact.id 
_pdbx_validate_symm_contact.PDB_model_num 
_pdbx_validate_symm_contact.auth_atom_id_1 
_pdbx_validate_symm_contact.auth_asym_id_1 
_pdbx_validate_symm_contact.auth_comp_id_1 
_pdbx_validate_symm_contact.auth_seq_id_1 
_pdbx_validate_symm_contact.PDB_ins_code_1 
_pdbx_validate_symm_contact.label_alt_id_1 
_pdbx_validate_symm_contact.site_symmetry_1 
_pdbx_validate_symm_contact.auth_atom_id_2 
_pdbx_validate_symm_contact.auth_asym_id_2 
_pdbx_validate_symm_contact.auth_comp_id_2 
_pdbx_validate_symm_contact.auth_seq_id_2 
_pdbx_validate_symm_contact.PDB_ins_code_2 
_pdbx_validate_symm_contact.label_alt_id_2 
_pdbx_validate_symm_contact.site_symmetry_2 
_pdbx_validate_symm_contact.dist 
1 1 O A HOH 321 ? ? 1_555 O A HOH 388 ? ? 2_658 1.95 
2 1 O A HOH 401 ? ? 1_555 O A HOH 410 ? ? 2_548 2.16 
3 1 O A HOH 355 ? ? 1_555 O A HOH 418 ? ? 2_658 2.18 
4 1 O A HOH 371 ? ? 1_555 O A HOH 411 ? ? 2_648 2.19 
5 1 O A HOH 413 ? ? 1_555 O A HOH 416 ? ? 1_656 2.19 
# 
loop_
_pdbx_validate_torsion.id 
_pdbx_validate_torsion.PDB_model_num 
_pdbx_validate_torsion.auth_comp_id 
_pdbx_validate_torsion.auth_asym_id 
_pdbx_validate_torsion.auth_seq_id 
_pdbx_validate_torsion.PDB_ins_code 
_pdbx_validate_torsion.label_alt_id 
_pdbx_validate_torsion.phi 
_pdbx_validate_torsion.psi 
1 1 LEU A 103 ? ? -120.49 -99.84 
2 1 GLU A 129 ? ? 73.31   -43.87 
# 
_pdbx_unobs_or_zero_occ_residues.id               1 
_pdbx_unobs_or_zero_occ_residues.PDB_model_num    1 
_pdbx_unobs_or_zero_occ_residues.polymer_flag     Y 
_pdbx_unobs_or_zero_occ_residues.occupancy_flag   1 
_pdbx_unobs_or_zero_occ_residues.auth_asym_id     A 
_pdbx_unobs_or_zero_occ_residues.auth_comp_id     MET 
_pdbx_unobs_or_zero_occ_residues.auth_seq_id      1 
_pdbx_unobs_or_zero_occ_residues.PDB_ins_code     ? 
_pdbx_unobs_or_zero_occ_residues.label_asym_id    A 
_pdbx_unobs_or_zero_occ_residues.label_comp_id    MET 
_pdbx_unobs_or_zero_occ_residues.label_seq_id     1 
# 
loop_
_chem_comp_atom.comp_id 
_chem_comp_atom.atom_id 
_chem_comp_atom.type_symbol 
_chem_comp_atom.pdbx_aromatic_flag 
_chem_comp_atom.pdbx_stereo_config 
_chem_comp_atom.pdbx_ordinal 
ALA N      N  N N 1   
ALA CA     C  N S 2   
ALA C      C  N N 3   
ALA O      O  N N 4   
ALA CB     C  N N 5   
ALA OXT    O  N N 6   
ALA H      H  N N 7   
ALA H2     H  N N 8   
ALA HA     H  N N 9   
ALA HB1    H  N N 10  
ALA HB2    H  N N 11  
ALA HB3    H  N N 12  
ALA HXT    H  N N 13  
ARG N      N  N N 14  
ARG CA     C  N S 15  
ARG C      C  N N 16  
ARG O      O  N N 17  
ARG CB     C  N N 18  
ARG CG     C  N N 19  
ARG CD     C  N N 20  
ARG NE     N  N N 21  
ARG CZ     C  N N 22  
ARG NH1    N  N N 23  
ARG NH2    N  N N 24  
ARG OXT    O  N N 25  
ARG H      H  N N 26  
ARG H2     H  N N 27  
ARG HA     H  N N 28  
ARG HB2    H  N N 29  
ARG HB3    H  N N 30  
ARG HG2    H  N N 31  
ARG HG3    H  N N 32  
ARG HD2    H  N N 33  
ARG HD3    H  N N 34  
ARG HE     H  N N 35  
ARG HH11   H  N N 36  
ARG HH12   H  N N 37  
ARG HH21   H  N N 38  
ARG HH22   H  N N 39  
ARG HXT    H  N N 40  
ASN N      N  N N 41  
ASN CA     C  N S 42  
ASN C      C  N N 43  
ASN O      O  N N 44  
ASN CB     C  N N 45  
ASN CG     C  N N 46  
ASN OD1    O  N N 47  
ASN ND2    N  N N 48  
ASN OXT    O  N N 49  
ASN H      H  N N 50  
ASN H2     H  N N 51  
ASN HA     H  N N 52  
ASN HB2    H  N N 53  
ASN HB3    H  N N 54  
ASN HD21   H  N N 55  
ASN HD22   H  N N 56  
ASN HXT    H  N N 57  
ASP N      N  N N 58  
ASP CA     C  N S 59  
ASP C      C  N N 60  
ASP O      O  N N 61  
ASP CB     C  N N 62  
ASP CG     C  N N 63  
ASP OD1    O  N N 64  
ASP OD2    O  N N 65  
ASP OXT    O  N N 66  
ASP H      H  N N 67  
ASP H2     H  N N 68  
ASP HA     H  N N 69  
ASP HB2    H  N N 70  
ASP HB3    H  N N 71  
ASP HD2    H  N N 72  
ASP HXT    H  N N 73  
CYS N      N  N N 74  
CYS CA     C  N R 75  
CYS C      C  N N 76  
CYS O      O  N N 77  
CYS CB     C  N N 78  
CYS SG     S  N N 79  
CYS OXT    O  N N 80  
CYS H      H  N N 81  
CYS H2     H  N N 82  
CYS HA     H  N N 83  
CYS HB2    H  N N 84  
CYS HB3    H  N N 85  
CYS HG     H  N N 86  
CYS HXT    H  N N 87  
GLN N      N  N N 88  
GLN CA     C  N S 89  
GLN C      C  N N 90  
GLN O      O  N N 91  
GLN CB     C  N N 92  
GLN CG     C  N N 93  
GLN CD     C  N N 94  
GLN OE1    O  N N 95  
GLN NE2    N  N N 96  
GLN OXT    O  N N 97  
GLN H      H  N N 98  
GLN H2     H  N N 99  
GLN HA     H  N N 100 
GLN HB2    H  N N 101 
GLN HB3    H  N N 102 
GLN HG2    H  N N 103 
GLN HG3    H  N N 104 
GLN HE21   H  N N 105 
GLN HE22   H  N N 106 
GLN HXT    H  N N 107 
GLU N      N  N N 108 
GLU CA     C  N S 109 
GLU C      C  N N 110 
GLU O      O  N N 111 
GLU CB     C  N N 112 
GLU CG     C  N N 113 
GLU CD     C  N N 114 
GLU OE1    O  N N 115 
GLU OE2    O  N N 116 
GLU OXT    O  N N 117 
GLU H      H  N N 118 
GLU H2     H  N N 119 
GLU HA     H  N N 120 
GLU HB2    H  N N 121 
GLU HB3    H  N N 122 
GLU HG2    H  N N 123 
GLU HG3    H  N N 124 
GLU HE2    H  N N 125 
GLU HXT    H  N N 126 
GLY N      N  N N 127 
GLY CA     C  N N 128 
GLY C      C  N N 129 
GLY O      O  N N 130 
GLY OXT    O  N N 131 
GLY H      H  N N 132 
GLY H2     H  N N 133 
GLY HA2    H  N N 134 
GLY HA3    H  N N 135 
GLY HXT    H  N N 136 
HIS N      N  N N 137 
HIS CA     C  N S 138 
HIS C      C  N N 139 
HIS O      O  N N 140 
HIS CB     C  N N 141 
HIS CG     C  Y N 142 
HIS ND1    N  Y N 143 
HIS CD2    C  Y N 144 
HIS CE1    C  Y N 145 
HIS NE2    N  Y N 146 
HIS OXT    O  N N 147 
HIS H      H  N N 148 
HIS H2     H  N N 149 
HIS HA     H  N N 150 
HIS HB2    H  N N 151 
HIS HB3    H  N N 152 
HIS HD1    H  N N 153 
HIS HD2    H  N N 154 
HIS HE1    H  N N 155 
HIS HE2    H  N N 156 
HIS HXT    H  N N 157 
HOH O      O  N N 158 
HOH H1     H  N N 159 
HOH H2     H  N N 160 
ILE N      N  N N 161 
ILE CA     C  N S 162 
ILE C      C  N N 163 
ILE O      O  N N 164 
ILE CB     C  N S 165 
ILE CG1    C  N N 166 
ILE CG2    C  N N 167 
ILE CD1    C  N N 168 
ILE OXT    O  N N 169 
ILE H      H  N N 170 
ILE H2     H  N N 171 
ILE HA     H  N N 172 
ILE HB     H  N N 173 
ILE HG12   H  N N 174 
ILE HG13   H  N N 175 
ILE HG21   H  N N 176 
ILE HG22   H  N N 177 
ILE HG23   H  N N 178 
ILE HD11   H  N N 179 
ILE HD12   H  N N 180 
ILE HD13   H  N N 181 
ILE HXT    H  N N 182 
LEU N      N  N N 183 
LEU CA     C  N S 184 
LEU C      C  N N 185 
LEU O      O  N N 186 
LEU CB     C  N N 187 
LEU CG     C  N N 188 
LEU CD1    C  N N 189 
LEU CD2    C  N N 190 
LEU OXT    O  N N 191 
LEU H      H  N N 192 
LEU H2     H  N N 193 
LEU HA     H  N N 194 
LEU HB2    H  N N 195 
LEU HB3    H  N N 196 
LEU HG     H  N N 197 
LEU HD11   H  N N 198 
LEU HD12   H  N N 199 
LEU HD13   H  N N 200 
LEU HD21   H  N N 201 
LEU HD22   H  N N 202 
LEU HD23   H  N N 203 
LEU HXT    H  N N 204 
LYS N      N  N N 205 
LYS CA     C  N S 206 
LYS C      C  N N 207 
LYS O      O  N N 208 
LYS CB     C  N N 209 
LYS CG     C  N N 210 
LYS CD     C  N N 211 
LYS CE     C  N N 212 
LYS NZ     N  N N 213 
LYS OXT    O  N N 214 
LYS H      H  N N 215 
LYS H2     H  N N 216 
LYS HA     H  N N 217 
LYS HB2    H  N N 218 
LYS HB3    H  N N 219 
LYS HG2    H  N N 220 
LYS HG3    H  N N 221 
LYS HD2    H  N N 222 
LYS HD3    H  N N 223 
LYS HE2    H  N N 224 
LYS HE3    H  N N 225 
LYS HZ1    H  N N 226 
LYS HZ2    H  N N 227 
LYS HZ3    H  N N 228 
LYS HXT    H  N N 229 
MET N      N  N N 230 
MET CA     C  N S 231 
MET C      C  N N 232 
MET O      O  N N 233 
MET CB     C  N N 234 
MET CG     C  N N 235 
MET SD     S  N N 236 
MET CE     C  N N 237 
MET OXT    O  N N 238 
MET H      H  N N 239 
MET H2     H  N N 240 
MET HA     H  N N 241 
MET HB2    H  N N 242 
MET HB3    H  N N 243 
MET HG2    H  N N 244 
MET HG3    H  N N 245 
MET HE1    H  N N 246 
MET HE2    H  N N 247 
MET HE3    H  N N 248 
MET HXT    H  N N 249 
MG  MG     MG N N 250 
PHE N      N  N N 251 
PHE CA     C  N S 252 
PHE C      C  N N 253 
PHE O      O  N N 254 
PHE CB     C  N N 255 
PHE CG     C  Y N 256 
PHE CD1    C  Y N 257 
PHE CD2    C  Y N 258 
PHE CE1    C  Y N 259 
PHE CE2    C  Y N 260 
PHE CZ     C  Y N 261 
PHE OXT    O  N N 262 
PHE H      H  N N 263 
PHE H2     H  N N 264 
PHE HA     H  N N 265 
PHE HB2    H  N N 266 
PHE HB3    H  N N 267 
PHE HD1    H  N N 268 
PHE HD2    H  N N 269 
PHE HE1    H  N N 270 
PHE HE2    H  N N 271 
PHE HZ     H  N N 272 
PHE HXT    H  N N 273 
PRO N      N  N N 274 
PRO CA     C  N S 275 
PRO C      C  N N 276 
PRO O      O  N N 277 
PRO CB     C  N N 278 
PRO CG     C  N N 279 
PRO CD     C  N N 280 
PRO OXT    O  N N 281 
PRO H      H  N N 282 
PRO HA     H  N N 283 
PRO HB2    H  N N 284 
PRO HB3    H  N N 285 
PRO HG2    H  N N 286 
PRO HG3    H  N N 287 
PRO HD2    H  N N 288 
PRO HD3    H  N N 289 
PRO HXT    H  N N 290 
SAH N      N  N N 291 
SAH CA     C  N S 292 
SAH CB     C  N N 293 
SAH CG     C  N N 294 
SAH SD     S  N N 295 
SAH C      C  N N 296 
SAH O      O  N N 297 
SAH OXT    O  N N 298 
SAH "C5'"  C  N N 299 
SAH "C4'"  C  N S 300 
SAH "O4'"  O  N N 301 
SAH "C3'"  C  N S 302 
SAH "O3'"  O  N N 303 
SAH "C2'"  C  N R 304 
SAH "O2'"  O  N N 305 
SAH "C1'"  C  N R 306 
SAH N9     N  Y N 307 
SAH C8     C  Y N 308 
SAH N7     N  Y N 309 
SAH C5     C  Y N 310 
SAH C6     C  Y N 311 
SAH N6     N  N N 312 
SAH N1     N  Y N 313 
SAH C2     C  Y N 314 
SAH N3     N  Y N 315 
SAH C4     C  Y N 316 
SAH HN1    H  N N 317 
SAH HN2    H  N N 318 
SAH HA     H  N N 319 
SAH HB1    H  N N 320 
SAH HB2    H  N N 321 
SAH HG1    H  N N 322 
SAH HG2    H  N N 323 
SAH HXT    H  N N 324 
SAH "H5'1" H  N N 325 
SAH "H5'2" H  N N 326 
SAH "H4'"  H  N N 327 
SAH "H3'"  H  N N 328 
SAH "HO3'" H  N N 329 
SAH "H2'"  H  N N 330 
SAH "HO2'" H  N N 331 
SAH "H1'"  H  N N 332 
SAH H8     H  N N 333 
SAH HN61   H  N N 334 
SAH HN62   H  N N 335 
SAH H2     H  N N 336 
SER N      N  N N 337 
SER CA     C  N S 338 
SER C      C  N N 339 
SER O      O  N N 340 
SER CB     C  N N 341 
SER OG     O  N N 342 
SER OXT    O  N N 343 
SER H      H  N N 344 
SER H2     H  N N 345 
SER HA     H  N N 346 
SER HB2    H  N N 347 
SER HB3    H  N N 348 
SER HG     H  N N 349 
SER HXT    H  N N 350 
THR N      N  N N 351 
THR CA     C  N S 352 
THR C      C  N N 353 
THR O      O  N N 354 
THR CB     C  N R 355 
THR OG1    O  N N 356 
THR CG2    C  N N 357 
THR OXT    O  N N 358 
THR H      H  N N 359 
THR H2     H  N N 360 
THR HA     H  N N 361 
THR HB     H  N N 362 
THR HG1    H  N N 363 
THR HG21   H  N N 364 
THR HG22   H  N N 365 
THR HG23   H  N N 366 
THR HXT    H  N N 367 
TRP N      N  N N 368 
TRP CA     C  N S 369 
TRP C      C  N N 370 
TRP O      O  N N 371 
TRP CB     C  N N 372 
TRP CG     C  Y N 373 
TRP CD1    C  Y N 374 
TRP CD2    C  Y N 375 
TRP NE1    N  Y N 376 
TRP CE2    C  Y N 377 
TRP CE3    C  Y N 378 
TRP CZ2    C  Y N 379 
TRP CZ3    C  Y N 380 
TRP CH2    C  Y N 381 
TRP OXT    O  N N 382 
TRP H      H  N N 383 
TRP H2     H  N N 384 
TRP HA     H  N N 385 
TRP HB2    H  N N 386 
TRP HB3    H  N N 387 
TRP HD1    H  N N 388 
TRP HE1    H  N N 389 
TRP HE3    H  N N 390 
TRP HZ2    H  N N 391 
TRP HZ3    H  N N 392 
TRP HH2    H  N N 393 
TRP HXT    H  N N 394 
TYR N      N  N N 395 
TYR CA     C  N S 396 
TYR C      C  N N 397 
TYR O      O  N N 398 
TYR CB     C  N N 399 
TYR CG     C  Y N 400 
TYR CD1    C  Y N 401 
TYR CD2    C  Y N 402 
TYR CE1    C  Y N 403 
TYR CE2    C  Y N 404 
TYR CZ     C  Y N 405 
TYR OH     O  N N 406 
TYR OXT    O  N N 407 
TYR H      H  N N 408 
TYR H2     H  N N 409 
TYR HA     H  N N 410 
TYR HB2    H  N N 411 
TYR HB3    H  N N 412 
TYR HD1    H  N N 413 
TYR HD2    H  N N 414 
TYR HE1    H  N N 415 
TYR HE2    H  N N 416 
TYR HH     H  N N 417 
TYR HXT    H  N N 418 
VAL N      N  N N 419 
VAL CA     C  N S 420 
VAL C      C  N N 421 
VAL O      O  N N 422 
VAL CB     C  N N 423 
VAL CG1    C  N N 424 
VAL CG2    C  N N 425 
VAL OXT    O  N N 426 
VAL H      H  N N 427 
VAL H2     H  N N 428 
VAL HA     H  N N 429 
VAL HB     H  N N 430 
VAL HG11   H  N N 431 
VAL HG12   H  N N 432 
VAL HG13   H  N N 433 
VAL HG21   H  N N 434 
VAL HG22   H  N N 435 
VAL HG23   H  N N 436 
VAL HXT    H  N N 437 
# 
loop_
_chem_comp_bond.comp_id 
_chem_comp_bond.atom_id_1 
_chem_comp_bond.atom_id_2 
_chem_comp_bond.value_order 
_chem_comp_bond.pdbx_aromatic_flag 
_chem_comp_bond.pdbx_stereo_config 
_chem_comp_bond.pdbx_ordinal 
ALA N     CA     sing N N 1   
ALA N     H      sing N N 2   
ALA N     H2     sing N N 3   
ALA CA    C      sing N N 4   
ALA CA    CB     sing N N 5   
ALA CA    HA     sing N N 6   
ALA C     O      doub N N 7   
ALA C     OXT    sing N N 8   
ALA CB    HB1    sing N N 9   
ALA CB    HB2    sing N N 10  
ALA CB    HB3    sing N N 11  
ALA OXT   HXT    sing N N 12  
ARG N     CA     sing N N 13  
ARG N     H      sing N N 14  
ARG N     H2     sing N N 15  
ARG CA    C      sing N N 16  
ARG CA    CB     sing N N 17  
ARG CA    HA     sing N N 18  
ARG C     O      doub N N 19  
ARG C     OXT    sing N N 20  
ARG CB    CG     sing N N 21  
ARG CB    HB2    sing N N 22  
ARG CB    HB3    sing N N 23  
ARG CG    CD     sing N N 24  
ARG CG    HG2    sing N N 25  
ARG CG    HG3    sing N N 26  
ARG CD    NE     sing N N 27  
ARG CD    HD2    sing N N 28  
ARG CD    HD3    sing N N 29  
ARG NE    CZ     sing N N 30  
ARG NE    HE     sing N N 31  
ARG CZ    NH1    sing N N 32  
ARG CZ    NH2    doub N N 33  
ARG NH1   HH11   sing N N 34  
ARG NH1   HH12   sing N N 35  
ARG NH2   HH21   sing N N 36  
ARG NH2   HH22   sing N N 37  
ARG OXT   HXT    sing N N 38  
ASN N     CA     sing N N 39  
ASN N     H      sing N N 40  
ASN N     H2     sing N N 41  
ASN CA    C      sing N N 42  
ASN CA    CB     sing N N 43  
ASN CA    HA     sing N N 44  
ASN C     O      doub N N 45  
ASN C     OXT    sing N N 46  
ASN CB    CG     sing N N 47  
ASN CB    HB2    sing N N 48  
ASN CB    HB3    sing N N 49  
ASN CG    OD1    doub N N 50  
ASN CG    ND2    sing N N 51  
ASN ND2   HD21   sing N N 52  
ASN ND2   HD22   sing N N 53  
ASN OXT   HXT    sing N N 54  
ASP N     CA     sing N N 55  
ASP N     H      sing N N 56  
ASP N     H2     sing N N 57  
ASP CA    C      sing N N 58  
ASP CA    CB     sing N N 59  
ASP CA    HA     sing N N 60  
ASP C     O      doub N N 61  
ASP C     OXT    sing N N 62  
ASP CB    CG     sing N N 63  
ASP CB    HB2    sing N N 64  
ASP CB    HB3    sing N N 65  
ASP CG    OD1    doub N N 66  
ASP CG    OD2    sing N N 67  
ASP OD2   HD2    sing N N 68  
ASP OXT   HXT    sing N N 69  
CYS N     CA     sing N N 70  
CYS N     H      sing N N 71  
CYS N     H2     sing N N 72  
CYS CA    C      sing N N 73  
CYS CA    CB     sing N N 74  
CYS CA    HA     sing N N 75  
CYS C     O      doub N N 76  
CYS C     OXT    sing N N 77  
CYS CB    SG     sing N N 78  
CYS CB    HB2    sing N N 79  
CYS CB    HB3    sing N N 80  
CYS SG    HG     sing N N 81  
CYS OXT   HXT    sing N N 82  
GLN N     CA     sing N N 83  
GLN N     H      sing N N 84  
GLN N     H2     sing N N 85  
GLN CA    C      sing N N 86  
GLN CA    CB     sing N N 87  
GLN CA    HA     sing N N 88  
GLN C     O      doub N N 89  
GLN C     OXT    sing N N 90  
GLN CB    CG     sing N N 91  
GLN CB    HB2    sing N N 92  
GLN CB    HB3    sing N N 93  
GLN CG    CD     sing N N 94  
GLN CG    HG2    sing N N 95  
GLN CG    HG3    sing N N 96  
GLN CD    OE1    doub N N 97  
GLN CD    NE2    sing N N 98  
GLN NE2   HE21   sing N N 99  
GLN NE2   HE22   sing N N 100 
GLN OXT   HXT    sing N N 101 
GLU N     CA     sing N N 102 
GLU N     H      sing N N 103 
GLU N     H2     sing N N 104 
GLU CA    C      sing N N 105 
GLU CA    CB     sing N N 106 
GLU CA    HA     sing N N 107 
GLU C     O      doub N N 108 
GLU C     OXT    sing N N 109 
GLU CB    CG     sing N N 110 
GLU CB    HB2    sing N N 111 
GLU CB    HB3    sing N N 112 
GLU CG    CD     sing N N 113 
GLU CG    HG2    sing N N 114 
GLU CG    HG3    sing N N 115 
GLU CD    OE1    doub N N 116 
GLU CD    OE2    sing N N 117 
GLU OE2   HE2    sing N N 118 
GLU OXT   HXT    sing N N 119 
GLY N     CA     sing N N 120 
GLY N     H      sing N N 121 
GLY N     H2     sing N N 122 
GLY CA    C      sing N N 123 
GLY CA    HA2    sing N N 124 
GLY CA    HA3    sing N N 125 
GLY C     O      doub N N 126 
GLY C     OXT    sing N N 127 
GLY OXT   HXT    sing N N 128 
HIS N     CA     sing N N 129 
HIS N     H      sing N N 130 
HIS N     H2     sing N N 131 
HIS CA    C      sing N N 132 
HIS CA    CB     sing N N 133 
HIS CA    HA     sing N N 134 
HIS C     O      doub N N 135 
HIS C     OXT    sing N N 136 
HIS CB    CG     sing N N 137 
HIS CB    HB2    sing N N 138 
HIS CB    HB3    sing N N 139 
HIS CG    ND1    sing Y N 140 
HIS CG    CD2    doub Y N 141 
HIS ND1   CE1    doub Y N 142 
HIS ND1   HD1    sing N N 143 
HIS CD2   NE2    sing Y N 144 
HIS CD2   HD2    sing N N 145 
HIS CE1   NE2    sing Y N 146 
HIS CE1   HE1    sing N N 147 
HIS NE2   HE2    sing N N 148 
HIS OXT   HXT    sing N N 149 
HOH O     H1     sing N N 150 
HOH O     H2     sing N N 151 
ILE N     CA     sing N N 152 
ILE N     H      sing N N 153 
ILE N     H2     sing N N 154 
ILE CA    C      sing N N 155 
ILE CA    CB     sing N N 156 
ILE CA    HA     sing N N 157 
ILE C     O      doub N N 158 
ILE C     OXT    sing N N 159 
ILE CB    CG1    sing N N 160 
ILE CB    CG2    sing N N 161 
ILE CB    HB     sing N N 162 
ILE CG1   CD1    sing N N 163 
ILE CG1   HG12   sing N N 164 
ILE CG1   HG13   sing N N 165 
ILE CG2   HG21   sing N N 166 
ILE CG2   HG22   sing N N 167 
ILE CG2   HG23   sing N N 168 
ILE CD1   HD11   sing N N 169 
ILE CD1   HD12   sing N N 170 
ILE CD1   HD13   sing N N 171 
ILE OXT   HXT    sing N N 172 
LEU N     CA     sing N N 173 
LEU N     H      sing N N 174 
LEU N     H2     sing N N 175 
LEU CA    C      sing N N 176 
LEU CA    CB     sing N N 177 
LEU CA    HA     sing N N 178 
LEU C     O      doub N N 179 
LEU C     OXT    sing N N 180 
LEU CB    CG     sing N N 181 
LEU CB    HB2    sing N N 182 
LEU CB    HB3    sing N N 183 
LEU CG    CD1    sing N N 184 
LEU CG    CD2    sing N N 185 
LEU CG    HG     sing N N 186 
LEU CD1   HD11   sing N N 187 
LEU CD1   HD12   sing N N 188 
LEU CD1   HD13   sing N N 189 
LEU CD2   HD21   sing N N 190 
LEU CD2   HD22   sing N N 191 
LEU CD2   HD23   sing N N 192 
LEU OXT   HXT    sing N N 193 
LYS N     CA     sing N N 194 
LYS N     H      sing N N 195 
LYS N     H2     sing N N 196 
LYS CA    C      sing N N 197 
LYS CA    CB     sing N N 198 
LYS CA    HA     sing N N 199 
LYS C     O      doub N N 200 
LYS C     OXT    sing N N 201 
LYS CB    CG     sing N N 202 
LYS CB    HB2    sing N N 203 
LYS CB    HB3    sing N N 204 
LYS CG    CD     sing N N 205 
LYS CG    HG2    sing N N 206 
LYS CG    HG3    sing N N 207 
LYS CD    CE     sing N N 208 
LYS CD    HD2    sing N N 209 
LYS CD    HD3    sing N N 210 
LYS CE    NZ     sing N N 211 
LYS CE    HE2    sing N N 212 
LYS CE    HE3    sing N N 213 
LYS NZ    HZ1    sing N N 214 
LYS NZ    HZ2    sing N N 215 
LYS NZ    HZ3    sing N N 216 
LYS OXT   HXT    sing N N 217 
MET N     CA     sing N N 218 
MET N     H      sing N N 219 
MET N     H2     sing N N 220 
MET CA    C      sing N N 221 
MET CA    CB     sing N N 222 
MET CA    HA     sing N N 223 
MET C     O      doub N N 224 
MET C     OXT    sing N N 225 
MET CB    CG     sing N N 226 
MET CB    HB2    sing N N 227 
MET CB    HB3    sing N N 228 
MET CG    SD     sing N N 229 
MET CG    HG2    sing N N 230 
MET CG    HG3    sing N N 231 
MET SD    CE     sing N N 232 
MET CE    HE1    sing N N 233 
MET CE    HE2    sing N N 234 
MET CE    HE3    sing N N 235 
MET OXT   HXT    sing N N 236 
PHE N     CA     sing N N 237 
PHE N     H      sing N N 238 
PHE N     H2     sing N N 239 
PHE CA    C      sing N N 240 
PHE CA    CB     sing N N 241 
PHE CA    HA     sing N N 242 
PHE C     O      doub N N 243 
PHE C     OXT    sing N N 244 
PHE CB    CG     sing N N 245 
PHE CB    HB2    sing N N 246 
PHE CB    HB3    sing N N 247 
PHE CG    CD1    doub Y N 248 
PHE CG    CD2    sing Y N 249 
PHE CD1   CE1    sing Y N 250 
PHE CD1   HD1    sing N N 251 
PHE CD2   CE2    doub Y N 252 
PHE CD2   HD2    sing N N 253 
PHE CE1   CZ     doub Y N 254 
PHE CE1   HE1    sing N N 255 
PHE CE2   CZ     sing Y N 256 
PHE CE2   HE2    sing N N 257 
PHE CZ    HZ     sing N N 258 
PHE OXT   HXT    sing N N 259 
PRO N     CA     sing N N 260 
PRO N     CD     sing N N 261 
PRO N     H      sing N N 262 
PRO CA    C      sing N N 263 
PRO CA    CB     sing N N 264 
PRO CA    HA     sing N N 265 
PRO C     O      doub N N 266 
PRO C     OXT    sing N N 267 
PRO CB    CG     sing N N 268 
PRO CB    HB2    sing N N 269 
PRO CB    HB3    sing N N 270 
PRO CG    CD     sing N N 271 
PRO CG    HG2    sing N N 272 
PRO CG    HG3    sing N N 273 
PRO CD    HD2    sing N N 274 
PRO CD    HD3    sing N N 275 
PRO OXT   HXT    sing N N 276 
SAH N     CA     sing N N 277 
SAH N     HN1    sing N N 278 
SAH N     HN2    sing N N 279 
SAH CA    CB     sing N N 280 
SAH CA    C      sing N N 281 
SAH CA    HA     sing N N 282 
SAH CB    CG     sing N N 283 
SAH CB    HB1    sing N N 284 
SAH CB    HB2    sing N N 285 
SAH CG    SD     sing N N 286 
SAH CG    HG1    sing N N 287 
SAH CG    HG2    sing N N 288 
SAH SD    "C5'"  sing N N 289 
SAH C     O      doub N N 290 
SAH C     OXT    sing N N 291 
SAH OXT   HXT    sing N N 292 
SAH "C5'" "C4'"  sing N N 293 
SAH "C5'" "H5'1" sing N N 294 
SAH "C5'" "H5'2" sing N N 295 
SAH "C4'" "O4'"  sing N N 296 
SAH "C4'" "C3'"  sing N N 297 
SAH "C4'" "H4'"  sing N N 298 
SAH "O4'" "C1'"  sing N N 299 
SAH "C3'" "O3'"  sing N N 300 
SAH "C3'" "C2'"  sing N N 301 
SAH "C3'" "H3'"  sing N N 302 
SAH "O3'" "HO3'" sing N N 303 
SAH "C2'" "O2'"  sing N N 304 
SAH "C2'" "C1'"  sing N N 305 
SAH "C2'" "H2'"  sing N N 306 
SAH "O2'" "HO2'" sing N N 307 
SAH "C1'" N9     sing N N 308 
SAH "C1'" "H1'"  sing N N 309 
SAH N9    C8     sing Y N 310 
SAH N9    C4     sing Y N 311 
SAH C8    N7     doub Y N 312 
SAH C8    H8     sing N N 313 
SAH N7    C5     sing Y N 314 
SAH C5    C6     sing Y N 315 
SAH C5    C4     doub Y N 316 
SAH C6    N6     sing N N 317 
SAH C6    N1     doub Y N 318 
SAH N6    HN61   sing N N 319 
SAH N6    HN62   sing N N 320 
SAH N1    C2     sing Y N 321 
SAH C2    N3     doub Y N 322 
SAH C2    H2     sing N N 323 
SAH N3    C4     sing Y N 324 
SER N     CA     sing N N 325 
SER N     H      sing N N 326 
SER N     H2     sing N N 327 
SER CA    C      sing N N 328 
SER CA    CB     sing N N 329 
SER CA    HA     sing N N 330 
SER C     O      doub N N 331 
SER C     OXT    sing N N 332 
SER CB    OG     sing N N 333 
SER CB    HB2    sing N N 334 
SER CB    HB3    sing N N 335 
SER OG    HG     sing N N 336 
SER OXT   HXT    sing N N 337 
THR N     CA     sing N N 338 
THR N     H      sing N N 339 
THR N     H2     sing N N 340 
THR CA    C      sing N N 341 
THR CA    CB     sing N N 342 
THR CA    HA     sing N N 343 
THR C     O      doub N N 344 
THR C     OXT    sing N N 345 
THR CB    OG1    sing N N 346 
THR CB    CG2    sing N N 347 
THR CB    HB     sing N N 348 
THR OG1   HG1    sing N N 349 
THR CG2   HG21   sing N N 350 
THR CG2   HG22   sing N N 351 
THR CG2   HG23   sing N N 352 
THR OXT   HXT    sing N N 353 
TRP N     CA     sing N N 354 
TRP N     H      sing N N 355 
TRP N     H2     sing N N 356 
TRP CA    C      sing N N 357 
TRP CA    CB     sing N N 358 
TRP CA    HA     sing N N 359 
TRP C     O      doub N N 360 
TRP C     OXT    sing N N 361 
TRP CB    CG     sing N N 362 
TRP CB    HB2    sing N N 363 
TRP CB    HB3    sing N N 364 
TRP CG    CD1    doub Y N 365 
TRP CG    CD2    sing Y N 366 
TRP CD1   NE1    sing Y N 367 
TRP CD1   HD1    sing N N 368 
TRP CD2   CE2    doub Y N 369 
TRP CD2   CE3    sing Y N 370 
TRP NE1   CE2    sing Y N 371 
TRP NE1   HE1    sing N N 372 
TRP CE2   CZ2    sing Y N 373 
TRP CE3   CZ3    doub Y N 374 
TRP CE3   HE3    sing N N 375 
TRP CZ2   CH2    doub Y N 376 
TRP CZ2   HZ2    sing N N 377 
TRP CZ3   CH2    sing Y N 378 
TRP CZ3   HZ3    sing N N 379 
TRP CH2   HH2    sing N N 380 
TRP OXT   HXT    sing N N 381 
TYR N     CA     sing N N 382 
TYR N     H      sing N N 383 
TYR N     H2     sing N N 384 
TYR CA    C      sing N N 385 
TYR CA    CB     sing N N 386 
TYR CA    HA     sing N N 387 
TYR C     O      doub N N 388 
TYR C     OXT    sing N N 389 
TYR CB    CG     sing N N 390 
TYR CB    HB2    sing N N 391 
TYR CB    HB3    sing N N 392 
TYR CG    CD1    doub Y N 393 
TYR CG    CD2    sing Y N 394 
TYR CD1   CE1    sing Y N 395 
TYR CD1   HD1    sing N N 396 
TYR CD2   CE2    doub Y N 397 
TYR CD2   HD2    sing N N 398 
TYR CE1   CZ     doub Y N 399 
TYR CE1   HE1    sing N N 400 
TYR CE2   CZ     sing Y N 401 
TYR CE2   HE2    sing N N 402 
TYR CZ    OH     sing N N 403 
TYR OH    HH     sing N N 404 
TYR OXT   HXT    sing N N 405 
VAL N     CA     sing N N 406 
VAL N     H      sing N N 407 
VAL N     H2     sing N N 408 
VAL CA    C      sing N N 409 
VAL CA    CB     sing N N 410 
VAL CA    HA     sing N N 411 
VAL C     O      doub N N 412 
VAL C     OXT    sing N N 413 
VAL CB    CG1    sing N N 414 
VAL CB    CG2    sing N N 415 
VAL CB    HB     sing N N 416 
VAL CG1   HG11   sing N N 417 
VAL CG1   HG12   sing N N 418 
VAL CG1   HG13   sing N N 419 
VAL CG2   HG21   sing N N 420 
VAL CG2   HG22   sing N N 421 
VAL CG2   HG23   sing N N 422 
VAL OXT   HXT    sing N N 423 
# 
_pdbx_audit_support.funding_organization   'the National Natural Science Foundation of China' 
_pdbx_audit_support.country                China 
_pdbx_audit_support.grant_number           '31570875, 31330019, 81590761 and 31200559' 
_pdbx_audit_support.ordinal                1 
# 
_atom_sites.entry_id                    5FAD 
_atom_sites.fract_transf_matrix[1][1]   -0.00023046 
_atom_sites.fract_transf_matrix[1][2]   -0.02938549 
_atom_sites.fract_transf_matrix[1][3]   0.00381834 
_atom_sites.fract_transf_matrix[2][1]   0.00647877 
_atom_sites.fract_transf_matrix[2][2]   0.00229565 
_atom_sites.fract_transf_matrix[2][3]   0.01805811 
_atom_sites.fract_transf_matrix[3][1]   -0.02330751 
_atom_sites.fract_transf_matrix[3][2]   -0.01165631 
_atom_sites.fract_transf_matrix[3][3]   0.00984394 
_atom_sites.fract_transf_vector[1]      0.201388 
_atom_sites.fract_transf_vector[2]      0.072332 
_atom_sites.fract_transf_vector[3]      1.418468 
# 
loop_
_atom_type.symbol 
C  
MG 
N  
O  
S  
# 
loop_
_atom_site.group_PDB 
_atom_site.id 
_atom_site.type_symbol 
_atom_site.label_atom_id 
_atom_site.label_alt_id 
_atom_site.label_comp_id 
_atom_site.label_asym_id 
_atom_site.label_entity_id 
_atom_site.label_seq_id 
_atom_site.pdbx_PDB_ins_code 
_atom_site.Cartn_x 
_atom_site.Cartn_y 
_atom_site.Cartn_z 
_atom_site.occupancy 
_atom_site.B_iso_or_equiv 
_atom_site.pdbx_formal_charge 
_atom_site.auth_seq_id 
_atom_site.auth_comp_id 
_atom_site.auth_asym_id 
_atom_site.auth_atom_id 
_atom_site.pdbx_PDB_model_num 
ATOM   1    N  N     . SER A 1 2   ? -18.631 -2.367  7.680   1.00 56.24 ? 2   SER A N     1 
ATOM   2    C  CA    . SER A 1 2   ? -18.986 -1.143  8.367   1.00 48.53 ? 2   SER A CA    1 
ATOM   3    C  C     . SER A 1 2   ? -19.382 -0.023  7.389   1.00 45.09 ? 2   SER A C     1 
ATOM   4    O  O     . SER A 1 2   ? -19.870 -0.242  6.331   1.00 42.50 ? 2   SER A O     1 
ATOM   5    C  CB    . SER A 1 2   ? -17.884 -0.690  9.360   1.00 39.55 ? 2   SER A CB    1 
ATOM   6    O  OG    . SER A 1 2   ? -17.866 0.739   9.481   1.00 36.15 ? 2   SER A OG    1 
ATOM   7    N  N     . TYR A 1 3   ? -19.097 1.187   7.834   1.00 46.16 ? 3   TYR A N     1 
ATOM   8    C  CA    . TYR A 1 3   ? -19.520 2.409   7.240   1.00 45.59 ? 3   TYR A CA    1 
ATOM   9    C  C     . TYR A 1 3   ? -18.241 3.254   7.163   1.00 44.94 ? 3   TYR A C     1 
ATOM   10   O  O     . TYR A 1 3   ? -17.916 4.002   8.056   1.00 48.63 ? 3   TYR A O     1 
ATOM   11   C  CB    . TYR A 1 3   ? -20.609 2.998   8.127   1.00 43.61 ? 3   TYR A CB    1 
ATOM   12   C  CG    . TYR A 1 3   ? -21.783 2.047   8.344   1.00 40.92 ? 3   TYR A CG    1 
ATOM   13   C  CD1   . TYR A 1 3   ? -22.661 1.766   7.330   1.00 35.19 ? 3   TYR A CD1   1 
ATOM   14   C  CD2   . TYR A 1 3   ? -21.988 1.437   9.547   1.00 39.15 ? 3   TYR A CD2   1 
ATOM   15   C  CE1   . TYR A 1 3   ? -23.718 0.905   7.499   1.00 44.46 ? 3   TYR A CE1   1 
ATOM   16   C  CE2   . TYR A 1 3   ? -23.060 0.582   9.731   1.00 44.59 ? 3   TYR A CE2   1 
ATOM   17   C  CZ    . TYR A 1 3   ? -23.905 0.295   8.705   1.00 38.88 ? 3   TYR A CZ    1 
ATOM   18   O  OH    . TYR A 1 3   ? -24.957 -0.522  8.907   1.00 41.60 ? 3   TYR A OH    1 
ATOM   19   N  N     . VAL A 1 4   ? -17.488 3.014   6.112   1.00 40.39 ? 4   VAL A N     1 
ATOM   20   C  CA    . VAL A 1 4   ? -16.254 3.727   5.826   1.00 37.85 ? 4   VAL A CA    1 
ATOM   21   C  C     . VAL A 1 4   ? -16.473 4.397   4.478   1.00 39.64 ? 4   VAL A C     1 
ATOM   22   O  O     . VAL A 1 4   ? -17.417 4.040   3.772   1.00 41.14 ? 4   VAL A O     1 
ATOM   23   C  CB    . VAL A 1 4   ? -15.061 2.731   5.787   1.00 34.98 ? 4   VAL A CB    1 
ATOM   24   C  CG1   . VAL A 1 4   ? -14.832 2.124   7.166   1.00 38.23 ? 4   VAL A CG1   1 
ATOM   25   C  CG2   . VAL A 1 4   ? -15.301 1.631   4.751   1.00 31.33 ? 4   VAL A CG2   1 
ATOM   26   N  N     . PRO A 1 5   ? -15.630 5.378   4.111   1.00 38.15 ? 5   PRO A N     1 
ATOM   27   C  CA    . PRO A 1 5   ? -15.842 6.013   2.803   1.00 40.98 ? 5   PRO A CA    1 
ATOM   28   C  C     . PRO A 1 5   ? -15.799 4.979   1.679   1.00 38.69 ? 5   PRO A C     1 
ATOM   29   O  O     . PRO A 1 5   ? -15.092 3.984   1.797   1.00 42.35 ? 5   PRO A O     1 
ATOM   30   C  CB    . PRO A 1 5   ? -14.668 6.986   2.692   1.00 40.89 ? 5   PRO A CB    1 
ATOM   31   C  CG    . PRO A 1 5   ? -14.281 7.267   4.092   1.00 43.49 ? 5   PRO A CG    1 
ATOM   32   C  CD    . PRO A 1 5   ? -14.514 5.996   4.848   1.00 44.44 ? 5   PRO A CD    1 
ATOM   33   N  N     . HIS A 1 6   ? -16.565 5.197   0.617   1.00 37.57 ? 6   HIS A N     1 
ATOM   34   C  CA    . HIS A 1 6   ? -16.675 4.193   -0.438  1.00 40.85 ? 6   HIS A CA    1 
ATOM   35   C  C     . HIS A 1 6   ? -15.369 4.035   -1.197  1.00 41.99 ? 6   HIS A C     1 
ATOM   36   O  O     . HIS A 1 6   ? -14.906 4.963   -1.868  1.00 39.77 ? 6   HIS A O     1 
ATOM   37   C  CB    . HIS A 1 6   ? -17.810 4.528   -1.404  1.00 39.98 ? 6   HIS A CB    1 
ATOM   38   C  CG    . HIS A 1 6   ? -17.962 3.542   -2.518  1.00 41.49 ? 6   HIS A CG    1 
ATOM   39   N  ND1   . HIS A 1 6   ? -18.520 2.298   -2.336  1.00 34.66 ? 6   HIS A ND1   1 
ATOM   40   C  CD2   . HIS A 1 6   ? -17.637 3.621   -3.833  1.00 35.62 ? 6   HIS A CD2   1 
ATOM   41   C  CE1   . HIS A 1 6   ? -18.516 1.642   -3.486  1.00 39.44 ? 6   HIS A CE1   1 
ATOM   42   N  NE2   . HIS A 1 6   ? -17.998 2.431   -4.411  1.00 43.75 ? 6   HIS A NE2   1 
ATOM   43   N  N     . VAL A 1 7   ? -14.769 2.850   -1.055  1.00 35.39 ? 7   VAL A N     1 
ATOM   44   C  CA    . VAL A 1 7   ? -13.572 2.482   -1.779  1.00 36.23 ? 7   VAL A CA    1 
ATOM   45   C  C     . VAL A 1 7   ? -13.742 1.019   -2.190  1.00 36.34 ? 7   VAL A C     1 
ATOM   46   O  O     . VAL A 1 7   ? -13.419 0.114   -1.422  1.00 31.65 ? 7   VAL A O     1 
ATOM   47   C  CB    . VAL A 1 7   ? -12.319 2.594   -0.878  1.00 38.29 ? 7   VAL A CB    1 
ATOM   48   C  CG1   . VAL A 1 7   ? -11.058 2.325   -1.681  1.00 32.04 ? 7   VAL A CG1   1 
ATOM   49   C  CG2   . VAL A 1 7   ? -12.258 3.955   -0.203  1.00 40.42 ? 7   VAL A CG2   1 
ATOM   50   N  N     . PRO A 1 8   ? -14.276 0.775   -3.394  1.00 36.58 ? 8   PRO A N     1 
ATOM   51   C  CA    . PRO A 1 8   ? -14.603 -0.600  -3.795  1.00 36.59 ? 8   PRO A CA    1 
ATOM   52   C  C     . PRO A 1 8   ? -13.366 -1.401  -4.160  1.00 32.48 ? 8   PRO A C     1 
ATOM   53   O  O     . PRO A 1 8   ? -12.273 -0.855  -4.282  1.00 35.04 ? 8   PRO A O     1 
ATOM   54   C  CB    . PRO A 1 8   ? -15.466 -0.386  -5.037  1.00 39.00 ? 8   PRO A CB    1 
ATOM   55   C  CG    . PRO A 1 8   ? -14.942 0.865   -5.612  1.00 34.78 ? 8   PRO A CG    1 
ATOM   56   C  CD    . PRO A 1 8   ? -14.632 1.749   -4.437  1.00 41.29 ? 8   PRO A CD    1 
ATOM   57   N  N     . TYR A 1 9   ? -13.536 -2.699  -4.347  1.00 34.24 ? 9   TYR A N     1 
ATOM   58   C  CA    . TYR A 1 9   ? -12.408 -3.514  -4.739  1.00 33.46 ? 9   TYR A CA    1 
ATOM   59   C  C     . TYR A 1 9   ? -12.064 -3.325  -6.217  1.00 30.04 ? 9   TYR A C     1 
ATOM   60   O  O     . TYR A 1 9   ? -12.819 -3.726  -7.095  1.00 28.95 ? 9   TYR A O     1 
ATOM   61   C  CB    . TYR A 1 9   ? -12.655 -4.988  -4.436  1.00 30.89 ? 9   TYR A CB    1 
ATOM   62   C  CG    . TYR A 1 9   ? -11.547 -5.860  -4.954  1.00 31.62 ? 9   TYR A CG    1 
ATOM   63   C  CD1   . TYR A 1 9   ? -10.231 -5.656  -4.547  1.00 32.24 ? 9   TYR A CD1   1 
ATOM   64   C  CD2   . TYR A 1 9   ? -11.809 -6.888  -5.849  1.00 34.62 ? 9   TYR A CD2   1 
ATOM   65   C  CE1   . TYR A 1 9   ? -9.206  -6.460  -5.019  1.00 32.13 ? 9   TYR A CE1   1 
ATOM   66   C  CE2   . TYR A 1 9   ? -10.798 -7.688  -6.331  1.00 33.92 ? 9   TYR A CE2   1 
ATOM   67   C  CZ    . TYR A 1 9   ? -9.497  -7.468  -5.921  1.00 33.89 ? 9   TYR A CZ    1 
ATOM   68   O  OH    . TYR A 1 9   ? -8.488  -8.274  -6.399  1.00 32.14 ? 9   TYR A OH    1 
ATOM   69   N  N     . VAL A 1 10  ? -10.921 -2.694  -6.468  1.00 30.21 ? 10  VAL A N     1 
ATOM   70   C  CA    . VAL A 1 10  ? -10.363 -2.556  -7.804  1.00 29.70 ? 10  VAL A CA    1 
ATOM   71   C  C     . VAL A 1 10  ? -8.861  -2.669  -7.652  1.00 27.31 ? 10  VAL A C     1 
ATOM   72   O  O     . VAL A 1 10  ? -8.237  -1.812  -7.023  1.00 30.28 ? 10  VAL A O     1 
ATOM   73   C  CB    . VAL A 1 10  ? -10.706 -1.178  -8.441  1.00 30.30 ? 10  VAL A CB    1 
ATOM   74   C  CG1   . VAL A 1 10  ? -9.963  -0.996  -9.769  1.00 31.74 ? 10  VAL A CG1   1 
ATOM   75   C  CG2   . VAL A 1 10  ? -12.200 -1.038  -8.649  1.00 30.69 ? 10  VAL A CG2   1 
ATOM   76   N  N     . PRO A 1 11  ? -8.266  -3.738  -8.201  1.00 25.72 ? 11  PRO A N     1 
ATOM   77   C  CA    . PRO A 1 11  ? -6.864  -3.995  -7.876  1.00 28.32 ? 11  PRO A CA    1 
ATOM   78   C  C     . PRO A 1 11  ? -5.890  -3.275  -8.786  1.00 27.40 ? 11  PRO A C     1 
ATOM   79   O  O     . PRO A 1 11  ? -6.214  -2.915  -9.915  1.00 25.21 ? 11  PRO A O     1 
ATOM   80   C  CB    . PRO A 1 11  ? -6.733  -5.519  -8.057  1.00 26.80 ? 11  PRO A CB    1 
ATOM   81   C  CG    . PRO A 1 11  ? -7.768  -5.851  -9.105  1.00 29.72 ? 11  PRO A CG    1 
ATOM   82   C  CD    . PRO A 1 11  ? -8.912  -4.883  -8.873  1.00 34.13 ? 11  PRO A CD    1 
ATOM   83   N  N     . THR A 1 12  ? -4.687  -3.074  -8.272  1.00 29.55 ? 12  THR A N     1 
ATOM   84   C  CA    . THR A 1 12  ? -3.598  -2.523  -9.051  1.00 28.37 ? 12  THR A CA    1 
ATOM   85   C  C     . THR A 1 12  ? -3.037  -3.622  -9.951  1.00 27.87 ? 12  THR A C     1 
ATOM   86   O  O     . THR A 1 12  ? -2.790  -4.726  -9.481  1.00 26.10 ? 12  THR A O     1 
ATOM   87   C  CB    . THR A 1 12  ? -2.493  -2.012  -8.109  1.00 28.06 ? 12  THR A CB    1 
ATOM   88   O  OG1   . THR A 1 12  ? -3.047  -1.049  -7.194  1.00 27.50 ? 12  THR A OG1   1 
ATOM   89   C  CG2   . THR A 1 12  ? -1.367  -1.366  -8.892  1.00 31.69 ? 12  THR A CG2   1 
ATOM   90   N  N     . PRO A 1 13  ? -2.854  -3.330  -11.248 1.00 32.93 ? 13  PRO A N     1 
ATOM   91   C  CA    . PRO A 1 13  ? -2.279  -4.334  -12.147 1.00 31.38 ? 13  PRO A CA    1 
ATOM   92   C  C     . PRO A 1 13  ? -0.888  -4.723  -11.674 1.00 29.19 ? 13  PRO A C     1 
ATOM   93   O  O     . PRO A 1 13  ? -0.154  -3.880  -11.146 1.00 31.82 ? 13  PRO A O     1 
ATOM   94   C  CB    . PRO A 1 13  ? -2.212  -3.607  -13.493 1.00 33.47 ? 13  PRO A CB    1 
ATOM   95   C  CG    . PRO A 1 13  ? -3.297  -2.577  -13.407 1.00 30.06 ? 13  PRO A CG    1 
ATOM   96   C  CD    . PRO A 1 13  ? -3.253  -2.111  -11.972 1.00 28.85 ? 13  PRO A CD    1 
ATOM   97   N  N     . GLU A 1 14  ? -0.532  -5.992  -11.869 1.00 26.26 ? 14  GLU A N     1 
ATOM   98   C  CA    . GLU A 1 14  ? 0.709   -6.525  -11.324 1.00 31.59 ? 14  GLU A CA    1 
ATOM   99   C  C     . GLU A 1 14  ? 1.938   -5.718  -11.714 1.00 30.19 ? 14  GLU A C     1 
ATOM   100  O  O     . GLU A 1 14  ? 2.852   -5.552  -10.906 1.00 33.52 ? 14  GLU A O     1 
ATOM   101  C  CB    . GLU A 1 14  ? 0.875   -8.002  -11.704 1.00 36.83 ? 14  GLU A CB    1 
ATOM   102  C  CG    . GLU A 1 14  ? -0.017  -8.921  -10.865 1.00 55.61 ? 14  GLU A CG    1 
ATOM   103  C  CD    . GLU A 1 14  ? -0.324  -10.254 -11.532 1.00 71.47 ? 14  GLU A CD    1 
ATOM   104  O  OE1   . GLU A 1 14  ? 0.593   -10.855 -12.136 1.00 78.83 ? 14  GLU A OE1   1 
ATOM   105  O  OE2   . GLU A 1 14  ? -1.493  -10.697 -11.446 1.00 69.18 ? 14  GLU A OE2   1 
ATOM   106  N  N     . LYS A 1 15  ? 1.963   -5.209  -12.943 1.00 28.97 ? 15  LYS A N     1 
ATOM   107  C  CA    . LYS A 1 15  ? 3.129   -4.453  -13.391 1.00 30.01 ? 15  LYS A CA    1 
ATOM   108  C  C     . LYS A 1 15  ? 3.272   -3.167  -12.588 1.00 31.45 ? 15  LYS A C     1 
ATOM   109  O  O     . LYS A 1 15  ? 4.386   -2.740  -12.263 1.00 30.95 ? 15  LYS A O     1 
ATOM   110  C  CB    . LYS A 1 15  ? 3.052   -4.123  -14.879 1.00 37.41 ? 15  LYS A CB    1 
ATOM   111  C  CG    . LYS A 1 15  ? 4.292   -3.368  -15.352 1.00 35.45 ? 15  LYS A CG    1 
ATOM   112  C  CD    . LYS A 1 15  ? 4.202   -2.957  -16.802 1.00 41.66 ? 15  LYS A CD    1 
ATOM   113  C  CE    . LYS A 1 15  ? 5.513   -2.309  -17.241 1.00 33.98 ? 15  LYS A CE    1 
ATOM   114  N  NZ    . LYS A 1 15  ? 5.563   -2.081  -18.718 1.00 39.96 ? 15  LYS A NZ    1 
ATOM   115  N  N     . VAL A 1 16  ? 2.138   -2.571  -12.246 1.00 29.86 ? 16  VAL A N     1 
ATOM   116  C  CA    . VAL A 1 16  ? 2.146   -1.337  -11.472 1.00 28.70 ? 16  VAL A CA    1 
ATOM   117  C  C     . VAL A 1 16  ? 2.561   -1.640  -10.025 1.00 31.14 ? 16  VAL A C     1 
ATOM   118  O  O     . VAL A 1 16  ? 3.355   -0.903  -9.429  1.00 25.63 ? 16  VAL A O     1 
ATOM   119  C  CB    . VAL A 1 16  ? 0.783   -0.622  -11.579 1.00 28.36 ? 16  VAL A CB    1 
ATOM   120  C  CG1   . VAL A 1 16  ? 0.754   0.674   -10.753 1.00 26.21 ? 16  VAL A CG1   1 
ATOM   121  C  CG2   . VAL A 1 16  ? 0.464   -0.319  -13.050 1.00 30.03 ? 16  VAL A CG2   1 
ATOM   122  N  N     . VAL A 1 17  ? 2.066   -2.752  -9.484  1.00 27.11 ? 17  VAL A N     1 
ATOM   123  C  CA    . VAL A 1 17  ? 2.500   -3.232  -8.166  1.00 28.94 ? 17  VAL A CA    1 
ATOM   124  C  C     . VAL A 1 17  ? 4.034   -3.336  -8.060  1.00 33.55 ? 17  VAL A C     1 
ATOM   125  O  O     . VAL A 1 17  ? 4.634   -2.851  -7.096  1.00 28.07 ? 17  VAL A O     1 
ATOM   126  C  CB    . VAL A 1 17  ? 1.872   -4.607  -7.828  1.00 33.97 ? 17  VAL A CB    1 
ATOM   127  C  CG1   . VAL A 1 17  ? 2.524   -5.218  -6.582  1.00 26.43 ? 17  VAL A CG1   1 
ATOM   128  C  CG2   . VAL A 1 17  ? 0.353   -4.487  -7.643  1.00 30.32 ? 17  VAL A CG2   1 
ATOM   129  N  N     . ARG A 1 18  ? 4.666   -3.972  -9.046  1.00 28.86 ? 18  ARG A N     1 
ATOM   130  C  CA    . ARG A 1 18  ? 6.119   -4.115  -9.035  1.00 33.44 ? 18  ARG A CA    1 
ATOM   131  C  C     . ARG A 1 18  ? 6.826   -2.765  -9.127  1.00 28.08 ? 18  ARG A C     1 
ATOM   132  O  O     . ARG A 1 18  ? 7.816   -2.538  -8.429  1.00 31.76 ? 18  ARG A O     1 
ATOM   133  C  CB    . ARG A 1 18  ? 6.589   -5.061  -10.154 1.00 35.83 ? 18  ARG A CB    1 
ATOM   134  C  CG    . ARG A 1 18  ? 8.106   -5.102  -10.349 1.00 43.55 ? 18  ARG A CG    1 
ATOM   135  C  CD    . ARG A 1 18  ? 8.519   -6.030  -11.505 1.00 44.98 ? 18  ARG A CD    1 
ATOM   136  N  NE    . ARG A 1 18  ? 8.062   -5.559  -12.811 1.00 45.38 ? 18  ARG A NE    1 
ATOM   137  C  CZ    . ARG A 1 18  ? 8.706   -4.660  -13.553 1.00 56.99 ? 18  ARG A CZ    1 
ATOM   138  N  NH1   . ARG A 1 18  ? 9.840   -4.122  -13.121 1.00 54.56 ? 18  ARG A NH1   1 
ATOM   139  N  NH2   . ARG A 1 18  ? 8.214   -4.294  -14.727 1.00 57.24 ? 18  ARG A NH2   1 
ATOM   140  N  N     . ARG A 1 19  ? 6.311   -1.871  -9.972  1.00 26.30 ? 19  ARG A N     1 
ATOM   141  C  CA    . ARG A 1 19  ? 6.862   -0.518  -10.116 1.00 32.87 ? 19  ARG A CA    1 
ATOM   142  C  C     . ARG A 1 19  ? 6.706   0.365   -8.864  1.00 33.58 ? 19  ARG A C     1 
ATOM   143  O  O     . ARG A 1 19  ? 7.609   1.138   -8.530  1.00 28.27 ? 19  ARG A O     1 
ATOM   144  C  CB    . ARG A 1 19  ? 6.263   0.193   -11.338 1.00 35.91 ? 19  ARG A CB    1 
ATOM   145  C  CG    . ARG A 1 19  ? 6.668   -0.409  -12.681 1.00 38.81 ? 19  ARG A CG    1 
ATOM   146  C  CD    . ARG A 1 19  ? 8.164   -0.250  -12.961 1.00 41.36 ? 19  ARG A CD    1 
ATOM   147  N  NE    . ARG A 1 19  ? 8.527   1.132   -13.273 1.00 37.51 ? 19  ARG A NE    1 
ATOM   148  C  CZ    . ARG A 1 19  ? 9.424   1.848   -12.601 1.00 39.68 ? 19  ARG A CZ    1 
ATOM   149  N  NH1   . ARG A 1 19  ? 10.080  1.311   -11.577 1.00 35.06 ? 19  ARG A NH1   1 
ATOM   150  N  NH2   . ARG A 1 19  ? 9.675   3.099   -12.964 1.00 45.60 ? 19  ARG A NH2   1 
ATOM   151  N  N     . MET A 1 20  ? 5.568   0.258   -8.178  1.00 30.23 ? 20  MET A N     1 
ATOM   152  C  CA    . MET A 1 20  ? 5.371   0.983   -6.919  1.00 32.02 ? 20  MET A CA    1 
ATOM   153  C  C     . MET A 1 20  ? 6.415   0.591   -5.887  1.00 30.22 ? 20  MET A C     1 
ATOM   154  O  O     . MET A 1 20  ? 6.909   1.436   -5.136  1.00 30.53 ? 20  MET A O     1 
ATOM   155  C  CB    . MET A 1 20  ? 3.984   0.716   -6.330  1.00 27.64 ? 20  MET A CB    1 
ATOM   156  C  CG    . MET A 1 20  ? 2.836   1.340   -7.098  1.00 27.41 ? 20  MET A CG    1 
ATOM   157  S  SD    . MET A 1 20  ? 1.232   0.683   -6.572  1.00 31.22 ? 20  MET A SD    1 
ATOM   158  C  CE    . MET A 1 20  ? 1.055   1.421   -4.948  1.00 33.33 ? 20  MET A CE    1 
ATOM   159  N  N     . LEU A 1 21  ? 6.738   -0.704  -5.845  1.00 26.27 ? 21  LEU A N     1 
ATOM   160  C  CA    . LEU A 1 21  ? 7.697   -1.203  -4.868  1.00 28.32 ? 21  LEU A CA    1 
ATOM   161  C  C     . LEU A 1 21  ? 9.139   -0.853  -5.254  1.00 29.57 ? 21  LEU A C     1 
ATOM   162  O  O     . LEU A 1 21  ? 9.975   -0.601  -4.389  1.00 33.56 ? 21  LEU A O     1 
ATOM   163  C  CB    . LEU A 1 21  ? 7.518   -2.711  -4.636  1.00 28.13 ? 21  LEU A CB    1 
ATOM   164  C  CG    . LEU A 1 21  ? 6.128   -3.173  -4.146  1.00 26.88 ? 21  LEU A CG    1 
ATOM   165  C  CD1   . LEU A 1 21  ? 6.065   -4.686  -4.107  1.00 24.71 ? 21  LEU A CD1   1 
ATOM   166  C  CD2   . LEU A 1 21  ? 5.778   -2.583  -2.785  1.00 30.39 ? 21  LEU A CD2   1 
ATOM   167  N  N     . GLU A 1 22  ? 9.421   -0.830  -6.553  1.00 26.85 ? 22  GLU A N     1 
ATOM   168  C  CA    . GLU A 1 22  ? 10.722  -0.394  -7.048  1.00 31.43 ? 22  GLU A CA    1 
ATOM   169  C  C     . GLU A 1 22  ? 10.928  1.089   -6.754  1.00 32.79 ? 22  GLU A C     1 
ATOM   170  O  O     . GLU A 1 22  ? 11.979  1.503   -6.259  1.00 33.32 ? 22  GLU A O     1 
ATOM   171  C  CB    . GLU A 1 22  ? 10.840  -0.665  -8.553  1.00 33.52 ? 22  GLU A CB    1 
ATOM   172  C  CG    . GLU A 1 22  ? 10.977  -2.146  -8.883  1.00 33.45 ? 22  GLU A CG    1 
ATOM   173  C  CD    . GLU A 1 22  ? 10.859  -2.468  -10.373 1.00 35.75 ? 22  GLU A CD    1 
ATOM   174  O  OE1   . GLU A 1 22  ? 10.606  -1.554  -11.186 1.00 34.04 ? 22  GLU A OE1   1 
ATOM   175  O  OE2   . GLU A 1 22  ? 11.014  -3.660  -10.733 1.00 38.73 ? 22  GLU A OE2   1 
ATOM   176  N  N     . ILE A 1 23  ? 9.903   1.882   -7.051  1.00 32.89 ? 23  ILE A N     1 
ATOM   177  C  CA    . ILE A 1 23  ? 9.941   3.326   -6.844  1.00 36.04 ? 23  ILE A CA    1 
ATOM   178  C  C     . ILE A 1 23  ? 10.202  3.682   -5.384  1.00 38.65 ? 23  ILE A C     1 
ATOM   179  O  O     . ILE A 1 23  ? 10.996  4.578   -5.091  1.00 31.78 ? 23  ILE A O     1 
ATOM   180  C  CB    . ILE A 1 23  ? 8.650   3.981   -7.365  1.00 31.76 ? 23  ILE A CB    1 
ATOM   181  C  CG1   . ILE A 1 23  ? 8.697   4.041   -8.895  1.00 31.63 ? 23  ILE A CG1   1 
ATOM   182  C  CG2   . ILE A 1 23  ? 8.475   5.365   -6.779  1.00 37.71 ? 23  ILE A CG2   1 
ATOM   183  C  CD1   . ILE A 1 23  ? 7.322   4.032   -9.571  1.00 27.25 ? 23  ILE A CD1   1 
ATOM   184  N  N     . ALA A 1 24  ? 9.563   2.955   -4.471  1.00 27.56 ? 24  ALA A N     1 
ATOM   185  C  CA    . ALA A 1 24  ? 9.784   3.168   -3.045  1.00 33.07 ? 24  ALA A CA    1 
ATOM   186  C  C     . ALA A 1 24  ? 11.078  2.534   -2.560  1.00 31.55 ? 24  ALA A C     1 
ATOM   187  O  O     . ALA A 1 24  ? 11.417  2.635   -1.376  1.00 32.59 ? 24  ALA A O     1 
ATOM   188  C  CB    . ALA A 1 24  ? 8.602   2.646   -2.233  1.00 27.88 ? 24  ALA A CB    1 
ATOM   189  N  N     . LYS A 1 25  ? 11.777  1.867   -3.487  1.00 30.75 ? 25  LYS A N     1 
ATOM   190  C  CA    . LYS A 1 25  ? 13.044  1.186   -3.222  1.00 33.42 ? 25  LYS A CA    1 
ATOM   191  C  C     . LYS A 1 25  ? 12.916  0.197   -2.079  1.00 35.09 ? 25  LYS A C     1 
ATOM   192  O  O     . LYS A 1 25  ? 13.743  0.153   -1.164  1.00 31.00 ? 25  LYS A O     1 
ATOM   193  C  CB    . LYS A 1 25  ? 14.168  2.194   -2.974  1.00 34.30 ? 25  LYS A CB    1 
ATOM   194  C  CG    . LYS A 1 25  ? 14.241  3.246   -4.063  1.00 36.39 ? 25  LYS A CG    1 
ATOM   195  C  CD    . LYS A 1 25  ? 15.607  3.889   -4.160  1.00 40.97 ? 25  LYS A CD    1 
ATOM   196  C  CE    . LYS A 1 25  ? 15.792  4.999   -3.150  1.00 48.87 ? 25  LYS A CE    1 
ATOM   197  N  NZ    . LYS A 1 25  ? 16.683  6.063   -3.696  1.00 59.68 ? 25  LYS A NZ    1 
ATOM   198  N  N     . VAL A 1 26  ? 11.871  -0.614  -2.158  1.00 30.94 ? 26  VAL A N     1 
ATOM   199  C  CA    . VAL A 1 26  ? 11.589  -1.621  -1.148  1.00 32.58 ? 26  VAL A CA    1 
ATOM   200  C  C     . VAL A 1 26  ? 12.640  -2.739  -1.140  1.00 34.40 ? 26  VAL A C     1 
ATOM   201  O  O     . VAL A 1 26  ? 12.975  -3.297  -2.188  1.00 38.10 ? 26  VAL A O     1 
ATOM   202  C  CB    . VAL A 1 26  ? 10.190  -2.219  -1.373  1.00 32.14 ? 26  VAL A CB    1 
ATOM   203  C  CG1   . VAL A 1 26  ? 9.900   -3.265  -0.337  1.00 30.24 ? 26  VAL A CG1   1 
ATOM   204  C  CG2   . VAL A 1 26  ? 9.132   -1.125  -1.328  1.00 27.53 ? 26  VAL A CG2   1 
ATOM   205  N  N     . SER A 1 27  ? 13.162  -3.049  0.043   1.00 35.08 ? 27  SER A N     1 
ATOM   206  C  CA    . SER A 1 27  ? 14.125  -4.142  0.194   1.00 36.66 ? 27  SER A CA    1 
ATOM   207  C  C     . SER A 1 27  ? 13.870  -4.972  1.448   1.00 35.96 ? 27  SER A C     1 
ATOM   208  O  O     . SER A 1 27  ? 12.880  -4.762  2.150   1.00 33.96 ? 27  SER A O     1 
ATOM   209  C  CB    . SER A 1 27  ? 15.558  -3.605  0.214   1.00 41.76 ? 27  SER A CB    1 
ATOM   210  O  OG    . SER A 1 27  ? 15.703  -2.589  1.192   1.00 42.44 ? 27  SER A OG    1 
ATOM   211  N  N     . GLN A 1 28  ? 14.777  -5.912  1.724   1.00 33.45 ? 28  GLN A N     1 
ATOM   212  C  CA    . GLN A 1 28  ? 14.603  -6.874  2.811   1.00 37.86 ? 28  GLN A CA    1 
ATOM   213  C  C     . GLN A 1 28  ? 14.386  -6.225  4.165   1.00 38.16 ? 28  GLN A C     1 
ATOM   214  O  O     . GLN A 1 28  ? 13.610  -6.726  4.977   1.00 32.91 ? 28  GLN A O     1 
ATOM   215  C  CB    . GLN A 1 28  ? 15.806  -7.818  2.883   1.00 45.09 ? 28  GLN A CB    1 
ATOM   216  C  CG    . GLN A 1 28  ? 17.112  -7.156  2.486   1.00 59.87 ? 28  GLN A CG    1 
ATOM   217  C  CD    . GLN A 1 28  ? 18.147  -7.161  3.598   1.00 74.84 ? 28  GLN A CD    1 
ATOM   218  O  OE1   . GLN A 1 28  ? 17.819  -7.326  4.777   1.00 83.65 ? 28  GLN A OE1   1 
ATOM   219  N  NE2   . GLN A 1 28  ? 19.411  -6.982  3.225   1.00 74.72 ? 28  GLN A NE2   1 
ATOM   220  N  N     . ASP A 1 29  ? 15.081  -5.117  4.405   1.00 32.28 ? 29  ASP A N     1 
ATOM   221  C  CA    . ASP A 1 29  ? 14.979  -4.381  5.668   1.00 38.75 ? 29  ASP A CA    1 
ATOM   222  C  C     . ASP A 1 29  ? 13.590  -3.787  5.923   1.00 36.83 ? 29  ASP A C     1 
ATOM   223  O  O     . ASP A 1 29  ? 13.244  -3.443  7.056   1.00 37.93 ? 29  ASP A O     1 
ATOM   224  C  CB    . ASP A 1 29  ? 16.007  -3.243  5.705   1.00 42.76 ? 29  ASP A CB    1 
ATOM   225  C  CG    . ASP A 1 29  ? 17.436  -3.742  5.844   1.00 54.05 ? 29  ASP A CG    1 
ATOM   226  O  OD1   . ASP A 1 29  ? 17.644  -4.859  6.368   1.00 63.57 ? 29  ASP A OD1   1 
ATOM   227  O  OD2   . ASP A 1 29  ? 18.361  -3.003  5.436   1.00 63.19 ? 29  ASP A OD2   1 
ATOM   228  N  N     . ASP A 1 30  ? 12.797  -3.658  4.869   1.00 33.76 ? 30  ASP A N     1 
ATOM   229  C  CA    . ASP A 1 30  ? 11.547  -2.902  4.960   1.00 30.78 ? 30  ASP A CA    1 
ATOM   230  C  C     . ASP A 1 30  ? 10.368  -3.631  5.618   1.00 27.96 ? 30  ASP A C     1 
ATOM   231  O  O     . ASP A 1 30  ? 10.325  -4.872  5.698   1.00 31.77 ? 30  ASP A O     1 
ATOM   232  C  CB    . ASP A 1 30  ? 11.165  -2.379  3.579   1.00 29.53 ? 30  ASP A CB    1 
ATOM   233  C  CG    . ASP A 1 30  ? 12.001  -1.186  3.178   1.00 29.47 ? 30  ASP A CG    1 
ATOM   234  O  OD1   . ASP A 1 30  ? 12.084  -0.250  4.004   1.00 28.00 ? 30  ASP A OD1   1 
ATOM   235  O  OD2   . ASP A 1 30  ? 12.587  -1.185  2.071   1.00 33.94 ? 30  ASP A OD2   1 
ATOM   236  N  N     . ILE A 1 31  ? 9.433   -2.826  6.107   1.00 28.15 ? 31  ILE A N     1 
ATOM   237  C  CA    . ILE A 1 31  ? 8.148   -3.289  6.614   1.00 28.27 ? 31  ILE A CA    1 
ATOM   238  C  C     . ILE A 1 31  ? 7.081   -2.604  5.780   1.00 27.12 ? 31  ILE A C     1 
ATOM   239  O  O     . ILE A 1 31  ? 6.889   -1.380  5.878   1.00 25.11 ? 31  ILE A O     1 
ATOM   240  C  CB    . ILE A 1 31  ? 7.943   -2.912  8.102   1.00 28.85 ? 31  ILE A CB    1 
ATOM   241  C  CG1   . ILE A 1 31  ? 9.007   -3.587  8.985   1.00 32.03 ? 31  ILE A CG1   1 
ATOM   242  C  CG2   . ILE A 1 31  ? 6.555   -3.309  8.569   1.00 28.87 ? 31  ILE A CG2   1 
ATOM   243  C  CD1   . ILE A 1 31  ? 8.761   -3.412  10.494  1.00 33.88 ? 31  ILE A CD1   1 
ATOM   244  N  N     . VAL A 1 32  ? 6.408   -3.387  4.944   1.00 28.07 ? 32  VAL A N     1 
ATOM   245  C  CA    . VAL A 1 32  ? 5.461   -2.838  3.985   1.00 26.92 ? 32  VAL A CA    1 
ATOM   246  C  C     . VAL A 1 32  ? 4.029   -3.000  4.466   1.00 25.79 ? 32  VAL A C     1 
ATOM   247  O  O     . VAL A 1 32  ? 3.598   -4.106  4.765   1.00 27.67 ? 32  VAL A O     1 
ATOM   248  C  CB    . VAL A 1 32  ? 5.613   -3.503  2.595   1.00 26.57 ? 32  VAL A CB    1 
ATOM   249  C  CG1   . VAL A 1 32  ? 4.455   -3.085  1.656   1.00 23.90 ? 32  VAL A CG1   1 
ATOM   250  C  CG2   . VAL A 1 32  ? 6.968   -3.143  1.987   1.00 25.65 ? 32  VAL A CG2   1 
ATOM   251  N  N     . TYR A 1 33  ? 3.294   -1.884  4.530   1.00 24.19 ? 33  TYR A N     1 
ATOM   252  C  CA    . TYR A 1 33  ? 1.872   -1.923  4.826   1.00 24.66 ? 33  TYR A CA    1 
ATOM   253  C  C     . TYR A 1 33  ? 1.099   -1.502  3.586   1.00 25.50 ? 33  TYR A C     1 
ATOM   254  O  O     . TYR A 1 33  ? 1.394   -0.457  2.993   1.00 26.10 ? 33  TYR A O     1 
ATOM   255  C  CB    . TYR A 1 33  ? 1.527   -0.961  5.962   1.00 25.17 ? 33  TYR A CB    1 
ATOM   256  C  CG    . TYR A 1 33  ? 1.585   -1.552  7.355   1.00 28.95 ? 33  TYR A CG    1 
ATOM   257  C  CD1   . TYR A 1 33  ? 2.775   -2.043  7.879   1.00 26.37 ? 33  TYR A CD1   1 
ATOM   258  C  CD2   . TYR A 1 33  ? 0.454   -1.581  8.157   1.00 28.09 ? 33  TYR A CD2   1 
ATOM   259  C  CE1   . TYR A 1 33  ? 2.825   -2.571  9.170   1.00 28.15 ? 33  TYR A CE1   1 
ATOM   260  C  CE2   . TYR A 1 33  ? 0.490   -2.094  9.438   1.00 25.89 ? 33  TYR A CE2   1 
ATOM   261  C  CZ    . TYR A 1 33  ? 1.676   -2.597  9.936   1.00 27.98 ? 33  TYR A CZ    1 
ATOM   262  O  OH    . TYR A 1 33  ? 1.710   -3.102  11.212  1.00 29.16 ? 33  TYR A OH    1 
ATOM   263  N  N     . ASP A 1 34  ? 0.109   -2.307  3.207   1.00 25.22 ? 34  ASP A N     1 
ATOM   264  C  CA    . ASP A 1 34  ? -0.826  -1.941  2.144   1.00 23.71 ? 34  ASP A CA    1 
ATOM   265  C  C     . ASP A 1 34  ? -2.150  -1.593  2.813   1.00 26.83 ? 34  ASP A C     1 
ATOM   266  O  O     . ASP A 1 34  ? -2.737  -2.449  3.476   1.00 26.39 ? 34  ASP A O     1 
ATOM   267  C  CB    . ASP A 1 34  ? -0.995  -3.108  1.146   1.00 24.96 ? 34  ASP A CB    1 
ATOM   268  C  CG    . ASP A 1 34  ? -1.845  -2.724  -0.065  1.00 28.53 ? 34  ASP A CG    1 
ATOM   269  O  OD1   . ASP A 1 34  ? -1.960  -1.511  -0.353  1.00 30.30 ? 34  ASP A OD1   1 
ATOM   270  O  OD2   . ASP A 1 34  ? -2.392  -3.631  -0.726  1.00 32.26 ? 34  ASP A OD2   1 
ATOM   271  N  N     . LEU A 1 35  ? -2.601  -0.337  2.685   1.00 25.66 ? 35  LEU A N     1 
ATOM   272  C  CA    . LEU A 1 35  ? -3.876  0.075   3.277   1.00 27.68 ? 35  LEU A CA    1 
ATOM   273  C  C     . LEU A 1 35  ? -5.044  -0.202  2.347   1.00 27.46 ? 35  LEU A C     1 
ATOM   274  O  O     . LEU A 1 35  ? -5.206  0.476   1.327   1.00 25.44 ? 35  LEU A O     1 
ATOM   275  C  CB    . LEU A 1 35  ? -3.876  1.564   3.615   1.00 26.67 ? 35  LEU A CB    1 
ATOM   276  C  CG    . LEU A 1 35  ? -2.723  2.117   4.447   1.00 25.94 ? 35  LEU A CG    1 
ATOM   277  C  CD1   . LEU A 1 35  ? -2.895  3.628   4.587   1.00 26.44 ? 35  LEU A CD1   1 
ATOM   278  C  CD2   . LEU A 1 35  ? -2.672  1.445   5.799   1.00 29.50 ? 35  LEU A CD2   1 
ATOM   279  N  N     . GLY A 1 36  ? -5.882  -1.160  2.731   1.00 25.87 ? 36  GLY A N     1 
ATOM   280  C  CA    . GLY A 1 36  ? -6.904  -1.692  1.848   1.00 22.33 ? 36  GLY A CA    1 
ATOM   281  C  C     . GLY A 1 36  ? -6.265  -2.674  0.887   1.00 25.26 ? 36  GLY A C     1 
ATOM   282  O  O     . GLY A 1 36  ? -6.120  -2.363  -0.288  1.00 24.36 ? 36  GLY A O     1 
ATOM   283  N  N     . CYS A 1 37  ? -5.879  -3.857  1.375   1.00 26.66 ? 37  CYS A N     1 
ATOM   284  C  CA    . CYS A 1 37  ? -5.023  -4.759  0.594   1.00 25.23 ? 37  CYS A CA    1 
ATOM   285  C  C     . CYS A 1 37  ? -5.673  -5.600  -0.500  1.00 28.51 ? 37  CYS A C     1 
ATOM   286  O  O     . CYS A 1 37  ? -4.961  -6.170  -1.329  1.00 28.44 ? 37  CYS A O     1 
ATOM   287  C  CB    . CYS A 1 37  ? -4.178  -5.669  1.503   1.00 30.73 ? 37  CYS A CB    1 
ATOM   288  S  SG    . CYS A 1 37  ? -5.072  -6.902  2.486   1.00 33.17 ? 37  CYS A SG    1 
ATOM   289  N  N     . GLY A 1 38  ? -6.996  -5.717  -0.495  1.00 25.30 ? 38  GLY A N     1 
ATOM   290  C  CA    . GLY A 1 38  ? -7.684  -6.442  -1.555  1.00 24.08 ? 38  GLY A CA    1 
ATOM   291  C  C     . GLY A 1 38  ? -7.312  -7.921  -1.567  1.00 25.98 ? 38  GLY A C     1 
ATOM   292  O  O     . GLY A 1 38  ? -7.430  -8.595  -0.540  1.00 30.46 ? 38  GLY A O     1 
ATOM   293  N  N     . ASP A 1 39  ? -6.859  -8.429  -2.712  1.00 27.64 ? 39  ASP A N     1 
ATOM   294  C  CA    . ASP A 1 39  ? -6.477  -9.846  -2.813  1.00 26.74 ? 39  ASP A CA    1 
ATOM   295  C  C     . ASP A 1 39  ? -5.076  -10.142 -2.279  1.00 29.89 ? 39  ASP A C     1 
ATOM   296  O  O     . ASP A 1 39  ? -4.565  -11.247 -2.457  1.00 30.22 ? 39  ASP A O     1 
ATOM   297  C  CB    . ASP A 1 39  ? -6.654  -10.382 -4.242  1.00 29.44 ? 39  ASP A CB    1 
ATOM   298  C  CG    . ASP A 1 39  ? -5.598  -9.865  -5.210  1.00 28.15 ? 39  ASP A CG    1 
ATOM   299  O  OD1   . ASP A 1 39  ? -4.779  -8.995  -4.841  1.00 28.78 ? 39  ASP A OD1   1 
ATOM   300  O  OD2   . ASP A 1 39  ? -5.590  -10.327 -6.370  1.00 29.90 ? 39  ASP A OD2   1 
ATOM   301  N  N     . GLY A 1 40  ? -4.470  -9.144  -1.641  1.00 26.35 ? 40  GLY A N     1 
ATOM   302  C  CA    . GLY A 1 40  ? -3.151  -9.245  -1.046  1.00 27.32 ? 40  GLY A CA    1 
ATOM   303  C  C     . GLY A 1 40  ? -1.981  -9.122  -2.006  1.00 25.40 ? 40  GLY A C     1 
ATOM   304  O  O     . GLY A 1 40  ? -0.829  -9.342  -1.614  1.00 27.07 ? 40  GLY A O     1 
ATOM   305  N  N     . ARG A 1 41  ? -2.237  -8.753  -3.257  1.00 24.78 ? 41  ARG A N     1 
ATOM   306  C  CA    . ARG A 1 41  ? -1.157  -8.812  -4.250  1.00 27.64 ? 41  ARG A CA    1 
ATOM   307  C  C     . ARG A 1 41  ? 0.080   -7.968  -3.924  1.00 29.45 ? 41  ARG A C     1 
ATOM   308  O  O     . ARG A 1 41  ? 1.201   -8.367  -4.232  1.00 22.91 ? 41  ARG A O     1 
ATOM   309  C  CB    . ARG A 1 41  ? -1.668  -8.466  -5.642  1.00 30.62 ? 41  ARG A CB    1 
ATOM   310  C  CG    . ARG A 1 41  ? -2.228  -7.054  -5.747  1.00 26.81 ? 41  ARG A CG    1 
ATOM   311  C  CD    . ARG A 1 41  ? -2.693  -6.842  -7.159  1.00 27.78 ? 41  ARG A CD    1 
ATOM   312  N  NE    . ARG A 1 41  ? -3.809  -7.727  -7.443  1.00 28.54 ? 41  ARG A NE    1 
ATOM   313  C  CZ    . ARG A 1 41  ? -4.273  -7.987  -8.655  1.00 29.57 ? 41  ARG A CZ    1 
ATOM   314  N  NH1   . ARG A 1 41  ? -3.705  -7.435  -9.721  1.00 32.06 ? 41  ARG A NH1   1 
ATOM   315  N  NH2   . ARG A 1 41  ? -5.292  -8.826  -8.800  1.00 26.17 ? 41  ARG A NH2   1 
ATOM   316  N  N     . ILE A 1 42  ? -0.107  -6.799  -3.311  1.00 27.21 ? 42  ILE A N     1 
ATOM   317  C  CA    . ILE A 1 42  ? 1.043   -5.947  -3.023  1.00 28.98 ? 42  ILE A CA    1 
ATOM   318  C  C     . ILE A 1 42  ? 1.944   -6.509  -1.915  1.00 28.85 ? 42  ILE A C     1 
ATOM   319  O  O     . ILE A 1 42  ? 3.171   -6.470  -2.013  1.00 28.79 ? 42  ILE A O     1 
ATOM   320  C  CB    . ILE A 1 42  ? 0.606   -4.493  -2.664  1.00 25.80 ? 42  ILE A CB    1 
ATOM   321  C  CG1   . ILE A 1 42  ? -0.247  -3.911  -3.787  1.00 22.04 ? 42  ILE A CG1   1 
ATOM   322  C  CG2   . ILE A 1 42  ? 1.818   -3.608  -2.449  1.00 26.31 ? 42  ILE A CG2   1 
ATOM   323  C  CD1   . ILE A 1 42  ? -0.640  -2.459  -3.553  1.00 23.47 ? 42  ILE A CD1   1 
ATOM   324  N  N     . ILE A 1 43  ? 1.339   -7.009  -0.850  1.00 24.78 ? 43  ILE A N     1 
ATOM   325  C  CA    . ILE A 1 43  ? 2.130   -7.496  0.269   1.00 27.24 ? 43  ILE A CA    1 
ATOM   326  C  C     . ILE A 1 43  ? 2.729   -8.861  -0.085  1.00 29.45 ? 43  ILE A C     1 
ATOM   327  O  O     . ILE A 1 43  ? 3.788   -9.212  0.412   1.00 27.37 ? 43  ILE A O     1 
ATOM   328  C  CB    . ILE A 1 43  ? 1.329   -7.563  1.589   1.00 32.33 ? 43  ILE A CB    1 
ATOM   329  C  CG1   . ILE A 1 43  ? 0.115   -8.477  1.433   1.00 31.33 ? 43  ILE A CG1   1 
ATOM   330  C  CG2   . ILE A 1 43  ? 0.916   -6.136  2.047   1.00 28.28 ? 43  ILE A CG2   1 
ATOM   331  C  CD1   . ILE A 1 43  ? -0.459  -8.968  2.752   1.00 36.41 ? 43  ILE A CD1   1 
ATOM   332  N  N     . ILE A 1 44  ? 2.054   -9.603  -0.960  1.00 25.86 ? 44  ILE A N     1 
ATOM   333  C  CA    . ILE A 1 44  ? 2.586   -10.884 -1.429  1.00 26.95 ? 44  ILE A CA    1 
ATOM   334  C  C     . ILE A 1 44  ? 3.786   -10.658 -2.344  1.00 29.60 ? 44  ILE A C     1 
ATOM   335  O  O     . ILE A 1 44  ? 4.806   -11.320 -2.197  1.00 29.70 ? 44  ILE A O     1 
ATOM   336  C  CB    . ILE A 1 44  ? 1.511   -11.780 -2.105  1.00 27.23 ? 44  ILE A CB    1 
ATOM   337  C  CG1   . ILE A 1 44  ? 0.543   -12.334 -1.053  1.00 22.75 ? 44  ILE A CG1   1 
ATOM   338  C  CG2   . ILE A 1 44  ? 2.172   -12.986 -2.800  1.00 29.19 ? 44  ILE A CG2   1 
ATOM   339  C  CD1   . ILE A 1 44  ? -0.745  -12.837 -1.629  1.00 23.91 ? 44  ILE A CD1   1 
ATOM   340  N  N     . THR A 1 45  ? 3.670   -9.716  -3.274  1.00 29.56 ? 45  THR A N     1 
ATOM   341  C  CA    . THR A 1 45  ? 4.798   -9.355  -4.131  1.00 28.47 ? 45  THR A CA    1 
ATOM   342  C  C     . THR A 1 45  ? 5.967   -8.805  -3.314  1.00 29.74 ? 45  THR A C     1 
ATOM   343  O  O     . THR A 1 45  ? 7.128   -9.176  -3.547  1.00 37.76 ? 45  THR A O     1 
ATOM   344  C  CB    . THR A 1 45  ? 4.410   -8.318  -5.184  1.00 27.48 ? 45  THR A CB    1 
ATOM   345  O  OG1   . THR A 1 45  ? 3.331   -8.826  -5.983  1.00 29.74 ? 45  THR A OG1   1 
ATOM   346  C  CG2   . THR A 1 45  ? 5.599   -8.018  -6.081  1.00 27.87 ? 45  THR A CG2   1 
ATOM   347  N  N     . ALA A 1 46  ? 5.660   -7.924  -2.360  1.00 27.51 ? 46  ALA A N     1 
ATOM   348  C  CA    . ALA A 1 46  ? 6.678   -7.418  -1.442  1.00 30.66 ? 46  ALA A CA    1 
ATOM   349  C  C     . ALA A 1 46  ? 7.476   -8.547  -0.772  1.00 28.64 ? 46  ALA A C     1 
ATOM   350  O  O     . ALA A 1 46  ? 8.699   -8.491  -0.711  1.00 28.97 ? 46  ALA A O     1 
ATOM   351  C  CB    . ALA A 1 46  ? 6.047   -6.542  -0.381  1.00 27.03 ? 46  ALA A CB    1 
ATOM   352  N  N     . ALA A 1 47  ? 6.774   -9.546  -0.253  1.00 30.55 ? 47  ALA A N     1 
ATOM   353  C  CA    . ALA A 1 47  ? 7.428   -10.610 0.491   1.00 31.50 ? 47  ALA A CA    1 
ATOM   354  C  C     . ALA A 1 47  ? 8.164   -11.533 -0.470  1.00 34.69 ? 47  ALA A C     1 
ATOM   355  O  O     . ALA A 1 47  ? 9.326   -11.863 -0.265  1.00 39.96 ? 47  ALA A O     1 
ATOM   356  C  CB    . ALA A 1 47  ? 6.405   -11.393 1.316   1.00 29.56 ? 47  ALA A CB    1 
ATOM   357  N  N     . LYS A 1 48  ? 7.471   -11.920 -1.533  1.00 36.65 ? 48  LYS A N     1 
ATOM   358  C  CA    . LYS A 1 48  ? 7.928   -12.964 -2.436  1.00 42.37 ? 48  LYS A CA    1 
ATOM   359  C  C     . LYS A 1 48  ? 9.007   -12.488 -3.406  1.00 41.47 ? 48  LYS A C     1 
ATOM   360  O  O     . LYS A 1 48  ? 9.955   -13.216 -3.681  1.00 43.82 ? 48  LYS A O     1 
ATOM   361  C  CB    . LYS A 1 48  ? 6.723   -13.553 -3.176  1.00 42.79 ? 48  LYS A CB    1 
ATOM   362  C  CG    . LYS A 1 48  ? 7.030   -14.242 -4.488  1.00 53.05 ? 48  LYS A CG    1 
ATOM   363  C  CD    . LYS A 1 48  ? 5.746   -14.817 -5.081  1.00 52.53 ? 48  LYS A CD    1 
ATOM   364  C  CE    . LYS A 1 48  ? 5.689   -14.607 -6.585  1.00 60.62 ? 48  LYS A CE    1 
ATOM   365  N  NZ    . LYS A 1 48  ? 4.535   -15.312 -7.211  1.00 59.44 ? 48  LYS A NZ    1 
ATOM   366  N  N     . ASP A 1 49  ? 8.879   -11.263 -3.908  1.00 37.11 ? 49  ASP A N     1 
ATOM   367  C  CA    . ASP A 1 49  ? 9.844   -10.751 -4.875  1.00 35.92 ? 49  ASP A CA    1 
ATOM   368  C  C     . ASP A 1 49  ? 10.835  -9.736  -4.307  1.00 38.03 ? 49  ASP A C     1 
ATOM   369  O  O     . ASP A 1 49  ? 11.912  -9.536  -4.873  1.00 36.45 ? 49  ASP A O     1 
ATOM   370  C  CB    . ASP A 1 49  ? 9.138   -10.123 -6.078  1.00 38.64 ? 49  ASP A CB    1 
ATOM   371  C  CG    . ASP A 1 49  ? 8.334   -11.132 -6.874  1.00 45.74 ? 49  ASP A CG    1 
ATOM   372  O  OD1   . ASP A 1 49  ? 8.664   -12.341 -6.805  1.00 43.02 ? 49  ASP A OD1   1 
ATOM   373  O  OD2   . ASP A 1 49  ? 7.369   -10.721 -7.555  1.00 49.43 ? 49  ASP A OD2   1 
ATOM   374  N  N     . PHE A 1 50  ? 10.467  -9.064  -3.219  1.00 31.32 ? 50  PHE A N     1 
ATOM   375  C  CA    . PHE A 1 50  ? 11.329  -8.011  -2.680  1.00 31.66 ? 50  PHE A CA    1 
ATOM   376  C  C     . PHE A 1 50  ? 11.944  -8.388  -1.337  1.00 34.00 ? 50  PHE A C     1 
ATOM   377  O  O     . PHE A 1 50  ? 12.690  -7.604  -0.744  1.00 38.37 ? 50  PHE A O     1 
ATOM   378  C  CB    . PHE A 1 50  ? 10.568  -6.683  -2.586  1.00 35.34 ? 50  PHE A CB    1 
ATOM   379  C  CG    . PHE A 1 50  ? 10.278  -6.057  -3.924  1.00 35.82 ? 50  PHE A CG    1 
ATOM   380  C  CD1   . PHE A 1 50  ? 9.245   -6.534  -4.725  1.00 31.73 ? 50  PHE A CD1   1 
ATOM   381  C  CD2   . PHE A 1 50  ? 11.037  -4.990  -4.382  1.00 31.77 ? 50  PHE A CD2   1 
ATOM   382  C  CE1   . PHE A 1 50  ? 8.981   -5.961  -5.963  1.00 36.56 ? 50  PHE A CE1   1 
ATOM   383  C  CE2   . PHE A 1 50  ? 10.778  -4.410  -5.615  1.00 32.10 ? 50  PHE A CE2   1 
ATOM   384  C  CZ    . PHE A 1 50  ? 9.752   -4.899  -6.411  1.00 32.72 ? 50  PHE A CZ    1 
ATOM   385  N  N     . ASN A 1 51  ? 11.610  -9.582  -0.859  1.00 35.58 ? 51  ASN A N     1 
ATOM   386  C  CA    . ASN A 1 51  ? 12.275  -10.166 0.302   1.00 38.73 ? 51  ASN A CA    1 
ATOM   387  C  C     . ASN A 1 51  ? 12.055  -9.429  1.615   1.00 42.46 ? 51  ASN A C     1 
ATOM   388  O  O     . ASN A 1 51  ? 12.876  -9.551  2.530   1.00 35.96 ? 51  ASN A O     1 
ATOM   389  C  CB    . ASN A 1 51  ? 13.779  -10.265 0.042   1.00 49.70 ? 51  ASN A CB    1 
ATOM   390  C  CG    . ASN A 1 51  ? 14.210  -11.657 -0.308  1.00 59.82 ? 51  ASN A CG    1 
ATOM   391  O  OD1   . ASN A 1 51  ? 15.181  -12.174 0.246   1.00 56.97 ? 51  ASN A OD1   1 
ATOM   392  N  ND2   . ASN A 1 51  ? 13.477  -12.291 -1.220  1.00 66.25 ? 51  ASN A ND2   1 
ATOM   393  N  N     . VAL A 1 52  ? 10.964  -8.667  1.712   1.00 39.50 ? 52  VAL A N     1 
ATOM   394  C  CA    . VAL A 1 52  ? 10.763  -7.817  2.883   1.00 31.71 ? 52  VAL A CA    1 
ATOM   395  C  C     . VAL A 1 52  ? 10.636  -8.638  4.156   1.00 32.90 ? 52  VAL A C     1 
ATOM   396  O  O     . VAL A 1 52  ? 10.142  -9.763  4.141   1.00 31.00 ? 52  VAL A O     1 
ATOM   397  C  CB    . VAL A 1 52  ? 9.572   -6.837  2.712   1.00 31.65 ? 52  VAL A CB    1 
ATOM   398  C  CG1   . VAL A 1 52  ? 9.772   -6.067  1.459   1.00 27.75 ? 52  VAL A CG1   1 
ATOM   399  C  CG2   . VAL A 1 52  ? 8.240   -7.564  2.656   1.00 26.76 ? 52  VAL A CG2   1 
ATOM   400  N  N     . LYS A 1 53  ? 11.114  -8.088  5.262   1.00 32.95 ? 53  LYS A N     1 
ATOM   401  C  CA    . LYS A 1 53  ? 11.072  -8.837  6.502   1.00 31.51 ? 53  LYS A CA    1 
ATOM   402  C  C     . LYS A 1 53  ? 9.656   -8.958  7.036   1.00 34.47 ? 53  LYS A C     1 
ATOM   403  O  O     . LYS A 1 53  ? 9.344   -9.885  7.774   1.00 32.39 ? 53  LYS A O     1 
ATOM   404  C  CB    . LYS A 1 53  ? 12.016  -8.242  7.545   1.00 34.07 ? 53  LYS A CB    1 
ATOM   405  C  CG    . LYS A 1 53  ? 11.666  -6.859  8.018   1.00 33.29 ? 53  LYS A CG    1 
ATOM   406  C  CD    . LYS A 1 53  ? 12.653  -6.419  9.086   1.00 36.28 ? 53  LYS A CD    1 
ATOM   407  C  CE    . LYS A 1 53  ? 12.296  -5.063  9.649   1.00 36.45 ? 53  LYS A CE    1 
ATOM   408  N  NZ    . LYS A 1 53  ? 13.397  -4.541  10.520  1.00 49.87 ? 53  LYS A NZ    1 
ATOM   409  N  N     . LYS A 1 54  ? 8.790   -8.026  6.645   1.00 33.93 ? 54  LYS A N     1 
ATOM   410  C  CA    . LYS A 1 54  ? 7.423   -8.038  7.139   1.00 30.85 ? 54  LYS A CA    1 
ATOM   411  C  C     . LYS A 1 54  ? 6.503   -7.255  6.212   1.00 35.45 ? 54  LYS A C     1 
ATOM   412  O  O     . LYS A 1 54  ? 6.819   -6.133  5.832   1.00 32.19 ? 54  LYS A O     1 
ATOM   413  C  CB    . LYS A 1 54  ? 7.352   -7.448  8.554   1.00 31.45 ? 54  LYS A CB    1 
ATOM   414  C  CG    . LYS A 1 54  ? 5.986   -7.624  9.203   1.00 35.33 ? 54  LYS A CG    1 
ATOM   415  C  CD    . LYS A 1 54  ? 5.954   -7.181  10.658  1.00 32.68 ? 54  LYS A CD    1 
ATOM   416  C  CE    . LYS A 1 54  ? 4.566   -7.435  11.241  1.00 31.56 ? 54  LYS A CE    1 
ATOM   417  N  NZ    . LYS A 1 54  ? 4.389   -6.903  12.630  1.00 30.79 ? 54  LYS A NZ    1 
ATOM   418  N  N     . ALA A 1 55  ? 5.377   -7.865  5.845   1.00 29.18 ? 55  ALA A N     1 
ATOM   419  C  CA    . ALA A 1 55  ? 4.358   -7.191  5.033   1.00 26.66 ? 55  ALA A CA    1 
ATOM   420  C  C     . ALA A 1 55  ? 2.996   -7.411  5.670   1.00 27.57 ? 55  ALA A C     1 
ATOM   421  O  O     . ALA A 1 55  ? 2.662   -8.512  6.090   1.00 31.05 ? 55  ALA A O     1 
ATOM   422  C  CB    . ALA A 1 55  ? 4.377   -7.696  3.600   1.00 26.81 ? 55  ALA A CB    1 
ATOM   423  N  N     . VAL A 1 56  ? 2.221   -6.336  5.772   1.00 28.01 ? 56  VAL A N     1 
ATOM   424  C  CA    . VAL A 1 56  ? 0.950   -6.373  6.476   1.00 24.89 ? 56  VAL A CA    1 
ATOM   425  C  C     . VAL A 1 56  ? -0.087  -5.690  5.591   1.00 28.97 ? 56  VAL A C     1 
ATOM   426  O  O     . VAL A 1 56  ? 0.120   -4.567  5.159   1.00 27.69 ? 56  VAL A O     1 
ATOM   427  C  CB    . VAL A 1 56  ? 1.040   -5.610  7.831   1.00 27.79 ? 56  VAL A CB    1 
ATOM   428  C  CG1   . VAL A 1 56  ? -0.334  -5.532  8.515   1.00 27.01 ? 56  VAL A CG1   1 
ATOM   429  C  CG2   . VAL A 1 56  ? 2.090   -6.259  8.747   1.00 28.63 ? 56  VAL A CG2   1 
ATOM   430  N  N     . GLY A 1 57  ? -1.172  -6.388  5.285   1.00 28.43 ? 57  GLY A N     1 
ATOM   431  C  CA    . GLY A 1 57  ? -2.270  -5.781  4.560   1.00 26.54 ? 57  GLY A CA    1 
ATOM   432  C  C     . GLY A 1 57  ? -3.425  -5.536  5.509   1.00 26.62 ? 57  GLY A C     1 
ATOM   433  O  O     . GLY A 1 57  ? -3.754  -6.385  6.351   1.00 28.72 ? 57  GLY A O     1 
ATOM   434  N  N     . VAL A 1 58  ? -4.047  -4.371  5.388   1.00 27.76 ? 58  VAL A N     1 
ATOM   435  C  CA    . VAL A 1 58  ? -5.216  -4.087  6.194   1.00 29.17 ? 58  VAL A CA    1 
ATOM   436  C  C     . VAL A 1 58  ? -6.436  -4.142  5.287   1.00 27.94 ? 58  VAL A C     1 
ATOM   437  O  O     . VAL A 1 58  ? -6.454  -3.534  4.226   1.00 22.61 ? 58  VAL A O     1 
ATOM   438  C  CB    . VAL A 1 58  ? -5.111  -2.711  6.867   1.00 29.71 ? 58  VAL A CB    1 
ATOM   439  C  CG1   . VAL A 1 58  ? -6.200  -2.564  7.922   1.00 30.98 ? 58  VAL A CG1   1 
ATOM   440  C  CG2   . VAL A 1 58  ? -3.728  -2.520  7.478   1.00 29.50 ? 58  VAL A CG2   1 
ATOM   441  N  N     . GLU A 1 59  ? -7.460  -4.871  5.695   1.00 25.75 ? 59  GLU A N     1 
ATOM   442  C  CA    . GLU A 1 59  ? -8.604  -5.058  4.822   1.00 23.79 ? 59  GLU A CA    1 
ATOM   443  C  C     . GLU A 1 59  ? -9.849  -5.252  5.672   1.00 30.19 ? 59  GLU A C     1 
ATOM   444  O  O     . GLU A 1 59  ? -9.799  -5.886  6.728   1.00 30.99 ? 59  GLU A O     1 
ATOM   445  C  CB    . GLU A 1 59  ? -8.357  -6.245  3.872   1.00 25.48 ? 59  GLU A CB    1 
ATOM   446  C  CG    . GLU A 1 59  ? -9.569  -6.674  3.063   1.00 25.23 ? 59  GLU A CG    1 
ATOM   447  C  CD    . GLU A 1 59  ? -10.118 -5.567  2.177   1.00 28.85 ? 59  GLU A CD    1 
ATOM   448  O  OE1   . GLU A 1 59  ? -9.380  -5.102  1.282   1.00 27.30 ? 59  GLU A OE1   1 
ATOM   449  O  OE2   . GLU A 1 59  ? -11.286 -5.156  2.386   1.00 28.46 ? 59  GLU A OE2   1 
ATOM   450  N  N     . ILE A 1 60  ? -10.959 -4.696  5.217   1.00 26.83 ? 60  ILE A N     1 
ATOM   451  C  CA    . ILE A 1 60  ? -12.171 -4.694  6.014   1.00 30.79 ? 60  ILE A CA    1 
ATOM   452  C  C     . ILE A 1 60  ? -13.232 -5.626  5.430   1.00 30.65 ? 60  ILE A C     1 
ATOM   453  O  O     . ILE A 1 60  ? -14.146 -6.063  6.126   1.00 30.88 ? 60  ILE A O     1 
ATOM   454  C  CB    . ILE A 1 60  ? -12.729 -3.265  6.156   1.00 34.20 ? 60  ILE A CB    1 
ATOM   455  C  CG1   . ILE A 1 60  ? -13.807 -3.228  7.239   1.00 34.40 ? 60  ILE A CG1   1 
ATOM   456  C  CG2   . ILE A 1 60  ? -13.249 -2.749  4.803   1.00 28.38 ? 60  ILE A CG2   1 
ATOM   457  C  CD1   . ILE A 1 60  ? -14.309 -1.843  7.584   1.00 36.17 ? 60  ILE A CD1   1 
ATOM   458  N  N     . ASN A 1 61  ? -13.103 -5.953  4.152   1.00 27.72 ? 61  ASN A N     1 
ATOM   459  C  CA    . ASN A 1 61  ? -14.083 -6.824  3.521   1.00 29.39 ? 61  ASN A CA    1 
ATOM   460  C  C     . ASN A 1 61  ? -13.728 -8.315  3.702   1.00 31.03 ? 61  ASN A C     1 
ATOM   461  O  O     . ASN A 1 61  ? -12.611 -8.746  3.371   1.00 25.38 ? 61  ASN A O     1 
ATOM   462  C  CB    . ASN A 1 61  ? -14.246 -6.457  2.047   1.00 29.91 ? 61  ASN A CB    1 
ATOM   463  C  CG    . ASN A 1 61  ? -15.194 -7.390  1.318   1.00 37.17 ? 61  ASN A CG    1 
ATOM   464  O  OD1   . ASN A 1 61  ? -14.843 -8.527  1.012   1.00 36.82 ? 61  ASN A OD1   1 
ATOM   465  N  ND2   . ASN A 1 61  ? -16.392 -6.913  1.032   1.00 37.97 ? 61  ASN A ND2   1 
ATOM   466  N  N     . ASP A 1 62  ? -14.677 -9.090  4.227   1.00 28.06 ? 62  ASP A N     1 
ATOM   467  C  CA    . ASP A 1 62  ? -14.390 -10.467 4.663   1.00 30.99 ? 62  ASP A CA    1 
ATOM   468  C  C     . ASP A 1 62  ? -14.064 -11.391 3.509   1.00 27.58 ? 62  ASP A C     1 
ATOM   469  O  O     . ASP A 1 62  ? -13.207 -12.271 3.637   1.00 24.06 ? 62  ASP A O     1 
ATOM   470  C  CB    . ASP A 1 62  ? -15.531 -11.043 5.516   1.00 38.76 ? 62  ASP A CB    1 
ATOM   471  C  CG    . ASP A 1 62  ? -15.692 -10.315 6.843   1.00 46.59 ? 62  ASP A CG    1 
ATOM   472  O  OD1   . ASP A 1 62  ? -14.832 -10.493 7.727   1.00 50.52 ? 62  ASP A OD1   1 
ATOM   473  O  OD2   . ASP A 1 62  ? -16.674 -9.558  7.000   1.00 53.26 ? 62  ASP A OD2   1 
ATOM   474  N  N     . GLU A 1 63  ? -14.746 -11.191 2.387   1.00 32.41 ? 63  GLU A N     1 
ATOM   475  C  CA    . GLU A 1 63  ? -14.506 -11.983 1.198   1.00 35.69 ? 63  GLU A CA    1 
ATOM   476  C  C     . GLU A 1 63  ? -13.095 -11.703 0.680   1.00 34.57 ? 63  GLU A C     1 
ATOM   477  O  O     . GLU A 1 63  ? -12.398 -12.614 0.228   1.00 31.49 ? 63  GLU A O     1 
ATOM   478  C  CB    . GLU A 1 63  ? -15.562 -11.670 0.140   1.00 35.76 ? 63  GLU A CB    1 
ATOM   479  C  CG    . GLU A 1 63  ? -15.418 -12.456 -1.131  1.00 50.72 ? 63  GLU A CG    1 
ATOM   480  C  CD    . GLU A 1 63  ? -16.479 -12.101 -2.156  1.00 60.87 ? 63  GLU A CD    1 
ATOM   481  O  OE1   . GLU A 1 63  ? -16.665 -10.895 -2.440  1.00 60.77 ? 63  GLU A OE1   1 
ATOM   482  O  OE2   . GLU A 1 63  ? -17.126 -13.033 -2.682  1.00 66.86 ? 63  GLU A OE2   1 
ATOM   483  N  N     . ARG A 1 64  ? -12.669 -10.446 0.773   1.00 34.29 ? 64  ARG A N     1 
ATOM   484  C  CA    . ARG A 1 64  ? -11.331 -10.067 0.328   1.00 29.19 ? 64  ARG A CA    1 
ATOM   485  C  C     . ARG A 1 64  ? -10.250 -10.627 1.250   1.00 29.34 ? 64  ARG A C     1 
ATOM   486  O  O     . ARG A 1 64  ? -9.195  -11.054 0.781   1.00 29.86 ? 64  ARG A O     1 
ATOM   487  C  CB    . ARG A 1 64  ? -11.186 -8.542  0.207   1.00 34.34 ? 64  ARG A CB    1 
ATOM   488  C  CG    . ARG A 1 64  ? -12.093 -7.860  -0.836  1.00 35.14 ? 64  ARG A CG    1 
ATOM   489  C  CD    . ARG A 1 64  ? -11.632 -8.056  -2.283  1.00 36.23 ? 64  ARG A CD    1 
ATOM   490  N  NE    . ARG A 1 64  ? -11.797 -9.432  -2.748  1.00 47.93 ? 64  ARG A NE    1 
ATOM   491  C  CZ    . ARG A 1 64  ? -12.933 -9.950  -3.211  1.00 50.45 ? 64  ARG A CZ    1 
ATOM   492  N  NH1   . ARG A 1 64  ? -12.963 -11.219 -3.602  1.00 56.79 ? 64  ARG A NH1   1 
ATOM   493  N  NH2   . ARG A 1 64  ? -14.036 -9.211  -3.280  1.00 50.62 ? 64  ARG A NH2   1 
ATOM   494  N  N     . ILE A 1 65  ? -10.521 -10.621 2.554   1.00 31.35 ? 65  ILE A N     1 
ATOM   495  C  CA    . ILE A 1 65  ? -9.606  -11.190 3.534   1.00 26.94 ? 65  ILE A CA    1 
ATOM   496  C  C     . ILE A 1 65  ? -9.377  -12.673 3.233   1.00 29.51 ? 65  ILE A C     1 
ATOM   497  O  O     . ILE A 1 65  ? -8.235  -13.140 3.184   1.00 26.37 ? 65  ILE A O     1 
ATOM   498  C  CB    . ILE A 1 65  ? -10.124 -10.994 4.982   1.00 30.57 ? 65  ILE A CB    1 
ATOM   499  C  CG1   . ILE A 1 65  ? -10.049 -9.518  5.373   1.00 28.37 ? 65  ILE A CG1   1 
ATOM   500  C  CG2   . ILE A 1 65  ? -9.314  -11.830 5.976   1.00 26.43 ? 65  ILE A CG2   1 
ATOM   501  C  CD1   . ILE A 1 65  ? -10.843 -9.166  6.606   1.00 28.79 ? 65  ILE A CD1   1 
ATOM   502  N  N     . ARG A 1 66  ? -10.452 -13.418 2.988   1.00 27.24 ? 66  ARG A N     1 
ATOM   503  C  CA    . ARG A 1 66  ? -10.285 -14.838 2.655   1.00 30.45 ? 66  ARG A CA    1 
ATOM   504  C  C     . ARG A 1 66  ? -9.458  -15.069 1.386   1.00 29.10 ? 66  ARG A C     1 
ATOM   505  O  O     . ARG A 1 66  ? -8.664  -16.006 1.329   1.00 28.82 ? 66  ARG A O     1 
ATOM   506  C  CB    . ARG A 1 66  ? -11.636 -15.549 2.524   1.00 32.66 ? 66  ARG A CB    1 
ATOM   507  C  CG    . ARG A 1 66  ? -12.420 -15.649 3.819   1.00 31.96 ? 66  ARG A CG    1 
ATOM   508  C  CD    . ARG A 1 66  ? -13.545 -16.654 3.673   1.00 32.51 ? 66  ARG A CD    1 
ATOM   509  N  NE    . ARG A 1 66  ? -14.449 -16.274 2.597   1.00 35.29 ? 66  ARG A NE    1 
ATOM   510  C  CZ    . ARG A 1 66  ? -15.465 -15.431 2.744   1.00 38.65 ? 66  ARG A CZ    1 
ATOM   511  N  NH1   . ARG A 1 66  ? -15.700 -14.875 3.923   1.00 35.14 ? 66  ARG A NH1   1 
ATOM   512  N  NH2   . ARG A 1 66  ? -16.241 -15.139 1.710   1.00 44.29 ? 66  ARG A NH2   1 
ATOM   513  N  N     . GLU A 1 67  ? -9.649  -14.236 0.361   1.00 26.95 ? 67  GLU A N     1 
ATOM   514  C  CA    . GLU A 1 67  ? -8.880  -14.396 -0.877  1.00 28.59 ? 67  GLU A CA    1 
ATOM   515  C  C     . GLU A 1 67  ? -7.403  -14.091 -0.620  1.00 25.85 ? 67  GLU A C     1 
ATOM   516  O  O     . GLU A 1 67  ? -6.522  -14.849 -1.029  1.00 27.53 ? 67  GLU A O     1 
ATOM   517  C  CB    . GLU A 1 67  ? -9.420  -13.510 -2.003  1.00 31.48 ? 67  GLU A CB    1 
ATOM   518  C  CG    . GLU A 1 67  ? -8.711  -13.748 -3.342  1.00 34.64 ? 67  GLU A CG    1 
ATOM   519  C  CD    . GLU A 1 67  ? -9.251  -12.885 -4.463  1.00 41.31 ? 67  GLU A CD    1 
ATOM   520  O  OE1   . GLU A 1 67  ? -10.022 -11.943 -4.175  1.00 44.87 ? 67  GLU A OE1   1 
ATOM   521  O  OE2   . GLU A 1 67  ? -8.904  -13.149 -5.636  1.00 38.84 ? 67  GLU A OE2   1 
ATOM   522  N  N     . ALA A 1 68  ? -7.149  -12.999 0.098   1.00 26.64 ? 68  ALA A N     1 
ATOM   523  C  CA    . ALA A 1 68  ? -5.793  -12.574 0.438   1.00 30.03 ? 68  ALA A CA    1 
ATOM   524  C  C     . ALA A 1 68  ? -5.056  -13.636 1.268   1.00 29.31 ? 68  ALA A C     1 
ATOM   525  O  O     . ALA A 1 68  ? -3.898  -13.974 0.980   1.00 29.75 ? 68  ALA A O     1 
ATOM   526  C  CB    . ALA A 1 68  ? -5.836  -11.235 1.187   1.00 27.52 ? 68  ALA A CB    1 
ATOM   527  N  N     . LEU A 1 69  ? -5.732  -14.154 2.293   1.00 26.55 ? 69  LEU A N     1 
ATOM   528  C  CA    . LEU A 1 69  ? -5.143  -15.200 3.132   1.00 27.11 ? 69  LEU A CA    1 
ATOM   529  C  C     . LEU A 1 69  ? -4.880  -16.440 2.306   1.00 32.51 ? 69  LEU A C     1 
ATOM   530  O  O     . LEU A 1 69  ? -3.866  -17.119 2.498   1.00 34.36 ? 69  LEU A O     1 
ATOM   531  C  CB    . LEU A 1 69  ? -6.045  -15.556 4.326   1.00 25.17 ? 69  LEU A CB    1 
ATOM   532  C  CG    . LEU A 1 69  ? -6.192  -14.556 5.481   1.00 29.34 ? 69  LEU A CG    1 
ATOM   533  C  CD1   . LEU A 1 69  ? -7.214  -15.065 6.490   1.00 30.48 ? 69  LEU A CD1   1 
ATOM   534  C  CD2   . LEU A 1 69  ? -4.867  -14.296 6.165   1.00 30.96 ? 69  LEU A CD2   1 
ATOM   535  N  N     . ALA A 1 70  ? -5.799  -16.736 1.390   1.00 31.29 ? 70  ALA A N     1 
ATOM   536  C  CA    . ALA A 1 70  ? -5.642  -17.889 0.514   1.00 31.91 ? 70  ALA A CA    1 
ATOM   537  C  C     . ALA A 1 70  ? -4.459  -17.689 -0.425  1.00 30.87 ? 70  ALA A C     1 
ATOM   538  O  O     . ALA A 1 70  ? -3.715  -18.621 -0.694  1.00 30.42 ? 70  ALA A O     1 
ATOM   539  C  CB    . ALA A 1 70  ? -6.914  -18.155 -0.268  1.00 33.18 ? 70  ALA A CB    1 
ATOM   540  N  N     . ASN A 1 71  ? -4.295  -16.470 -0.924  1.00 28.48 ? 71  ASN A N     1 
ATOM   541  C  CA    . ASN A 1 71  ? -3.172  -16.143 -1.791  1.00 32.04 ? 71  ASN A CA    1 
ATOM   542  C  C     . ASN A 1 71  ? -1.820  -16.209 -1.068  1.00 30.97 ? 71  ASN A C     1 
ATOM   543  O  O     . ASN A 1 71  ? -0.814  -16.630 -1.648  1.00 31.19 ? 71  ASN A O     1 
ATOM   544  C  CB    . ASN A 1 71  ? -3.383  -14.771 -2.445  1.00 32.55 ? 71  ASN A CB    1 
ATOM   545  C  CG    . ASN A 1 71  ? -4.370  -14.819 -3.588  1.00 37.02 ? 71  ASN A CG    1 
ATOM   546  O  OD1   . ASN A 1 71  ? -4.678  -15.896 -4.109  1.00 41.70 ? 71  ASN A OD1   1 
ATOM   547  N  ND2   . ASN A 1 71  ? -4.867  -13.653 -3.998  1.00 37.50 ? 71  ASN A ND2   1 
ATOM   548  N  N     . ILE A 1 72  ? -1.806  -15.798 0.196   1.00 28.74 ? 72  ILE A N     1 
ATOM   549  C  CA    . ILE A 1 72  ? -0.599  -15.853 1.021   1.00 29.99 ? 72  ILE A CA    1 
ATOM   550  C  C     . ILE A 1 72  ? -0.169  -17.308 1.221   1.00 32.62 ? 72  ILE A C     1 
ATOM   551  O  O     . ILE A 1 72  ? 1.004   -17.655 1.055   1.00 29.62 ? 72  ILE A O     1 
ATOM   552  C  CB    . ILE A 1 72  ? -0.834  -15.166 2.383   1.00 32.83 ? 72  ILE A CB    1 
ATOM   553  C  CG1   . ILE A 1 72  ? -0.846  -13.641 2.206   1.00 34.71 ? 72  ILE A CG1   1 
ATOM   554  C  CG2   . ILE A 1 72  ? 0.228   -15.567 3.391   1.00 38.96 ? 72  ILE A CG2   1 
ATOM   555  C  CD1   . ILE A 1 72  ? -1.318  -12.862 3.431   1.00 34.22 ? 72  ILE A CD1   1 
ATOM   556  N  N     . GLU A 1 73  ? -1.131  -18.158 1.561   1.00 31.92 ? 73  GLU A N     1 
ATOM   557  C  CA    . GLU A 1 73  ? -0.870  -19.584 1.740   1.00 33.97 ? 73  GLU A CA    1 
ATOM   558  C  C     . GLU A 1 73  ? -0.310  -20.238 0.489   1.00 31.18 ? 73  GLU A C     1 
ATOM   559  O  O     . GLU A 1 73  ? 0.671   -20.982 0.565   1.00 30.90 ? 73  GLU A O     1 
ATOM   560  C  CB    . GLU A 1 73  ? -2.137  -20.331 2.173   1.00 39.63 ? 73  GLU A CB    1 
ATOM   561  C  CG    . GLU A 1 73  ? -2.625  -19.993 3.576   1.00 49.68 ? 73  GLU A CG    1 
ATOM   562  C  CD    . GLU A 1 73  ? -3.644  -20.998 4.098   1.00 59.90 ? 73  GLU A CD    1 
ATOM   563  O  OE1   . GLU A 1 73  ? -3.945  -21.974 3.374   1.00 58.59 ? 73  GLU A OE1   1 
ATOM   564  O  OE2   . GLU A 1 73  ? -4.140  -20.811 5.231   1.00 57.71 ? 73  GLU A OE2   1 
ATOM   565  N  N     . LYS A 1 74  ? -0.931  -19.985 -0.661  1.00 31.14 ? 74  LYS A N     1 
ATOM   566  C  CA    . LYS A 1 74  ? -0.527  -20.679 -1.888  1.00 33.32 ? 74  LYS A CA    1 
ATOM   567  C  C     . LYS A 1 74  ? 0.825   -20.184 -2.397  1.00 36.49 ? 74  LYS A C     1 
ATOM   568  O  O     . LYS A 1 74  ? 1.489   -20.861 -3.186  1.00 34.66 ? 74  LYS A O     1 
ATOM   569  C  CB    . LYS A 1 74  ? -1.607  -20.587 -2.979  1.00 36.97 ? 74  LYS A CB    1 
ATOM   570  C  CG    . LYS A 1 74  ? -1.377  -19.492 -3.998  1.00 37.98 ? 74  LYS A CG    1 
ATOM   571  C  CD    . LYS A 1 74  ? -2.626  -19.285 -4.867  1.00 47.45 ? 74  LYS A CD    1 
ATOM   572  C  CE    . LYS A 1 74  ? -2.588  -17.938 -5.588  1.00 48.17 ? 74  LYS A CE    1 
ATOM   573  N  NZ    . LYS A 1 74  ? -3.834  -17.681 -6.362  1.00 47.66 ? 74  LYS A NZ    1 
ATOM   574  N  N     . ASN A 1 75  ? 1.232   -19.002 -1.936  1.00 32.42 ? 75  ASN A N     1 
ATOM   575  C  CA    . ASN A 1 75  ? 2.562   -18.485 -2.252  1.00 31.89 ? 75  ASN A CA    1 
ATOM   576  C  C     . ASN A 1 75  ? 3.606   -18.835 -1.188  1.00 30.28 ? 75  ASN A C     1 
ATOM   577  O  O     . ASN A 1 75  ? 4.785   -18.523 -1.343  1.00 29.00 ? 75  ASN A O     1 
ATOM   578  C  CB    . ASN A 1 75  ? 2.525   -16.971 -2.481  1.00 32.34 ? 75  ASN A CB    1 
ATOM   579  C  CG    . ASN A 1 75  ? 1.942   -16.606 -3.828  1.00 34.74 ? 75  ASN A CG    1 
ATOM   580  O  OD1   . ASN A 1 75  ? 2.644   -16.609 -4.840  1.00 39.16 ? 75  ASN A OD1   1 
ATOM   581  N  ND2   . ASN A 1 75  ? 0.649   -16.289 -3.850  1.00 26.71 ? 75  ASN A ND2   1 
ATOM   582  N  N     . GLY A 1 76  ? 3.162   -19.461 -0.105  1.00 30.17 ? 76  GLY A N     1 
ATOM   583  C  CA    . GLY A 1 76  ? 4.073   -19.927 0.934   1.00 27.33 ? 76  GLY A CA    1 
ATOM   584  C  C     . GLY A 1 76  ? 4.697   -18.853 1.812   1.00 29.91 ? 76  GLY A C     1 
ATOM   585  O  O     . GLY A 1 76  ? 5.674   -19.121 2.496   1.00 26.91 ? 76  GLY A O     1 
ATOM   586  N  N     . VAL A 1 77  ? 4.125   -17.650 1.824   1.00 28.72 ? 77  VAL A N     1 
ATOM   587  C  CA    . VAL A 1 77  ? 4.743   -16.532 2.555   1.00 31.05 ? 77  VAL A CA    1 
ATOM   588  C  C     . VAL A 1 77  ? 4.127   -16.208 3.924   1.00 30.60 ? 77  VAL A C     1 
ATOM   589  O  O     . VAL A 1 77  ? 4.320   -15.110 4.458   1.00 35.36 ? 77  VAL A O     1 
ATOM   590  C  CB    . VAL A 1 77  ? 4.801   -15.251 1.690   1.00 34.90 ? 77  VAL A CB    1 
ATOM   591  C  CG1   . VAL A 1 77  ? 5.778   -15.444 0.524   1.00 30.59 ? 77  VAL A CG1   1 
ATOM   592  C  CG2   . VAL A 1 77  ? 3.413   -14.887 1.181   1.00 32.17 ? 77  VAL A CG2   1 
ATOM   593  N  N     . THR A 1 78  ? 3.421   -17.173 4.504   1.00 31.53 ? 78  THR A N     1 
ATOM   594  C  CA    . THR A 1 78  ? 2.767   -16.984 5.803   1.00 31.26 ? 78  THR A CA    1 
ATOM   595  C  C     . THR A 1 78  ? 3.714   -16.488 6.904   1.00 33.02 ? 78  THR A C     1 
ATOM   596  O  O     . THR A 1 78  ? 3.298   -15.768 7.823   1.00 34.76 ? 78  THR A O     1 
ATOM   597  C  CB    . THR A 1 78  ? 2.057   -18.275 6.254   1.00 39.81 ? 78  THR A CB    1 
ATOM   598  O  OG1   . THR A 1 78  ? 1.134   -18.676 5.234   1.00 47.75 ? 78  THR A OG1   1 
ATOM   599  C  CG2   . THR A 1 78  ? 1.299   -18.064 7.560   1.00 39.54 ? 78  THR A CG2   1 
ATOM   600  N  N     . GLY A 1 79  ? 4.989   -16.850 6.801   1.00 28.78 ? 79  GLY A N     1 
ATOM   601  C  CA    . GLY A 1 79  ? 5.981   -16.340 7.739   1.00 44.62 ? 79  GLY A CA    1 
ATOM   602  C  C     . GLY A 1 79  ? 6.058   -14.813 7.830   1.00 46.79 ? 79  GLY A C     1 
ATOM   603  O  O     . GLY A 1 79  ? 6.140   -14.240 8.929   1.00 45.93 ? 79  GLY A O     1 
ATOM   604  N  N     . ARG A 1 80  ? 6.006   -14.150 6.678   1.00 39.73 ? 80  ARG A N     1 
ATOM   605  C  CA    . ARG A 1 80  ? 6.373   -12.741 6.595   1.00 31.71 ? 80  ARG A CA    1 
ATOM   606  C  C     . ARG A 1 80  ? 5.221   -11.822 6.200   1.00 33.73 ? 80  ARG A C     1 
ATOM   607  O  O     . ARG A 1 80  ? 5.273   -10.624 6.443   1.00 32.36 ? 80  ARG A O     1 
ATOM   608  C  CB    . ARG A 1 80  ? 7.536   -12.566 5.610   1.00 32.22 ? 80  ARG A CB    1 
ATOM   609  C  CG    . ARG A 1 80  ? 8.766   -13.379 5.987   1.00 36.99 ? 80  ARG A CG    1 
ATOM   610  C  CD    . ARG A 1 80  ? 9.911   -13.142 5.019   1.00 35.68 ? 80  ARG A CD    1 
ATOM   611  N  NE    . ARG A 1 80  ? 9.768   -13.925 3.796   1.00 31.68 ? 80  ARG A NE    1 
ATOM   612  C  CZ    . ARG A 1 80  ? 9.663   -13.414 2.578   1.00 39.23 ? 80  ARG A CZ    1 
ATOM   613  N  NH1   . ARG A 1 80  ? 9.665   -12.090 2.395   1.00 31.70 ? 80  ARG A NH1   1 
ATOM   614  N  NH2   . ARG A 1 80  ? 9.548   -14.235 1.540   1.00 39.36 ? 80  ARG A NH2   1 
ATOM   615  N  N     . ALA A 1 81  ? 4.185   -12.387 5.593   1.00 28.45 ? 81  ALA A N     1 
ATOM   616  C  CA    . ALA A 1 81  ? 3.047   -11.595 5.147   1.00 28.13 ? 81  ALA A CA    1 
ATOM   617  C  C     . ALA A 1 81  ? 1.819   -11.993 5.954   1.00 28.30 ? 81  ALA A C     1 
ATOM   618  O  O     . ALA A 1 81  ? 1.567   -13.187 6.166   1.00 28.65 ? 81  ALA A O     1 
ATOM   619  C  CB    . ALA A 1 81  ? 2.809   -11.809 3.643   1.00 31.03 ? 81  ALA A CB    1 
ATOM   620  N  N     . SER A 1 82  ? 1.072   -10.998 6.422   1.00 27.72 ? 82  SER A N     1 
ATOM   621  C  CA    . SER A 1 82  ? -0.139  -11.250 7.190   1.00 31.85 ? 82  SER A CA    1 
ATOM   622  C  C     . SER A 1 82  ? -1.211  -10.219 6.869   1.00 37.81 ? 82  SER A C     1 
ATOM   623  O  O     . SER A 1 82  ? -0.926  -9.193  6.264   1.00 29.10 ? 82  SER A O     1 
ATOM   624  C  CB    . SER A 1 82  ? 0.163   -11.178 8.678   1.00 31.23 ? 82  SER A CB    1 
ATOM   625  O  OG    . SER A 1 82  ? 0.585   -9.874  9.031   1.00 35.41 ? 82  SER A OG    1 
ATOM   626  N  N     . ILE A 1 83  ? -2.437  -10.508 7.296   1.00 29.78 ? 83  ILE A N     1 
ATOM   627  C  CA    . ILE A 1 83  ? -3.565  -9.608  7.101   1.00 33.25 ? 83  ILE A CA    1 
ATOM   628  C  C     . ILE A 1 83  ? -4.125  -9.193  8.442   1.00 34.15 ? 83  ILE A C     1 
ATOM   629  O  O     . ILE A 1 83  ? -4.323  -10.032 9.341   1.00 35.18 ? 83  ILE A O     1 
ATOM   630  C  CB    . ILE A 1 83  ? -4.712  -10.289 6.333   1.00 34.26 ? 83  ILE A CB    1 
ATOM   631  C  CG1   . ILE A 1 83  ? -4.211  -10.864 5.012   1.00 32.87 ? 83  ILE A CG1   1 
ATOM   632  C  CG2   . ILE A 1 83  ? -5.853  -9.301  6.066   1.00 34.84 ? 83  ILE A CG2   1 
ATOM   633  C  CD1   . ILE A 1 83  ? -3.806  -9.814  4.012   1.00 37.59 ? 83  ILE A CD1   1 
ATOM   634  N  N     . VAL A 1 84  ? -4.379  -7.896  8.575   1.00 34.56 ? 84  VAL A N     1 
ATOM   635  C  CA    . VAL A 1 84  ? -5.126  -7.371  9.698   1.00 35.39 ? 84  VAL A CA    1 
ATOM   636  C  C     . VAL A 1 84  ? -6.546  -7.054  9.250   1.00 35.01 ? 84  VAL A C     1 
ATOM   637  O  O     . VAL A 1 84  ? -6.762  -6.219  8.358   1.00 27.37 ? 84  VAL A O     1 
ATOM   638  C  CB    . VAL A 1 84  ? -4.498  -6.086  10.255  1.00 32.60 ? 84  VAL A CB    1 
ATOM   639  C  CG1   . VAL A 1 84  ? -5.337  -5.554  11.410  1.00 34.19 ? 84  VAL A CG1   1 
ATOM   640  C  CG2   . VAL A 1 84  ? -3.081  -6.351  10.697  1.00 35.10 ? 84  VAL A CG2   1 
ATOM   641  N  N     . LYS A 1 85  ? -7.509  -7.736  9.859   1.00 31.77 ? 85  LYS A N     1 
ATOM   642  C  CA    . LYS A 1 85  ? -8.908  -7.438  9.625   1.00 36.66 ? 85  LYS A CA    1 
ATOM   643  C  C     . LYS A 1 85  ? -9.278  -6.166  10.364  1.00 38.54 ? 85  LYS A C     1 
ATOM   644  O  O     . LYS A 1 85  ? -9.268  -6.114  11.595  1.00 35.75 ? 85  LYS A O     1 
ATOM   645  C  CB    . LYS A 1 85  ? -9.815  -8.581  10.087  1.00 33.41 ? 85  LYS A CB    1 
ATOM   646  C  CG    . LYS A 1 85  ? -11.274 -8.135  10.232  1.00 41.63 ? 85  LYS A CG    1 
ATOM   647  C  CD    . LYS A 1 85  ? -12.279 -9.276  10.109  1.00 39.44 ? 85  LYS A CD    1 
ATOM   648  C  CE    . LYS A 1 85  ? -13.702 -8.726  10.236  1.00 40.16 ? 85  LYS A CE    1 
ATOM   649  N  NZ    . LYS A 1 85  ? -13.872 -7.478  9.431   1.00 50.50 ? 85  LYS A NZ    1 
ATOM   650  N  N     . GLY A 1 86  ? -9.605  -5.128  9.616   1.00 37.17 ? 86  GLY A N     1 
ATOM   651  C  CA    . GLY A 1 86  ? -10.043 -3.909  10.256  1.00 35.76 ? 86  GLY A CA    1 
ATOM   652  C  C     . GLY A 1 86  ? -10.142 -2.734  9.321   1.00 35.41 ? 86  GLY A C     1 
ATOM   653  O  O     . GLY A 1 86  ? -9.873  -2.836  8.125   1.00 30.78 ? 86  GLY A O     1 
ATOM   654  N  N     . ASN A 1 87  ? -10.558 -1.614  9.897   1.00 36.03 ? 87  ASN A N     1 
ATOM   655  C  CA    . ASN A 1 87  ? -10.637 -0.339  9.214   1.00 33.36 ? 87  ASN A CA    1 
ATOM   656  C  C     . ASN A 1 87  ? -9.232  0.257   9.216   1.00 35.39 ? 87  ASN A C     1 
ATOM   657  O  O     . ASN A 1 87  ? -8.651  0.442   10.287  1.00 32.65 ? 87  ASN A O     1 
ATOM   658  C  CB    . ASN A 1 87  ? -11.598 0.551   10.012  1.00 30.10 ? 87  ASN A CB    1 
ATOM   659  C  CG    . ASN A 1 87  ? -11.881 1.888   9.355   1.00 33.03 ? 87  ASN A CG    1 
ATOM   660  O  OD1   . ASN A 1 87  ? -11.224 2.297   8.396   1.00 28.79 ? 87  ASN A OD1   1 
ATOM   661  N  ND2   . ASN A 1 87  ? -12.871 2.591   9.894   1.00 30.71 ? 87  ASN A ND2   1 
ATOM   662  N  N     . PHE A 1 88  ? -8.677  0.560   8.042   1.00 33.98 ? 88  PHE A N     1 
ATOM   663  C  CA    . PHE A 1 88  ? -7.330  1.133   8.025   1.00 30.88 ? 88  PHE A CA    1 
ATOM   664  C  C     . PHE A 1 88  ? -7.206  2.487   8.716   1.00 36.12 ? 88  PHE A C     1 
ATOM   665  O  O     . PHE A 1 88  ? -6.102  2.896   9.081   1.00 43.93 ? 88  PHE A O     1 
ATOM   666  C  CB    . PHE A 1 88  ? -6.652  1.124   6.636   1.00 30.68 ? 88  PHE A CB    1 
ATOM   667  C  CG    . PHE A 1 88  ? -7.397  1.845   5.548   1.00 29.07 ? 88  PHE A CG    1 
ATOM   668  C  CD1   . PHE A 1 88  ? -7.731  3.188   5.661   1.00 30.31 ? 88  PHE A CD1   1 
ATOM   669  C  CD2   . PHE A 1 88  ? -7.697  1.186   4.365   1.00 28.66 ? 88  PHE A CD2   1 
ATOM   670  C  CE1   . PHE A 1 88  ? -8.385  3.836   4.638   1.00 30.65 ? 88  PHE A CE1   1 
ATOM   671  C  CE2   . PHE A 1 88  ? -8.348  1.835   3.338   1.00 28.07 ? 88  PHE A CE2   1 
ATOM   672  C  CZ    . PHE A 1 88  ? -8.696  3.159   3.472   1.00 32.10 ? 88  PHE A CZ    1 
ATOM   673  N  N     . PHE A 1 89  ? -8.330  3.171   8.914   1.00 30.92 ? 89  PHE A N     1 
ATOM   674  C  CA    . PHE A 1 89  ? -8.310  4.409   9.686   1.00 35.02 ? 89  PHE A CA    1 
ATOM   675  C  C     . PHE A 1 89  ? -7.991  4.182   11.165  1.00 36.27 ? 89  PHE A C     1 
ATOM   676  O  O     . PHE A 1 89  ? -7.542  5.097   11.847  1.00 38.16 ? 89  PHE A O     1 
ATOM   677  C  CB    . PHE A 1 89  ? -9.635  5.155   9.554   1.00 30.82 ? 89  PHE A CB    1 
ATOM   678  C  CG    . PHE A 1 89  ? -9.801  5.859   8.246   1.00 31.91 ? 89  PHE A CG    1 
ATOM   679  C  CD1   . PHE A 1 89  ? -9.232  7.114   8.043   1.00 38.60 ? 89  PHE A CD1   1 
ATOM   680  C  CD2   . PHE A 1 89  ? -10.540 5.288   7.224   1.00 33.88 ? 89  PHE A CD2   1 
ATOM   681  C  CE1   . PHE A 1 89  ? -9.389  7.779   6.839   1.00 34.47 ? 89  PHE A CE1   1 
ATOM   682  C  CE2   . PHE A 1 89  ? -10.697 5.947   6.017   1.00 36.58 ? 89  PHE A CE2   1 
ATOM   683  C  CZ    . PHE A 1 89  ? -10.126 7.198   5.828   1.00 31.98 ? 89  PHE A CZ    1 
ATOM   684  N  N     . GLU A 1 90  ? -8.214  2.967   11.659  1.00 38.38 ? 90  GLU A N     1 
ATOM   685  C  CA    . GLU A 1 90  ? -8.144  2.718   13.094  1.00 41.69 ? 90  GLU A CA    1 
ATOM   686  C  C     . GLU A 1 90  ? -6.937  1.872   13.472  1.00 40.75 ? 90  GLU A C     1 
ATOM   687  O  O     . GLU A 1 90  ? -6.523  1.854   14.632  1.00 51.54 ? 90  GLU A O     1 
ATOM   688  C  CB    . GLU A 1 90  ? -9.436  2.052   13.593  1.00 46.54 ? 90  GLU A CB    1 
ATOM   689  C  CG    . GLU A 1 90  ? -9.424  0.534   13.506  1.00 56.48 ? 90  GLU A CG    1 
ATOM   690  C  CD    . GLU A 1 90  ? -10.818 -0.083  13.547  1.00 63.73 ? 90  GLU A CD    1 
ATOM   691  O  OE1   . GLU A 1 90  ? -11.749 0.573   14.076  1.00 57.15 ? 90  GLU A OE1   1 
ATOM   692  O  OE2   . GLU A 1 90  ? -10.976 -1.222  13.037  1.00 46.66 ? 90  GLU A OE2   1 
ATOM   693  N  N     . VAL A 1 91  ? -6.367  1.177   12.494  1.00 33.21 ? 91  VAL A N     1 
ATOM   694  C  CA    . VAL A 1 91  ? -5.269  0.254   12.760  1.00 32.86 ? 91  VAL A CA    1 
ATOM   695  C  C     . VAL A 1 91  ? -3.941  0.994   12.868  1.00 33.61 ? 91  VAL A C     1 
ATOM   696  O  O     . VAL A 1 91  ? -3.666  1.906   12.092  1.00 33.81 ? 91  VAL A O     1 
ATOM   697  C  CB    . VAL A 1 91  ? -5.217  -0.858  11.678  1.00 31.44 ? 91  VAL A CB    1 
ATOM   698  C  CG1   . VAL A 1 91  ? -3.871  -1.592  11.678  1.00 36.38 ? 91  VAL A CG1   1 
ATOM   699  C  CG2   . VAL A 1 91  ? -6.372  -1.823  11.889  1.00 38.00 ? 91  VAL A CG2   1 
ATOM   700  N  N     . ASP A 1 92  ? -3.128  0.623   13.849  1.00 37.15 ? 92  ASP A N     1 
ATOM   701  C  CA    . ASP A 1 92  ? -1.839  1.270   14.034  1.00 36.57 ? 92  ASP A CA    1 
ATOM   702  C  C     . ASP A 1 92  ? -0.892  0.845   12.919  1.00 39.93 ? 92  ASP A C     1 
ATOM   703  O  O     . ASP A 1 92  ? -0.612  -0.344  12.747  1.00 42.26 ? 92  ASP A O     1 
ATOM   704  C  CB    . ASP A 1 92  ? -1.253  0.930   15.412  1.00 42.21 ? 92  ASP A CB    1 
ATOM   705  C  CG    . ASP A 1 92  ? 0.026   1.712   15.727  1.00 47.84 ? 92  ASP A CG    1 
ATOM   706  O  OD1   . ASP A 1 92  ? 0.952   1.734   14.889  1.00 43.65 ? 92  ASP A OD1   1 
ATOM   707  O  OD2   . ASP A 1 92  ? 0.109   2.305   16.825  1.00 55.18 ? 92  ASP A OD2   1 
ATOM   708  N  N     . ILE A 1 93  ? -0.402  1.820   12.163  1.00 32.61 ? 93  ILE A N     1 
ATOM   709  C  CA    . ILE A 1 93  ? 0.521   1.544   11.065  1.00 27.66 ? 93  ILE A CA    1 
ATOM   710  C  C     . ILE A 1 93  ? 1.906   2.096   11.345  1.00 30.97 ? 93  ILE A C     1 
ATOM   711  O  O     . ILE A 1 93  ? 2.733   2.197   10.439  1.00 26.87 ? 93  ILE A O     1 
ATOM   712  C  CB    . ILE A 1 93  ? 0.007   2.139   9.736   1.00 30.72 ? 93  ILE A CB    1 
ATOM   713  C  CG1   . ILE A 1 93  ? -0.146  3.650   9.859   1.00 32.94 ? 93  ILE A CG1   1 
ATOM   714  C  CG2   . ILE A 1 93  ? -1.340  1.513   9.333   1.00 27.83 ? 93  ILE A CG2   1 
ATOM   715  C  CD1   . ILE A 1 93  ? -0.515  4.325   8.540   1.00 32.93 ? 93  ILE A CD1   1 
ATOM   716  N  N     . SER A 1 94  ? 2.170   2.434   12.607  1.00 28.63 ? 94  SER A N     1 
ATOM   717  C  CA    . SER A 1 94  ? 3.404   3.139   12.972  1.00 29.60 ? 94  SER A CA    1 
ATOM   718  C  C     . SER A 1 94  ? 4.689   2.358   12.704  1.00 31.93 ? 94  SER A C     1 
ATOM   719  O  O     . SER A 1 94  ? 5.768   2.939   12.599  1.00 26.24 ? 94  SER A O     1 
ATOM   720  C  CB    . SER A 1 94  ? 3.358   3.599   14.440  1.00 33.70 ? 94  SER A CB    1 
ATOM   721  O  OG    . SER A 1 94  ? 3.229   2.489   15.316  1.00 33.61 ? 94  SER A OG    1 
ATOM   722  N  N     . GLU A 1 95  ? 4.593   1.042   12.586  1.00 29.73 ? 95  GLU A N     1 
ATOM   723  C  CA    . GLU A 1 95  ? 5.802   0.260   12.357  1.00 33.54 ? 95  GLU A CA    1 
ATOM   724  C  C     . GLU A 1 95  ? 6.225   0.267   10.885  1.00 34.93 ? 95  GLU A C     1 
ATOM   725  O  O     . GLU A 1 95  ? 7.309   -0.210  10.540  1.00 31.10 ? 95  GLU A O     1 
ATOM   726  C  CB    . GLU A 1 95  ? 5.638   -1.173  12.870  1.00 34.60 ? 95  GLU A CB    1 
ATOM   727  C  CG    . GLU A 1 95  ? 4.613   -1.997  12.133  1.00 35.58 ? 95  GLU A CG    1 
ATOM   728  C  CD    . GLU A 1 95  ? 4.757   -3.485  12.418  1.00 43.28 ? 95  GLU A CD    1 
ATOM   729  O  OE1   . GLU A 1 95  ? 3.827   -4.252  12.079  1.00 40.76 ? 95  GLU A OE1   1 
ATOM   730  O  OE2   . GLU A 1 95  ? 5.809   -3.884  12.976  1.00 43.03 ? 95  GLU A OE2   1 
ATOM   731  N  N     . ALA A 1 96  ? 5.372   0.805   10.018  1.00 29.32 ? 96  ALA A N     1 
ATOM   732  C  CA    . ALA A 1 96  ? 5.627   0.751   8.580   1.00 25.82 ? 96  ALA A CA    1 
ATOM   733  C  C     . ALA A 1 96  ? 6.838   1.596   8.165   1.00 27.89 ? 96  ALA A C     1 
ATOM   734  O  O     . ALA A 1 96  ? 7.029   2.701   8.667   1.00 26.45 ? 96  ALA A O     1 
ATOM   735  C  CB    . ALA A 1 96  ? 4.383   1.159   7.795   1.00 28.98 ? 96  ALA A CB    1 
ATOM   736  N  N     . THR A 1 97  ? 7.653   1.071   7.255   1.00 25.96 ? 97  THR A N     1 
ATOM   737  C  CA    . THR A 1 97  ? 8.707   1.870   6.629   1.00 27.04 ? 97  THR A CA    1 
ATOM   738  C  C     . THR A 1 97  ? 8.295   2.228   5.212   1.00 26.44 ? 97  THR A C     1 
ATOM   739  O  O     . THR A 1 97  ? 8.880   3.102   4.591   1.00 30.57 ? 97  THR A O     1 
ATOM   740  C  CB    . THR A 1 97  ? 10.055  1.124   6.553   1.00 29.22 ? 97  THR A CB    1 
ATOM   741  O  OG1   . THR A 1 97  ? 9.930   -0.031  5.706   1.00 30.88 ? 97  THR A OG1   1 
ATOM   742  C  CG2   . THR A 1 97  ? 10.517  0.713   7.940   1.00 28.20 ? 97  THR A CG2   1 
ATOM   743  N  N     . VAL A 1 98  ? 7.304   1.510   4.696   1.00 26.23 ? 98  VAL A N     1 
ATOM   744  C  CA    . VAL A 1 98  ? 6.760   1.765   3.366   1.00 24.54 ? 98  VAL A CA    1 
ATOM   745  C  C     . VAL A 1 98  ? 5.250   1.559   3.451   1.00 27.95 ? 98  VAL A C     1 
ATOM   746  O  O     . VAL A 1 98  ? 4.804   0.518   3.910   1.00 22.87 ? 98  VAL A O     1 
ATOM   747  C  CB    . VAL A 1 98  ? 7.366   0.814   2.270   1.00 22.96 ? 98  VAL A CB    1 
ATOM   748  C  CG1   . VAL A 1 98  ? 6.672   1.045   0.929   1.00 21.26 ? 98  VAL A CG1   1 
ATOM   749  C  CG2   . VAL A 1 98  ? 8.858   1.051   2.103   1.00 21.83 ? 98  VAL A CG2   1 
ATOM   750  N  N     . VAL A 1 99  ? 4.462   2.565   3.063   1.00 25.50 ? 99  VAL A N     1 
ATOM   751  C  CA    . VAL A 1 99  ? 3.014   2.401   3.027   1.00 27.50 ? 99  VAL A CA    1 
ATOM   752  C  C     . VAL A 1 99  ? 2.549   2.520   1.589   1.00 28.11 ? 99  VAL A C     1 
ATOM   753  O  O     . VAL A 1 99  ? 2.917   3.471   0.895   1.00 31.56 ? 99  VAL A O     1 
ATOM   754  C  CB    . VAL A 1 99  ? 2.284   3.455   3.905   1.00 27.42 ? 99  VAL A CB    1 
ATOM   755  C  CG1   . VAL A 1 99  ? 0.787   3.273   3.807   1.00 25.69 ? 99  VAL A CG1   1 
ATOM   756  C  CG2   . VAL A 1 99  ? 2.742   3.352   5.372   1.00 23.91 ? 99  VAL A CG2   1 
ATOM   757  N  N     . THR A 1 100 ? 1.751   1.560   1.130   1.00 28.77 ? 100 THR A N     1 
ATOM   758  C  CA    . THR A 1 100 ? 1.223   1.599   -0.232  1.00 28.70 ? 100 THR A CA    1 
ATOM   759  C  C     . THR A 1 100 ? -0.274  1.861   -0.203  1.00 26.70 ? 100 THR A C     1 
ATOM   760  O  O     . THR A 1 100 ? -0.963  1.416   0.716   1.00 23.51 ? 100 THR A O     1 
ATOM   761  C  CB    . THR A 1 100 ? 1.486   0.257   -1.001  1.00 27.43 ? 100 THR A CB    1 
ATOM   762  O  OG1   . THR A 1 100 ? 0.790   -0.816  -0.359  1.00 33.41 ? 100 THR A OG1   1 
ATOM   763  C  CG2   . THR A 1 100 ? 2.957   -0.057  -1.052  1.00 25.98 ? 100 THR A CG2   1 
ATOM   764  N  N     . MET A 1 101 ? -0.779  2.574   -1.211  1.00 26.61 ? 101 MET A N     1 
ATOM   765  C  CA    . MET A 1 101 ? -2.198  2.941   -1.276  1.00 26.97 ? 101 MET A CA    1 
ATOM   766  C  C     . MET A 1 101 ? -2.744  2.947   -2.710  1.00 23.39 ? 101 MET A C     1 
ATOM   767  O  O     . MET A 1 101 ? -2.119  3.501   -3.608  1.00 27.47 ? 101 MET A O     1 
ATOM   768  C  CB    . MET A 1 101 ? -2.426  4.358   -0.689  1.00 27.35 ? 101 MET A CB    1 
ATOM   769  C  CG    . MET A 1 101 ? -1.826  4.582   0.694   1.00 34.36 ? 101 MET A CG    1 
ATOM   770  S  SD    . MET A 1 101 ? -2.083  6.221   1.396   1.00 40.09 ? 101 MET A SD    1 
ATOM   771  C  CE    . MET A 1 101 ? -2.019  7.277   -0.044  1.00 38.59 ? 101 MET A CE    1 
ATOM   772  N  N     . PHE A 1 102 ? -3.924  2.367   -2.917  1.00 24.43 ? 102 PHE A N     1 
ATOM   773  C  CA    . PHE A 1 102 ? -4.675  2.562   -4.155  1.00 23.71 ? 102 PHE A CA    1 
ATOM   774  C  C     . PHE A 1 102 ? -6.125  2.767   -3.768  1.00 26.48 ? 102 PHE A C     1 
ATOM   775  O  O     . PHE A 1 102 ? -6.925  1.823   -3.765  1.00 25.18 ? 102 PHE A O     1 
ATOM   776  C  CB    . PHE A 1 102 ? -4.536  1.370   -5.113  1.00 23.89 ? 102 PHE A CB    1 
ATOM   777  C  CG    . PHE A 1 102 ? -5.218  1.577   -6.460  1.00 28.62 ? 102 PHE A CG    1 
ATOM   778  C  CD1   . PHE A 1 102 ? -5.306  2.838   -7.031  1.00 22.72 ? 102 PHE A CD1   1 
ATOM   779  C  CD2   . PHE A 1 102 ? -5.762  0.508   -7.145  1.00 25.57 ? 102 PHE A CD2   1 
ATOM   780  C  CE1   . PHE A 1 102 ? -5.935  3.026   -8.250  1.00 25.65 ? 102 PHE A CE1   1 
ATOM   781  C  CE2   . PHE A 1 102 ? -6.377  0.685   -8.378  1.00 26.46 ? 102 PHE A CE2   1 
ATOM   782  C  CZ    . PHE A 1 102 ? -6.468  1.946   -8.925  1.00 27.15 ? 102 PHE A CZ    1 
ATOM   783  N  N     . LEU A 1 103 ? -6.461  4.016   -3.438  1.00 26.19 ? 103 LEU A N     1 
ATOM   784  C  CA    . LEU A 1 103 ? -7.732  4.327   -2.800  1.00 25.25 ? 103 LEU A CA    1 
ATOM   785  C  C     . LEU A 1 103 ? -8.573  5.297   -3.628  1.00 29.85 ? 103 LEU A C     1 
ATOM   786  O  O     . LEU A 1 103 ? -9.236  4.889   -4.583  1.00 29.43 ? 103 LEU A O     1 
ATOM   787  C  CB    . LEU A 1 103 ? -7.470  4.900   -1.406  1.00 22.66 ? 103 LEU A CB    1 
ATOM   788  C  CG    . LEU A 1 103 ? -6.699  3.976   -0.464  1.00 22.30 ? 103 LEU A CG    1 
ATOM   789  C  CD1   . LEU A 1 103 ? -6.421  4.692   0.829   1.00 25.19 ? 103 LEU A CD1   1 
ATOM   790  C  CD2   . LEU A 1 103 ? -7.445  2.668   -0.200  1.00 28.51 ? 103 LEU A CD2   1 
ATOM   791  N  N     . LEU A 1 104 ? -8.535  6.573   -3.240  1.00 31.86 ? 104 LEU A N     1 
ATOM   792  C  CA    . LEU A 1 104 ? -9.249  7.661   -3.922  1.00 33.87 ? 104 LEU A CA    1 
ATOM   793  C  C     . LEU A 1 104 ? -8.734  8.985   -3.340  1.00 30.56 ? 104 LEU A C     1 
ATOM   794  O  O     . LEU A 1 104 ? -8.316  9.020   -2.186  1.00 29.32 ? 104 LEU A O     1 
ATOM   795  C  CB    . LEU A 1 104 ? -10.760 7.515   -3.694  1.00 32.80 ? 104 LEU A CB    1 
ATOM   796  C  CG    . LEU A 1 104 ? -11.739 8.224   -4.651  1.00 43.34 ? 104 LEU A CG    1 
ATOM   797  C  CD1   . LEU A 1 104 ? -11.239 8.186   -6.074  1.00 44.75 ? 104 LEU A CD1   1 
ATOM   798  C  CD2   . LEU A 1 104 ? -13.095 7.545   -4.582  1.00 46.03 ? 104 LEU A CD2   1 
ATOM   799  N  N     . THR A 1 105 ? -8.735  10.060  -4.124  1.00 30.20 ? 105 THR A N     1 
ATOM   800  C  CA    . THR A 1 105 ? -8.052  11.286  -3.703  1.00 31.80 ? 105 THR A CA    1 
ATOM   801  C  C     . THR A 1 105 ? -8.645  11.829  -2.410  1.00 31.38 ? 105 THR A C     1 
ATOM   802  O  O     . THR A 1 105 ? -7.934  12.329  -1.550  1.00 27.28 ? 105 THR A O     1 
ATOM   803  C  CB    . THR A 1 105 ? -8.041  12.358  -4.828  1.00 38.75 ? 105 THR A CB    1 
ATOM   804  O  OG1   . THR A 1 105 ? -7.513  11.787  -6.035  1.00 41.17 ? 105 THR A OG1   1 
ATOM   805  C  CG2   . THR A 1 105 ? -7.175  13.542  -4.446  1.00 38.18 ? 105 THR A CG2   1 
ATOM   806  N  N     . ASN A 1 106 ? -9.954  11.671  -2.255  1.00 29.79 ? 106 ASN A N     1 
ATOM   807  C  CA    . ASN A 1 106 ? -10.652 12.150  -1.053  1.00 31.28 ? 106 ASN A CA    1 
ATOM   808  C  C     . ASN A 1 106 ? -10.367 11.253  0.138   1.00 31.17 ? 106 ASN A C     1 
ATOM   809  O  O     . ASN A 1 106 ? -10.307 11.722  1.271   1.00 37.24 ? 106 ASN A O     1 
ATOM   810  C  CB    . ASN A 1 106 ? -12.169 12.319  -1.289  1.00 34.54 ? 106 ASN A CB    1 
ATOM   811  C  CG    . ASN A 1 106 ? -12.877 10.984  -1.437  1.00 42.03 ? 106 ASN A CG    1 
ATOM   812  O  OD1   . ASN A 1 106 ? -12.369 10.093  -2.112  1.00 48.93 ? 106 ASN A OD1   1 
ATOM   813  N  ND2   . ASN A 1 106 ? -14.040 10.839  -0.826  1.00 48.37 ? 106 ASN A ND2   1 
ATOM   814  N  N     . VAL A 1 107 ? -10.183 9.961   -0.127  1.00 29.44 ? 107 VAL A N     1 
ATOM   815  C  CA    . VAL A 1 107 ? -9.817  9.079   0.931   1.00 28.70 ? 107 VAL A CA    1 
ATOM   816  C  C     . VAL A 1 107 ? -8.377  9.362   1.315   1.00 30.17 ? 107 VAL A C     1 
ATOM   817  O  O     . VAL A 1 107 ? -8.049  9.380   2.495   1.00 28.04 ? 107 VAL A O     1 
ATOM   818  C  CB    . VAL A 1 107 ? -10.033 7.619   0.531   1.00 32.58 ? 107 VAL A CB    1 
ATOM   819  C  CG1   . VAL A 1 107 ? -9.379  6.697   1.549   1.00 32.00 ? 107 VAL A CG1   1 
ATOM   820  C  CG2   . VAL A 1 107 ? -11.524 7.338   0.413   1.00 32.61 ? 107 VAL A CG2   1 
ATOM   821  N  N     . ASN A 1 108 ? -7.534  9.632   0.326   1.00 23.82 ? 108 ASN A N     1 
ATOM   822  C  CA    . ASN A 1 108 ? -6.166  10.082  0.603   1.00 25.12 ? 108 ASN A CA    1 
ATOM   823  C  C     . ASN A 1 108 ? -6.149  11.296  1.509   1.00 26.98 ? 108 ASN A C     1 
ATOM   824  O  O     . ASN A 1 108 ? -5.331  11.405  2.431   1.00 29.17 ? 108 ASN A O     1 
ATOM   825  C  CB    . ASN A 1 108 ? -5.447  10.435  -0.696  1.00 23.76 ? 108 ASN A CB    1 
ATOM   826  C  CG    . ASN A 1 108 ? -4.924  9.205   -1.417  1.00 29.91 ? 108 ASN A CG    1 
ATOM   827  O  OD1   . ASN A 1 108 ? -5.287  8.075   -1.067  1.00 31.36 ? 108 ASN A OD1   1 
ATOM   828  N  ND2   . ASN A 1 108 ? -4.055  9.412   -2.408  1.00 32.14 ? 108 ASN A ND2   1 
ATOM   829  N  N     . GLU A 1 109 ? -7.062  12.216  1.215   1.00 27.54 ? 109 GLU A N     1 
ATOM   830  C  CA    . GLU A 1 109 ? -7.219  13.434  1.985   1.00 25.74 ? 109 GLU A CA    1 
ATOM   831  C  C     . GLU A 1 109 ? -7.548  13.131  3.441   1.00 29.67 ? 109 GLU A C     1 
ATOM   832  O  O     . GLU A 1 109 ? -6.911  13.655  4.348   1.00 30.04 ? 109 GLU A O     1 
ATOM   833  C  CB    . GLU A 1 109 ? -8.316  14.301  1.354   1.00 28.08 ? 109 GLU A CB    1 
ATOM   834  C  CG    . GLU A 1 109 ? -8.476  15.680  2.004   1.00 28.13 ? 109 GLU A CG    1 
ATOM   835  C  CD    . GLU A 1 109 ? -7.311  16.603  1.691   1.00 27.17 ? 109 GLU A CD    1 
ATOM   836  O  OE1   . GLU A 1 109 ? -6.907  16.671  0.509   1.00 34.14 ? 109 GLU A OE1   1 
ATOM   837  O  OE2   . GLU A 1 109 ? -6.789  17.246  2.629   1.00 32.68 ? 109 GLU A OE2   1 
ATOM   838  N  N     . MET A 1 110 ? -8.547  12.290  3.667   1.00 27.30 ? 110 MET A N     1 
ATOM   839  C  CA    . MET A 1 110 ? -8.937  11.927  5.027   1.00 28.83 ? 110 MET A CA    1 
ATOM   840  C  C     . MET A 1 110 ? -7.806  11.261  5.810   1.00 27.95 ? 110 MET A C     1 
ATOM   841  O  O     . MET A 1 110 ? -7.726  11.398  7.035   1.00 26.13 ? 110 MET A O     1 
ATOM   842  C  CB    . MET A 1 110 ? -10.160 11.002  5.005   1.00 27.03 ? 110 MET A CB    1 
ATOM   843  C  CG    . MET A 1 110 ? -11.341 11.573  4.247   1.00 27.83 ? 110 MET A CG    1 
ATOM   844  S  SD    . MET A 1 110 ? -12.757 10.464  4.106   1.00 33.84 ? 110 MET A SD    1 
ATOM   845  C  CE    . MET A 1 110 ? -13.153 10.194  5.825   1.00 36.26 ? 110 MET A CE    1 
ATOM   846  N  N     . LEU A 1 111 ? -6.936  10.544  5.101   1.00 30.80 ? 111 LEU A N     1 
ATOM   847  C  CA    . LEU A 1 111 ? -5.844  9.810   5.726   1.00 29.74 ? 111 LEU A CA    1 
ATOM   848  C  C     . LEU A 1 111 ? -4.656  10.675  6.123   1.00 31.67 ? 111 LEU A C     1 
ATOM   849  O  O     . LEU A 1 111 ? -3.809  10.239  6.884   1.00 29.89 ? 111 LEU A O     1 
ATOM   850  C  CB    . LEU A 1 111 ? -5.366  8.695   4.795   1.00 26.83 ? 111 LEU A CB    1 
ATOM   851  C  CG    . LEU A 1 111 ? -6.171  7.404   4.873   1.00 26.11 ? 111 LEU A CG    1 
ATOM   852  C  CD1   . LEU A 1 111 ? -5.722  6.432   3.784   1.00 22.66 ? 111 LEU A CD1   1 
ATOM   853  C  CD2   . LEU A 1 111 ? -6.002  6.787   6.240   1.00 25.79 ? 111 LEU A CD2   1 
ATOM   854  N  N     . LYS A 1 112 ? -4.583  11.891  5.591   1.00 32.04 ? 112 LYS A N     1 
ATOM   855  C  CA    . LYS A 1 112 ? -3.445  12.778  5.867   1.00 31.52 ? 112 LYS A CA    1 
ATOM   856  C  C     . LYS A 1 112 ? -3.054  12.952  7.359   1.00 34.04 ? 112 LYS A C     1 
ATOM   857  O  O     . LYS A 1 112 ? -1.863  12.858  7.682   1.00 28.76 ? 112 LYS A O     1 
ATOM   858  C  CB    . LYS A 1 112 ? -3.603  14.120  5.145   1.00 31.17 ? 112 LYS A CB    1 
ATOM   859  C  CG    . LYS A 1 112 ? -3.409  14.005  3.633   1.00 29.51 ? 112 LYS A CG    1 
ATOM   860  C  CD    . LYS A 1 112 ? -4.002  15.196  2.889   1.00 29.35 ? 112 LYS A CD    1 
ATOM   861  C  CE    . LYS A 1 112 ? -3.406  16.512  3.362   1.00 33.16 ? 112 LYS A CE    1 
ATOM   862  N  NZ    . LYS A 1 112 ? -4.151  17.676  2.796   1.00 38.61 ? 112 LYS A NZ    1 
ATOM   863  N  N     . PRO A 1 113 ? -4.035  13.178  8.265   1.00 32.58 ? 113 PRO A N     1 
ATOM   864  C  CA    . PRO A 1 113 ? -3.647  13.280  9.681   1.00 31.63 ? 113 PRO A CA    1 
ATOM   865  C  C     . PRO A 1 113 ? -3.083  11.976  10.251  1.00 33.10 ? 113 PRO A C     1 
ATOM   866  O  O     . PRO A 1 113 ? -2.139  12.026  11.041  1.00 30.66 ? 113 PRO A O     1 
ATOM   867  C  CB    . PRO A 1 113 ? -4.964  13.641  10.393  1.00 28.79 ? 113 PRO A CB    1 
ATOM   868  C  CG    . PRO A 1 113 ? -5.825  14.221  9.338   1.00 31.35 ? 113 PRO A CG    1 
ATOM   869  C  CD    . PRO A 1 113 ? -5.465  13.484  8.073   1.00 34.37 ? 113 PRO A CD    1 
ATOM   870  N  N     . LYS A 1 114 ? -3.644  10.835  9.863   1.00 30.45 ? 114 LYS A N     1 
ATOM   871  C  CA    . LYS A 1 114 ? -3.148  9.557   10.377  1.00 29.16 ? 114 LYS A CA    1 
ATOM   872  C  C     . LYS A 1 114 ? -1.732  9.285   9.893   1.00 27.67 ? 114 LYS A C     1 
ATOM   873  O  O     . LYS A 1 114 ? -0.865  8.924   10.684  1.00 26.34 ? 114 LYS A O     1 
ATOM   874  C  CB    . LYS A 1 114 ? -4.060  8.403   9.969   1.00 30.25 ? 114 LYS A CB    1 
ATOM   875  C  CG    . LYS A 1 114 ? -3.674  7.090   10.614  1.00 30.36 ? 114 LYS A CG    1 
ATOM   876  C  CD    . LYS A 1 114 ? -4.440  5.927   10.019  1.00 35.68 ? 114 LYS A CD    1 
ATOM   877  C  CE    . LYS A 1 114 ? -3.995  4.630   10.674  1.00 32.94 ? 114 LYS A CE    1 
ATOM   878  N  NZ    . LYS A 1 114 ? -4.352  4.621   12.124  1.00 34.52 ? 114 LYS A NZ    1 
ATOM   879  N  N     . LEU A 1 115 ? -1.504  9.443   8.591   1.00 28.94 ? 115 LEU A N     1 
ATOM   880  C  CA    . LEU A 1 115 ? -0.176  9.251   8.024   1.00 27.26 ? 115 LEU A CA    1 
ATOM   881  C  C     . LEU A 1 115 ? 0.869   10.119  8.720   1.00 29.44 ? 115 LEU A C     1 
ATOM   882  O  O     . LEU A 1 115 ? 1.926   9.634   9.092   1.00 29.89 ? 115 LEU A O     1 
ATOM   883  C  CB    . LEU A 1 115 ? -0.184  9.516   6.521   1.00 29.99 ? 115 LEU A CB    1 
ATOM   884  C  CG    . LEU A 1 115 ? -1.079  8.567   5.721   1.00 29.66 ? 115 LEU A CG    1 
ATOM   885  C  CD1   . LEU A 1 115 ? -1.173  9.004   4.266   1.00 31.32 ? 115 LEU A CD1   1 
ATOM   886  C  CD2   . LEU A 1 115 ? -0.507  7.168   5.811   1.00 29.77 ? 115 LEU A CD2   1 
ATOM   887  N  N     . GLU A 1 116 ? 0.558   11.395  8.912   1.00 30.10 ? 116 GLU A N     1 
ATOM   888  C  CA    . GLU A 1 116 ? 1.480   12.317  9.578   1.00 27.17 ? 116 GLU A CA    1 
ATOM   889  C  C     . GLU A 1 116 ? 1.655   12.028  11.060  1.00 26.77 ? 116 GLU A C     1 
ATOM   890  O  O     . GLU A 1 116 ? 2.743   12.193  11.596  1.00 29.21 ? 116 GLU A O     1 
ATOM   891  C  CB    . GLU A 1 116 ? 1.010   13.758  9.424   1.00 26.56 ? 116 GLU A CB    1 
ATOM   892  C  CG    . GLU A 1 116 ? 1.272   14.351  8.071   1.00 40.86 ? 116 GLU A CG    1 
ATOM   893  C  CD    . GLU A 1 116 ? 0.940   15.820  8.035   1.00 47.16 ? 116 GLU A CD    1 
ATOM   894  O  OE1   . GLU A 1 116 ? -0.119  16.191  8.578   1.00 49.30 ? 116 GLU A OE1   1 
ATOM   895  O  OE2   . GLU A 1 116 ? 1.747   16.597  7.482   1.00 43.78 ? 116 GLU A OE2   1 
ATOM   896  N  N     . LYS A 1 117 ? 0.580   11.627  11.726  1.00 27.11 ? 117 LYS A N     1 
ATOM   897  C  CA    . LYS A 1 117 ? 0.632   11.302  13.148  1.00 30.42 ? 117 LYS A CA    1 
ATOM   898  C  C     . LYS A 1 117 ? 1.508   10.069  13.437  1.00 34.51 ? 117 LYS A C     1 
ATOM   899  O  O     . LYS A 1 117 ? 2.352   10.074  14.345  1.00 30.13 ? 117 LYS A O     1 
ATOM   900  C  CB    . LYS A 1 117 ? -0.782  11.024  13.657  1.00 27.96 ? 117 LYS A CB    1 
ATOM   901  C  CG    . LYS A 1 117 ? -0.946  11.156  15.162  1.00 37.17 ? 117 LYS A CG    1 
ATOM   902  C  CD    . LYS A 1 117 ? -0.800  12.612  15.592  1.00 36.29 ? 117 LYS A CD    1 
ATOM   903  C  CE    . LYS A 1 117 ? -1.054  12.796  17.085  1.00 34.30 ? 117 LYS A CE    1 
ATOM   904  N  NZ    . LYS A 1 117 ? -0.874  14.213  17.529  1.00 31.77 ? 117 LYS A NZ    1 
ATOM   905  N  N     . GLU A 1 118 ? 1.294   9.013   12.659  1.00 29.11 ? 118 GLU A N     1 
ATOM   906  C  CA    . GLU A 1 118 ? 1.818   7.694   13.011  1.00 28.07 ? 118 GLU A CA    1 
ATOM   907  C  C     . GLU A 1 118 ? 3.103   7.287   12.315  1.00 27.12 ? 118 GLU A C     1 
ATOM   908  O  O     . GLU A 1 118 ? 3.806   6.396   12.793  1.00 24.31 ? 118 GLU A O     1 
ATOM   909  C  CB    . GLU A 1 118 ? 0.759   6.627   12.757  1.00 28.85 ? 118 GLU A CB    1 
ATOM   910  C  CG    . GLU A 1 118 ? -0.504  6.815   13.564  1.00 32.26 ? 118 GLU A CG    1 
ATOM   911  C  CD    . GLU A 1 118 ? -1.456  5.655   13.414  1.00 34.10 ? 118 GLU A CD    1 
ATOM   912  O  OE1   . GLU A 1 118 ? -1.034  4.592   12.884  1.00 39.14 ? 118 GLU A OE1   1 
ATOM   913  O  OE2   . GLU A 1 118 ? -2.615  5.799   13.847  1.00 34.10 ? 118 GLU A OE2   1 
ATOM   914  N  N     . LEU A 1 119 ? 3.410   7.901   11.174  1.00 27.27 ? 119 LEU A N     1 
ATOM   915  C  CA    . LEU A 1 119 ? 4.574   7.454   10.412  1.00 27.68 ? 119 LEU A CA    1 
ATOM   916  C  C     . LEU A 1 119 ? 5.821   8.271   10.761  1.00 28.18 ? 119 LEU A C     1 
ATOM   917  O  O     . LEU A 1 119 ? 5.750   9.491   10.921  1.00 31.24 ? 119 LEU A O     1 
ATOM   918  C  CB    . LEU A 1 119 ? 4.299   7.499   8.908   1.00 26.08 ? 119 LEU A CB    1 
ATOM   919  C  CG    . LEU A 1 119 ? 3.122   6.664   8.396   1.00 24.11 ? 119 LEU A CG    1 
ATOM   920  C  CD1   . LEU A 1 119 ? 2.977   6.839   6.886   1.00 21.41 ? 119 LEU A CD1   1 
ATOM   921  C  CD2   . LEU A 1 119 ? 3.310   5.184   8.741   1.00 26.40 ? 119 LEU A CD2   1 
ATOM   922  N  N     . LYS A 1 120 ? 6.951   7.571   10.882  1.00 29.14 ? 120 LYS A N     1 
ATOM   923  C  CA    . LYS A 1 120 ? 8.239   8.173   11.245  1.00 30.14 ? 120 LYS A CA    1 
ATOM   924  C  C     . LYS A 1 120 ? 8.829   8.914   10.058  1.00 30.21 ? 120 LYS A C     1 
ATOM   925  O  O     . LYS A 1 120 ? 8.465   8.633   8.920   1.00 26.42 ? 120 LYS A O     1 
ATOM   926  C  CB    . LYS A 1 120 ? 9.231   7.086   11.694  1.00 36.07 ? 120 LYS A CB    1 
ATOM   927  C  CG    . LYS A 1 120 ? 8.727   6.198   12.813  1.00 40.64 ? 120 LYS A CG    1 
ATOM   928  C  CD    . LYS A 1 120 ? 8.558   6.955   14.116  1.00 54.17 ? 120 LYS A CD    1 
ATOM   929  C  CE    . LYS A 1 120 ? 7.373   6.400   14.901  1.00 63.48 ? 120 LYS A CE    1 
ATOM   930  N  NZ    . LYS A 1 120 ? 7.303   6.932   16.291  1.00 64.64 ? 120 LYS A NZ    1 
ATOM   931  N  N     . PRO A 1 121 ? 9.740   9.869   10.310  1.00 31.53 ? 121 PRO A N     1 
ATOM   932  C  CA    . PRO A 1 121 ? 10.371  10.536  9.170   1.00 30.55 ? 121 PRO A CA    1 
ATOM   933  C  C     . PRO A 1 121 ? 11.184  9.561   8.318   1.00 30.35 ? 121 PRO A C     1 
ATOM   934  O  O     . PRO A 1 121 ? 11.835  8.666   8.853   1.00 28.48 ? 121 PRO A O     1 
ATOM   935  C  CB    . PRO A 1 121 ? 11.287  11.573  9.829   1.00 31.35 ? 121 PRO A CB    1 
ATOM   936  C  CG    . PRO A 1 121 ? 10.625  11.873  11.139  1.00 32.20 ? 121 PRO A CG    1 
ATOM   937  C  CD    . PRO A 1 121 ? 10.061  10.539  11.586  1.00 29.88 ? 121 PRO A CD    1 
ATOM   938  N  N     . GLY A 1 122 ? 11.132  9.740   7.001   1.00 30.06 ? 122 GLY A N     1 
ATOM   939  C  CA    . GLY A 1 122 ? 11.809  8.836   6.085   1.00 29.19 ? 122 GLY A CA    1 
ATOM   940  C  C     . GLY A 1 122 ? 10.950  7.683   5.595   1.00 27.66 ? 122 GLY A C     1 
ATOM   941  O  O     . GLY A 1 122 ? 11.345  6.937   4.684   1.00 31.69 ? 122 GLY A O     1 
ATOM   942  N  N     . THR A 1 123 ? 9.789   7.502   6.215   1.00 29.54 ? 123 THR A N     1 
ATOM   943  C  CA    . THR A 1 123 ? 8.815   6.541   5.722   1.00 24.84 ? 123 THR A CA    1 
ATOM   944  C  C     . THR A 1 123 ? 8.408   6.968   4.312   1.00 24.80 ? 123 THR A C     1 
ATOM   945  O  O     . THR A 1 123 ? 8.184   8.148   4.047   1.00 27.00 ? 123 THR A O     1 
ATOM   946  C  CB    . THR A 1 123 ? 7.575   6.474   6.632   1.00 23.53 ? 123 THR A CB    1 
ATOM   947  O  OG1   . THR A 1 123 ? 7.991   6.167   7.968   1.00 26.87 ? 123 THR A OG1   1 
ATOM   948  C  CG2   . THR A 1 123 ? 6.596   5.388   6.156   1.00 24.38 ? 123 THR A CG2   1 
ATOM   949  N  N     . ARG A 1 124 ? 8.358   6.005   3.396   1.00 21.05 ? 124 ARG A N     1 
ATOM   950  C  CA    . ARG A 1 124 ? 7.958   6.289   2.030   1.00 24.58 ? 124 ARG A CA    1 
ATOM   951  C  C     . ARG A 1 124 ? 6.489   5.909   1.894   1.00 24.52 ? 124 ARG A C     1 
ATOM   952  O  O     . ARG A 1 124 ? 6.068   4.888   2.427   1.00 28.61 ? 124 ARG A O     1 
ATOM   953  C  CB    . ARG A 1 124 ? 8.827   5.492   1.046   1.00 24.06 ? 124 ARG A CB    1 
ATOM   954  C  CG    . ARG A 1 124 ? 10.308  5.881   1.061   1.00 29.05 ? 124 ARG A CG    1 
ATOM   955  C  CD    . ARG A 1 124 ? 11.140  4.950   1.937   1.00 31.00 ? 124 ARG A CD    1 
ATOM   956  N  NE    . ARG A 1 124 ? 11.434  3.702   1.238   1.00 34.13 ? 124 ARG A NE    1 
ATOM   957  C  CZ    . ARG A 1 124 ? 11.852  2.583   1.821   1.00 28.44 ? 124 ARG A CZ    1 
ATOM   958  N  NH1   . ARG A 1 124 ? 12.026  2.529   3.139   1.00 28.92 ? 124 ARG A NH1   1 
ATOM   959  N  NH2   . ARG A 1 124 ? 12.084  1.510   1.074   1.00 30.24 ? 124 ARG A NH2   1 
ATOM   960  N  N     . VAL A 1 125 ? 5.707   6.751   1.224   1.00 25.59 ? 125 VAL A N     1 
ATOM   961  C  CA    . VAL A 1 125 ? 4.306   6.452   0.985   1.00 24.11 ? 125 VAL A CA    1 
ATOM   962  C  C     . VAL A 1 125 ? 4.112   6.478   -0.522  1.00 26.36 ? 125 VAL A C     1 
ATOM   963  O  O     . VAL A 1 125 ? 4.431   7.473   -1.161  1.00 21.20 ? 125 VAL A O     1 
ATOM   964  C  CB    . VAL A 1 125 ? 3.395   7.518   1.657   1.00 25.93 ? 125 VAL A CB    1 
ATOM   965  C  CG1   . VAL A 1 125 ? 1.912   7.157   1.506   1.00 24.79 ? 125 VAL A CG1   1 
ATOM   966  C  CG2   . VAL A 1 125 ? 3.764   7.678   3.137   1.00 22.41 ? 125 VAL A CG2   1 
ATOM   967  N  N     . VAL A 1 126 ? 3.641   5.379   -1.097  1.00 25.01 ? 126 VAL A N     1 
ATOM   968  C  CA    . VAL A 1 126 ? 3.438   5.315   -2.531  1.00 24.20 ? 126 VAL A CA    1 
ATOM   969  C  C     . VAL A 1 126 ? 1.961   5.138   -2.869  1.00 27.64 ? 126 VAL A C     1 
ATOM   970  O  O     . VAL A 1 126 ? 1.276   4.263   -2.327  1.00 25.46 ? 126 VAL A O     1 
ATOM   971  C  CB    . VAL A 1 126 ? 4.315   4.237   -3.203  1.00 27.56 ? 126 VAL A CB    1 
ATOM   972  C  CG1   . VAL A 1 126 ? 4.145   2.911   -2.531  1.00 27.80 ? 126 VAL A CG1   1 
ATOM   973  C  CG2   . VAL A 1 126 ? 3.966   4.139   -4.667  1.00 24.42 ? 126 VAL A CG2   1 
ATOM   974  N  N     . SER A 1 127 ? 1.461   6.021   -3.729  1.00 27.32 ? 127 SER A N     1 
ATOM   975  C  CA    . SER A 1 127 ? 0.061   5.984   -4.123  1.00 28.47 ? 127 SER A CA    1 
ATOM   976  C  C     . SER A 1 127 ? -0.065  5.739   -5.625  1.00 26.21 ? 127 SER A C     1 
ATOM   977  O  O     . SER A 1 127 ? 0.650   6.335   -6.444  1.00 26.54 ? 127 SER A O     1 
ATOM   978  C  CB    . SER A 1 127 ? -0.666  7.275   -3.708  1.00 26.95 ? 127 SER A CB    1 
ATOM   979  O  OG    . SER A 1 127 ? -2.072  7.179   -3.937  1.00 27.20 ? 127 SER A OG    1 
ATOM   980  N  N     . HIS A 1 128 ? -0.960  4.821   -5.958  1.00 25.76 ? 128 HIS A N     1 
ATOM   981  C  CA    . HIS A 1 128 ? -1.295  4.490   -7.326  1.00 29.73 ? 128 HIS A CA    1 
ATOM   982  C  C     . HIS A 1 128 ? -2.398  5.451   -7.719  1.00 29.68 ? 128 HIS A C     1 
ATOM   983  O  O     . HIS A 1 128 ? -3.443  5.513   -7.066  1.00 27.40 ? 128 HIS A O     1 
ATOM   984  C  CB    . HIS A 1 128 ? -1.780  3.037   -7.398  1.00 33.26 ? 128 HIS A CB    1 
ATOM   985  C  CG    . HIS A 1 128 ? -2.318  2.625   -8.740  1.00 32.10 ? 128 HIS A CG    1 
ATOM   986  N  ND1   . HIS A 1 128 ? -3.043  1.465   -8.916  1.00 32.53 ? 128 HIS A ND1   1 
ATOM   987  C  CD2   . HIS A 1 128 ? -2.229  3.203   -9.960  1.00 33.02 ? 128 HIS A CD2   1 
ATOM   988  C  CE1   . HIS A 1 128 ? -3.392  1.356   -10.188 1.00 30.80 ? 128 HIS A CE1   1 
ATOM   989  N  NE2   . HIS A 1 128 ? -2.899  2.387   -10.847 1.00 32.82 ? 128 HIS A NE2   1 
ATOM   990  N  N     . GLU A 1 129 ? -2.122  6.216   -8.769  1.00 27.83 ? 129 GLU A N     1 
ATOM   991  C  CA    . GLU A 1 129 ? -3.100  7.065   -9.453  1.00 31.34 ? 129 GLU A CA    1 
ATOM   992  C  C     . GLU A 1 129 ? -3.512  8.321   -8.697  1.00 29.41 ? 129 GLU A C     1 
ATOM   993  O  O     . GLU A 1 129 ? -3.598  9.392   -9.300  1.00 29.08 ? 129 GLU A O     1 
ATOM   994  C  CB    . GLU A 1 129 ? -4.346  6.275   -9.855  1.00 35.90 ? 129 GLU A CB    1 
ATOM   995  C  CG    . GLU A 1 129 ? -4.725  6.474   -11.298 1.00 49.87 ? 129 GLU A CG    1 
ATOM   996  C  CD    . GLU A 1 129 ? -3.700  5.882   -12.234 1.00 47.90 ? 129 GLU A CD    1 
ATOM   997  O  OE1   . GLU A 1 129 ? -2.794  6.618   -12.672 1.00 59.82 ? 129 GLU A OE1   1 
ATOM   998  O  OE2   . GLU A 1 129 ? -3.789  4.672   -12.522 1.00 57.40 ? 129 GLU A OE2   1 
ATOM   999  N  N     . PHE A 1 130 ? -3.768  8.204   -7.396  1.00 30.50 ? 130 PHE A N     1 
ATOM   1000 C  CA    . PHE A 1 130 ? -4.299  9.350   -6.639  1.00 27.97 ? 130 PHE A CA    1 
ATOM   1001 C  C     . PHE A 1 130 ? -3.251  10.132  -5.840  1.00 32.18 ? 130 PHE A C     1 
ATOM   1002 O  O     . PHE A 1 130 ? -2.415  9.572   -5.126  1.00 27.49 ? 130 PHE A O     1 
ATOM   1003 C  CB    . PHE A 1 130 ? -5.507  8.952   -5.775  1.00 29.61 ? 130 PHE A CB    1 
ATOM   1004 C  CG    . PHE A 1 130 ? -6.532  8.152   -6.529  1.00 31.61 ? 130 PHE A CG    1 
ATOM   1005 C  CD1   . PHE A 1 130 ? -7.376  8.767   -7.439  1.00 33.45 ? 130 PHE A CD1   1 
ATOM   1006 C  CD2   . PHE A 1 130 ? -6.614  6.770   -6.371  1.00 29.94 ? 130 PHE A CD2   1 
ATOM   1007 C  CE1   . PHE A 1 130 ? -8.308  8.025   -8.163  1.00 34.79 ? 130 PHE A CE1   1 
ATOM   1008 C  CE2   . PHE A 1 130 ? -7.549  6.024   -7.089  1.00 29.98 ? 130 PHE A CE2   1 
ATOM   1009 C  CZ    . PHE A 1 130 ? -8.395  6.653   -7.985  1.00 34.66 ? 130 PHE A CZ    1 
ATOM   1010 N  N     . GLU A 1 131 ? -3.308  11.443  -6.016  1.00 31.01 ? 131 GLU A N     1 
ATOM   1011 C  CA    . GLU A 1 131 ? -2.470  12.409  -5.324  1.00 36.35 ? 131 GLU A CA    1 
ATOM   1012 C  C     . GLU A 1 131 ? -2.796  12.437  -3.839  1.00 27.58 ? 131 GLU A C     1 
ATOM   1013 O  O     . GLU A 1 131 ? -3.936  12.190  -3.439  1.00 27.68 ? 131 GLU A O     1 
ATOM   1014 C  CB    . GLU A 1 131 ? -2.805  13.803  -5.875  1.00 36.32 ? 131 GLU A CB    1 
ATOM   1015 C  CG    . GLU A 1 131 ? -1.624  14.676  -6.194  1.00 47.51 ? 131 GLU A CG    1 
ATOM   1016 C  CD    . GLU A 1 131 ? -1.984  16.158  -6.171  1.00 47.17 ? 131 GLU A CD    1 
ATOM   1017 O  OE1   . GLU A 1 131 ? -3.136  16.510  -6.505  1.00 45.60 ? 131 GLU A OE1   1 
ATOM   1018 O  OE2   . GLU A 1 131 ? -1.111  16.970  -5.803  1.00 50.12 ? 131 GLU A OE2   1 
ATOM   1019 N  N     . ILE A 1 132 ? -1.806  12.770  -3.022  1.00 27.84 ? 132 ILE A N     1 
ATOM   1020 C  CA    . ILE A 1 132 ? -2.084  13.209  -1.676  1.00 28.26 ? 132 ILE A CA    1 
ATOM   1021 C  C     . ILE A 1 132 ? -2.042  14.735  -1.740  1.00 35.54 ? 132 ILE A C     1 
ATOM   1022 O  O     . ILE A 1 132 ? -0.967  15.342  -1.698  1.00 28.78 ? 132 ILE A O     1 
ATOM   1023 C  CB    . ILE A 1 132 ? -1.064  12.665  -0.661  1.00 30.66 ? 132 ILE A CB    1 
ATOM   1024 C  CG1   . ILE A 1 132 ? -1.120  11.137  -0.595  1.00 32.70 ? 132 ILE A CG1   1 
ATOM   1025 C  CG2   . ILE A 1 132 ? -1.347  13.212  0.719   1.00 37.46 ? 132 ILE A CG2   1 
ATOM   1026 C  CD1   . ILE A 1 132 ? -0.183  10.546  0.460   1.00 30.47 ? 132 ILE A CD1   1 
ATOM   1027 N  N     . ARG A 1 133 ? -3.220  15.338  -1.895  1.00 37.61 ? 133 ARG A N     1 
ATOM   1028 C  CA    . ARG A 1 133 ? -3.355  16.787  -2.060  1.00 39.69 ? 133 ARG A CA    1 
ATOM   1029 C  C     . ARG A 1 133 ? -2.716  17.599  -0.937  1.00 36.18 ? 133 ARG A C     1 
ATOM   1030 O  O     . ARG A 1 133 ? -2.978  17.370  0.247   1.00 33.75 ? 133 ARG A O     1 
ATOM   1031 C  CB    . ARG A 1 133 ? -4.826  17.176  -2.154  1.00 39.58 ? 133 ARG A CB    1 
ATOM   1032 C  CG    . ARG A 1 133 ? -5.479  16.948  -3.497  1.00 48.62 ? 133 ARG A CG    1 
ATOM   1033 C  CD    . ARG A 1 133 ? -6.755  17.768  -3.575  1.00 53.29 ? 133 ARG A CD    1 
ATOM   1034 N  NE    . ARG A 1 133 ? -7.727  17.228  -4.520  1.00 65.08 ? 133 ARG A NE    1 
ATOM   1035 C  CZ    . ARG A 1 133 ? -8.864  16.646  -4.157  1.00 63.57 ? 133 ARG A CZ    1 
ATOM   1036 N  NH1   . ARG A 1 133 ? -9.168  16.529  -2.869  1.00 63.75 ? 133 ARG A NH1   1 
ATOM   1037 N  NH2   . ARG A 1 133 ? -9.699  16.182  -5.078  1.00 60.70 ? 133 ARG A NH2   1 
ATOM   1038 N  N     . GLY A 1 134 ? -1.896  18.569  -1.320  1.00 35.43 ? 134 GLY A N     1 
ATOM   1039 C  CA    . GLY A 1 134 ? -1.286  19.458  -0.352  1.00 36.31 ? 134 GLY A CA    1 
ATOM   1040 C  C     . GLY A 1 134 ? 0.086   18.981  0.060   1.00 37.21 ? 134 GLY A C     1 
ATOM   1041 O  O     . GLY A 1 134 ? 0.821   19.705  0.727   1.00 41.07 ? 134 GLY A O     1 
ATOM   1042 N  N     . TRP A 1 135 ? 0.425   17.750  -0.316  1.00 35.48 ? 135 TRP A N     1 
ATOM   1043 C  CA    . TRP A 1 135 ? 1.776   17.250  -0.117  1.00 32.50 ? 135 TRP A CA    1 
ATOM   1044 C  C     . TRP A 1 135 ? 2.593   17.379  -1.407  1.00 33.25 ? 135 TRP A C     1 
ATOM   1045 O  O     . TRP A 1 135 ? 2.033   17.380  -2.509  1.00 33.13 ? 135 TRP A O     1 
ATOM   1046 C  CB    . TRP A 1 135 ? 1.760   15.789  0.352   1.00 32.49 ? 135 TRP A CB    1 
ATOM   1047 C  CG    . TRP A 1 135 ? 1.252   15.587  1.755   1.00 38.65 ? 135 TRP A CG    1 
ATOM   1048 C  CD1   . TRP A 1 135 ? 0.614   16.510  2.550   1.00 38.56 ? 135 TRP A CD1   1 
ATOM   1049 C  CD2   . TRP A 1 135 ? 1.351   14.387  2.536   1.00 39.24 ? 135 TRP A CD2   1 
ATOM   1050 N  NE1   . TRP A 1 135 ? 0.308   15.948  3.768   1.00 40.78 ? 135 TRP A NE1   1 
ATOM   1051 C  CE2   . TRP A 1 135 ? 0.754   14.655  3.786   1.00 38.66 ? 135 TRP A CE2   1 
ATOM   1052 C  CE3   . TRP A 1 135 ? 1.889   13.119  2.297   1.00 38.38 ? 135 TRP A CE3   1 
ATOM   1053 C  CZ2   . TRP A 1 135 ? 0.674   13.693  4.789   1.00 40.61 ? 135 TRP A CZ2   1 
ATOM   1054 C  CZ3   . TRP A 1 135 ? 1.811   12.166  3.298   1.00 42.30 ? 135 TRP A CZ3   1 
ATOM   1055 C  CH2   . TRP A 1 135 ? 1.210   12.459  4.529   1.00 42.58 ? 135 TRP A CH2   1 
ATOM   1056 N  N     . ASN A 1 136 ? 3.912   17.497  -1.265  1.00 32.07 ? 136 ASN A N     1 
ATOM   1057 C  CA    . ASN A 1 136 ? 4.810   17.569  -2.410  1.00 32.27 ? 136 ASN A CA    1 
ATOM   1058 C  C     . ASN A 1 136 ? 5.475   16.211  -2.612  1.00 32.27 ? 136 ASN A C     1 
ATOM   1059 O  O     . ASN A 1 136 ? 6.272   15.779  -1.780  1.00 31.38 ? 136 ASN A O     1 
ATOM   1060 C  CB    . ASN A 1 136 ? 5.884   18.642  -2.196  1.00 32.66 ? 136 ASN A CB    1 
ATOM   1061 C  CG    . ASN A 1 136 ? 5.295   20.025  -1.900  1.00 37.70 ? 136 ASN A CG    1 
ATOM   1062 O  OD1   . ASN A 1 136 ? 4.461   20.533  -2.648  1.00 45.89 ? 136 ASN A OD1   1 
ATOM   1063 N  ND2   . ASN A 1 136 ? 5.726   20.627  -0.797  1.00 49.27 ? 136 ASN A ND2   1 
ATOM   1064 N  N     . PRO A 1 137 ? 5.140   15.522  -3.716  1.00 30.90 ? 137 PRO A N     1 
ATOM   1065 C  CA    . PRO A 1 137 ? 5.741   14.207  -3.964  1.00 30.08 ? 137 PRO A CA    1 
ATOM   1066 C  C     . PRO A 1 137 ? 7.224   14.324  -4.285  1.00 32.29 ? 137 PRO A C     1 
ATOM   1067 O  O     . PRO A 1 137 ? 7.640   15.273  -4.937  1.00 36.92 ? 137 PRO A O     1 
ATOM   1068 C  CB    . PRO A 1 137 ? 4.970   13.692  -5.187  1.00 29.63 ? 137 PRO A CB    1 
ATOM   1069 C  CG    . PRO A 1 137 ? 4.496   14.930  -5.888  1.00 26.70 ? 137 PRO A CG    1 
ATOM   1070 C  CD    . PRO A 1 137 ? 4.255   15.961  -4.811  1.00 32.44 ? 137 PRO A CD    1 
ATOM   1071 N  N     . LYS A 1 138 ? 8.016   13.359  -3.828  1.00 33.28 ? 138 LYS A N     1 
ATOM   1072 C  CA    . LYS A 1 138 ? 9.411   13.293  -4.235  1.00 35.21 ? 138 LYS A CA    1 
ATOM   1073 C  C     . LYS A 1 138 ? 9.494   12.894  -5.703  1.00 38.05 ? 138 LYS A C     1 
ATOM   1074 O  O     . LYS A 1 138 ? 10.392  13.326  -6.422  1.00 33.85 ? 138 LYS A O     1 
ATOM   1075 C  CB    . LYS A 1 138 ? 10.171  12.285  -3.381  1.00 39.61 ? 138 LYS A CB    1 
ATOM   1076 C  CG    . LYS A 1 138 ? 11.675  12.337  -3.579  1.00 45.25 ? 138 LYS A CG    1 
ATOM   1077 C  CD    . LYS A 1 138 ? 12.366  11.373  -2.623  1.00 52.92 ? 138 LYS A CD    1 
ATOM   1078 C  CE    . LYS A 1 138 ? 13.860  11.286  -2.904  1.00 44.11 ? 138 LYS A CE    1 
ATOM   1079 N  NZ    . LYS A 1 138 ? 14.392  9.935   -2.584  1.00 45.96 ? 138 LYS A NZ    1 
ATOM   1080 N  N     . GLU A 1 139 ? 8.546   12.077  -6.154  1.00 35.66 ? 139 GLU A N     1 
ATOM   1081 C  CA    . GLU A 1 139 ? 8.557   11.632  -7.535  1.00 40.17 ? 139 GLU A CA    1 
ATOM   1082 C  C     . GLU A 1 139 ? 7.161   11.370  -8.058  1.00 40.27 ? 139 GLU A C     1 
ATOM   1083 O  O     . GLU A 1 139 ? 6.303   10.890  -7.330  1.00 34.21 ? 139 GLU A O     1 
ATOM   1084 C  CB    . GLU A 1 139 ? 9.402   10.359  -7.665  1.00 45.94 ? 139 GLU A CB    1 
ATOM   1085 C  CG    . GLU A 1 139 ? 10.785  10.572  -8.257  1.00 52.41 ? 139 GLU A CG    1 
ATOM   1086 C  CD    . GLU A 1 139 ? 11.736  9.460   -7.891  1.00 54.35 ? 139 GLU A CD    1 
ATOM   1087 O  OE1   . GLU A 1 139 ? 11.459  8.297   -8.251  1.00 63.94 ? 139 GLU A OE1   1 
ATOM   1088 O  OE2   . GLU A 1 139 ? 12.757  9.746   -7.230  1.00 60.24 ? 139 GLU A OE2   1 
ATOM   1089 N  N     . VAL A 1 140 ? 6.943   11.688  -9.329  1.00 36.37 ? 140 VAL A N     1 
ATOM   1090 C  CA    . VAL A 1 140 ? 5.706   11.337  -10.017 1.00 37.95 ? 140 VAL A CA    1 
ATOM   1091 C  C     . VAL A 1 140 ? 6.060   10.584  -11.298 1.00 42.26 ? 140 VAL A C     1 
ATOM   1092 O  O     . VAL A 1 140 ? 6.726   11.130  -12.183 1.00 40.64 ? 140 VAL A O     1 
ATOM   1093 C  CB    . VAL A 1 140 ? 4.864   12.572  -10.378 1.00 38.19 ? 140 VAL A CB    1 
ATOM   1094 C  CG1   . VAL A 1 140 ? 3.554   12.138  -11.003 1.00 42.54 ? 140 VAL A CG1   1 
ATOM   1095 C  CG2   . VAL A 1 140 ? 4.612   13.414  -9.146  1.00 36.09 ? 140 VAL A CG2   1 
ATOM   1096 N  N     . ILE A 1 141 ? 5.616   9.336   -11.392 1.00 31.57 ? 141 ILE A N     1 
ATOM   1097 C  CA    . ILE A 1 141 ? 6.100   8.426   -12.430 1.00 37.79 ? 141 ILE A CA    1 
ATOM   1098 C  C     . ILE A 1 141 ? 4.947   7.867   -13.245 1.00 37.30 ? 141 ILE A C     1 
ATOM   1099 O  O     . ILE A 1 141 ? 3.887   7.559   -12.701 1.00 38.15 ? 141 ILE A O     1 
ATOM   1100 C  CB    . ILE A 1 141 ? 6.913   7.256   -11.823 1.00 37.17 ? 141 ILE A CB    1 
ATOM   1101 C  CG1   . ILE A 1 141 ? 8.240   7.758   -11.271 1.00 43.13 ? 141 ILE A CG1   1 
ATOM   1102 C  CG2   . ILE A 1 141 ? 7.185   6.169   -12.845 1.00 38.59 ? 141 ILE A CG2   1 
ATOM   1103 C  CD1   . ILE A 1 141 ? 8.222   7.933   -9.797  1.00 44.64 ? 141 ILE A CD1   1 
ATOM   1104 N  N     . LYS A 1 142 ? 5.158   7.764   -14.555 1.00 47.26 ? 142 LYS A N     1 
ATOM   1105 C  CA    . LYS A 1 142 ? 4.213   7.101   -15.444 1.00 47.50 ? 142 LYS A CA    1 
ATOM   1106 C  C     . LYS A 1 142 ? 4.626   5.650   -15.698 1.00 42.35 ? 142 LYS A C     1 
ATOM   1107 O  O     . LYS A 1 142 ? 5.785   5.363   -16.012 1.00 41.08 ? 142 LYS A O     1 
ATOM   1108 C  CB    . LYS A 1 142 ? 4.106   7.857   -16.772 1.00 57.66 ? 142 LYS A CB    1 
ATOM   1109 C  CG    . LYS A 1 142 ? 3.718   9.323   -16.635 1.00 70.44 ? 142 LYS A CG    1 
ATOM   1110 C  CD    . LYS A 1 142 ? 2.325   9.486   -16.039 1.00 86.81 ? 142 LYS A CD    1 
ATOM   1111 C  CE    . LYS A 1 142 ? 1.275   8.776   -16.883 1.00 85.10 ? 142 LYS A CE    1 
ATOM   1112 N  NZ    . LYS A 1 142 ? -0.107  9.020   -16.385 1.00 85.88 ? 142 LYS A NZ    1 
ATOM   1113 N  N     . VAL A 1 143 ? 3.670   4.736   -15.556 1.00 37.77 ? 143 VAL A N     1 
ATOM   1114 C  CA    . VAL A 1 143 ? 3.916   3.331   -15.832 1.00 38.00 ? 143 VAL A CA    1 
ATOM   1115 C  C     . VAL A 1 143 ? 3.007   2.843   -16.953 1.00 40.13 ? 143 VAL A C     1 
ATOM   1116 O  O     . VAL A 1 143 ? 1.774   2.886   -16.842 1.00 38.87 ? 143 VAL A O     1 
ATOM   1117 C  CB    . VAL A 1 143 ? 3.683   2.462   -14.593 1.00 37.60 ? 143 VAL A CB    1 
ATOM   1118 C  CG1   . VAL A 1 143 ? 3.985   1.007   -14.911 1.00 36.16 ? 143 VAL A CG1   1 
ATOM   1119 C  CG2   . VAL A 1 143 ? 4.566   2.950   -13.455 1.00 34.94 ? 143 VAL A CG2   1 
ATOM   1120 N  N     . GLU A 1 144 ? 3.617   2.391   -18.043 1.00 43.52 ? 144 GLU A N     1 
ATOM   1121 C  CA    . GLU A 1 144 ? 2.852   1.870   -19.166 1.00 39.88 ? 144 GLU A CA    1 
ATOM   1122 C  C     . GLU A 1 144 ? 2.642   0.390   -18.971 1.00 37.18 ? 144 GLU A C     1 
ATOM   1123 O  O     . GLU A 1 144 ? 3.601   -0.360  -18.788 1.00 42.56 ? 144 GLU A O     1 
ATOM   1124 C  CB    . GLU A 1 144 ? 3.567   2.121   -20.495 1.00 41.11 ? 144 GLU A CB    1 
ATOM   1125 C  CG    . GLU A 1 144 ? 3.667   3.580   -20.909 1.00 56.40 ? 144 GLU A CG    1 
ATOM   1126 C  CD    . GLU A 1 144 ? 4.182   3.754   -22.335 1.00 64.40 ? 144 GLU A CD    1 
ATOM   1127 O  OE1   . GLU A 1 144 ? 4.340   2.737   -23.050 1.00 59.98 ? 144 GLU A OE1   1 
ATOM   1128 O  OE2   . GLU A 1 144 ? 4.423   4.912   -22.741 1.00 75.55 ? 144 GLU A OE2   1 
ATOM   1129 N  N     . ASP A 1 145 ? 1.382   -0.015  -18.963 1.00 40.15 ? 145 ASP A N     1 
ATOM   1130 C  CA    . ASP A 1 145 ? 1.012   -1.415  -19.006 1.00 43.67 ? 145 ASP A CA    1 
ATOM   1131 C  C     . ASP A 1 145 ? 0.242   -1.565  -20.311 1.00 45.18 ? 145 ASP A C     1 
ATOM   1132 O  O     . ASP A 1 145 ? -0.941  -1.227  -20.380 1.00 41.72 ? 145 ASP A O     1 
ATOM   1133 C  CB    . ASP A 1 145 ? 0.114   -1.761  -17.814 1.00 43.84 ? 145 ASP A CB    1 
ATOM   1134 C  CG    . ASP A 1 145 ? -0.070  -3.257  -17.631 1.00 45.20 ? 145 ASP A CG    1 
ATOM   1135 O  OD1   . ASP A 1 145 ? 0.779   -4.024  -18.126 1.00 51.03 ? 145 ASP A OD1   1 
ATOM   1136 O  OD2   . ASP A 1 145 ? -1.065  -3.668  -16.988 1.00 52.41 ? 145 ASP A OD2   1 
ATOM   1137 N  N     . GLY A 1 146 ? 0.917   -2.045  -21.352 1.00 42.92 ? 146 GLY A N     1 
ATOM   1138 C  CA    . GLY A 1 146 ? 0.301   -2.129  -22.666 1.00 44.29 ? 146 GLY A CA    1 
ATOM   1139 C  C     . GLY A 1 146 ? -0.185  -0.764  -23.133 1.00 41.18 ? 146 GLY A C     1 
ATOM   1140 O  O     . GLY A 1 146 ? 0.586   0.195   -23.179 1.00 44.18 ? 146 GLY A O     1 
ATOM   1141 N  N     . ASN A 1 147 ? -1.465  -0.666  -23.468 1.00 44.98 ? 147 ASN A N     1 
ATOM   1142 C  CA    . ASN A 1 147 ? -2.033  0.618   -23.890 1.00 47.46 ? 147 ASN A CA    1 
ATOM   1143 C  C     . ASN A 1 147 ? -2.628  1.445   -22.734 1.00 43.24 ? 147 ASN A C     1 
ATOM   1144 O  O     . ASN A 1 147 ? -3.220  2.506   -22.951 1.00 41.62 ? 147 ASN A O     1 
ATOM   1145 C  CB    . ASN A 1 147 ? -3.045  0.432   -25.035 1.00 48.18 ? 147 ASN A CB    1 
ATOM   1146 C  CG    . ASN A 1 147 ? -4.273  -0.360  -24.617 1.00 45.67 ? 147 ASN A CG    1 
ATOM   1147 O  OD1   . ASN A 1 147 ? -4.274  -1.031  -23.587 1.00 51.10 ? 147 ASN A OD1   1 
ATOM   1148 N  ND2   . ASN A 1 147 ? -5.325  -0.291  -25.425 1.00 46.10 ? 147 ASN A ND2   1 
ATOM   1149 N  N     . MET A 1 148 ? -2.451  0.957   -21.509 1.00 43.90 ? 148 MET A N     1 
ATOM   1150 C  CA    . MET A 1 148 ? -2.900  1.686   -20.326 1.00 44.00 ? 148 MET A CA    1 
ATOM   1151 C  C     . MET A 1 148 ? -1.745  2.446   -19.675 1.00 39.98 ? 148 MET A C     1 
ATOM   1152 O  O     . MET A 1 148 ? -0.628  1.931   -19.557 1.00 48.56 ? 148 MET A O     1 
ATOM   1153 C  CB    . MET A 1 148 ? -3.555  0.738   -19.314 1.00 44.16 ? 148 MET A CB    1 
ATOM   1154 C  CG    . MET A 1 148 ? -4.985  0.321   -19.666 1.00 46.48 ? 148 MET A CG    1 
ATOM   1155 S  SD    . MET A 1 148 ? -6.164  1.687   -19.589 1.00 59.26 ? 148 MET A SD    1 
ATOM   1156 C  CE    . MET A 1 148 ? -6.403  1.882   -17.818 1.00 50.77 ? 148 MET A CE    1 
ATOM   1157 N  N     . ASN A 1 149 ? -2.027  3.675   -19.263 1.00 41.49 ? 149 ASN A N     1 
ATOM   1158 C  CA    . ASN A 1 149 ? -1.068  4.499   -18.543 1.00 42.08 ? 149 ASN A CA    1 
ATOM   1159 C  C     . ASN A 1 149 ? -1.464  4.648   -17.083 1.00 36.28 ? 149 ASN A C     1 
ATOM   1160 O  O     . ASN A 1 149 ? -2.629  4.908   -16.766 1.00 41.34 ? 149 ASN A O     1 
ATOM   1161 C  CB    . ASN A 1 149 ? -0.959  5.886   -19.181 1.00 46.06 ? 149 ASN A CB    1 
ATOM   1162 C  CG    . ASN A 1 149 ? 0.306   6.056   -19.999 1.00 58.08 ? 149 ASN A CG    1 
ATOM   1163 O  OD1   . ASN A 1 149 ? 1.262   6.697   -19.559 1.00 57.56 ? 149 ASN A OD1   1 
ATOM   1164 N  ND2   . ASN A 1 149 ? 0.319   5.482   -21.195 1.00 58.09 ? 149 ASN A ND2   1 
ATOM   1165 N  N     . HIS A 1 150 ? -0.493  4.481   -16.196 1.00 36.14 ? 150 HIS A N     1 
ATOM   1166 C  CA    . HIS A 1 150 ? -0.742  4.657   -14.774 1.00 34.64 ? 150 HIS A CA    1 
ATOM   1167 C  C     . HIS A 1 150 ? 0.234   5.683   -14.202 1.00 37.88 ? 150 HIS A C     1 
ATOM   1168 O  O     . HIS A 1 150 ? 1.376   5.789   -14.657 1.00 44.59 ? 150 HIS A O     1 
ATOM   1169 C  CB    . HIS A 1 150 ? -0.620  3.324   -14.033 1.00 33.97 ? 150 HIS A CB    1 
ATOM   1170 C  CG    . HIS A 1 150 ? -1.542  2.258   -14.546 1.00 36.18 ? 150 HIS A CG    1 
ATOM   1171 N  ND1   . HIS A 1 150 ? -2.697  1.888   -13.892 1.00 37.55 ? 150 HIS A ND1   1 
ATOM   1172 C  CD2   . HIS A 1 150 ? -1.470  1.475   -15.652 1.00 37.92 ? 150 HIS A CD2   1 
ATOM   1173 C  CE1   . HIS A 1 150 ? -3.302  0.930   -14.573 1.00 39.51 ? 150 HIS A CE1   1 
ATOM   1174 N  NE2   . HIS A 1 150 ? -2.572  0.659   -15.641 1.00 34.26 ? 150 HIS A NE2   1 
ATOM   1175 N  N     . THR A 1 151 ? -0.227  6.450   -13.218 1.00 32.72 ? 151 THR A N     1 
ATOM   1176 C  CA    . THR A 1 151 ? 0.632   7.406   -12.529 1.00 34.32 ? 151 THR A CA    1 
ATOM   1177 C  C     . THR A 1 151 ? 0.884   6.921   -11.107 1.00 30.63 ? 151 THR A C     1 
ATOM   1178 O  O     . THR A 1 151 ? -0.029  6.464   -10.420 1.00 31.96 ? 151 THR A O     1 
ATOM   1179 C  CB    . THR A 1 151 ? -0.001  8.823   -12.483 1.00 36.93 ? 151 THR A CB    1 
ATOM   1180 O  OG1   . THR A 1 151 ? -0.169  9.319   -13.817 1.00 33.10 ? 151 THR A OG1   1 
ATOM   1181 C  CG2   . THR A 1 151 ? 0.894   9.783   -11.726 1.00 29.90 ? 151 THR A CG2   1 
ATOM   1182 N  N     . VAL A 1 152 ? 2.130   7.010   -10.666 1.00 25.59 ? 152 VAL A N     1 
ATOM   1183 C  CA    . VAL A 1 152 ? 2.482   6.598   -9.317  1.00 25.41 ? 152 VAL A CA    1 
ATOM   1184 C  C     . VAL A 1 152 ? 3.126   7.771   -8.578  1.00 28.99 ? 152 VAL A C     1 
ATOM   1185 O  O     . VAL A 1 152 ? 4.071   8.375   -9.081  1.00 31.25 ? 152 VAL A O     1 
ATOM   1186 C  CB    . VAL A 1 152 ? 3.464   5.443   -9.353  1.00 28.03 ? 152 VAL A CB    1 
ATOM   1187 C  CG1   . VAL A 1 152 ? 3.938   5.104   -7.961  1.00 26.54 ? 152 VAL A CG1   1 
ATOM   1188 C  CG2   . VAL A 1 152 ? 2.816   4.238   -10.014 1.00 27.02 ? 152 VAL A CG2   1 
ATOM   1189 N  N     . TYR A 1 153 ? 2.611   8.079   -7.390  1.00 28.58 ? 153 TYR A N     1 
ATOM   1190 C  CA    . TYR A 1 153 ? 3.130   9.174   -6.565  1.00 27.51 ? 153 TYR A CA    1 
ATOM   1191 C  C     . TYR A 1 153 ? 3.943   8.627   -5.393  1.00 27.84 ? 153 TYR A C     1 
ATOM   1192 O  O     . TYR A 1 153 ? 3.487   7.734   -4.682  1.00 31.12 ? 153 TYR A O     1 
ATOM   1193 C  CB    . TYR A 1 153 ? 1.990   10.024  -6.010  1.00 27.46 ? 153 TYR A CB    1 
ATOM   1194 C  CG    . TYR A 1 153 ? 1.193   10.772  -7.046  1.00 33.83 ? 153 TYR A CG    1 
ATOM   1195 C  CD1   . TYR A 1 153 ? 0.085   10.189  -7.645  1.00 30.53 ? 153 TYR A CD1   1 
ATOM   1196 C  CD2   . TYR A 1 153 ? 1.535   12.078  -7.410  1.00 34.00 ? 153 TYR A CD2   1 
ATOM   1197 C  CE1   . TYR A 1 153 ? -0.658  10.875  -8.599  1.00 35.13 ? 153 TYR A CE1   1 
ATOM   1198 C  CE2   . TYR A 1 153 ? 0.796   12.776  -8.364  1.00 37.48 ? 153 TYR A CE2   1 
ATOM   1199 C  CZ    . TYR A 1 153 ? -0.296  12.165  -8.953  1.00 35.89 ? 153 TYR A CZ    1 
ATOM   1200 O  OH    . TYR A 1 153 ? -1.031  12.840  -9.893  1.00 35.58 ? 153 TYR A OH    1 
ATOM   1201 N  N     . LEU A 1 154 ? 5.143   9.166   -5.198  1.00 25.94 ? 154 LEU A N     1 
ATOM   1202 C  CA    . LEU A 1 154 ? 5.974   8.785   -4.062  1.00 30.84 ? 154 LEU A CA    1 
ATOM   1203 C  C     . LEU A 1 154 ? 6.160   9.989   -3.142  1.00 30.24 ? 154 LEU A C     1 
ATOM   1204 O  O     . LEU A 1 154 ? 6.622   11.031  -3.585  1.00 32.20 ? 154 LEU A O     1 
ATOM   1205 C  CB    . LEU A 1 154 ? 7.344   8.312   -4.525  1.00 30.96 ? 154 LEU A CB    1 
ATOM   1206 C  CG    . LEU A 1 154 ? 8.309   8.022   -3.366  1.00 33.55 ? 154 LEU A CG    1 
ATOM   1207 C  CD1   . LEU A 1 154 ? 7.881   6.770   -2.627  1.00 33.46 ? 154 LEU A CD1   1 
ATOM   1208 C  CD2   . LEU A 1 154 ? 9.747   7.930   -3.847  1.00 33.88 ? 154 LEU A CD2   1 
ATOM   1209 N  N     . TYR A 1 155 ? 5.802   9.821   -1.872  1.00 25.51 ? 155 TYR A N     1 
ATOM   1210 C  CA    . TYR A 1 155 ? 6.044   10.825  -0.840  1.00 30.70 ? 155 TYR A CA    1 
ATOM   1211 C  C     . TYR A 1 155 ? 7.048   10.303  0.185   1.00 29.31 ? 155 TYR A C     1 
ATOM   1212 O  O     . TYR A 1 155 ? 7.225   9.087   0.337   1.00 33.17 ? 155 TYR A O     1 
ATOM   1213 C  CB    . TYR A 1 155 ? 4.731   11.235  -0.160  1.00 27.06 ? 155 TYR A CB    1 
ATOM   1214 C  CG    . TYR A 1 155 ? 3.704   11.751  -1.137  1.00 29.91 ? 155 TYR A CG    1 
ATOM   1215 C  CD1   . TYR A 1 155 ? 2.808   10.888  -1.738  1.00 28.09 ? 155 TYR A CD1   1 
ATOM   1216 C  CD2   . TYR A 1 155 ? 3.629   13.110  -1.460  1.00 25.78 ? 155 TYR A CD2   1 
ATOM   1217 C  CE1   . TYR A 1 155 ? 1.864   11.341  -2.644  1.00 30.80 ? 155 TYR A CE1   1 
ATOM   1218 C  CE2   . TYR A 1 155 ? 2.689   13.572  -2.365  1.00 29.79 ? 155 TYR A CE2   1 
ATOM   1219 C  CZ    . TYR A 1 155 ? 1.810   12.673  -2.958  1.00 28.82 ? 155 TYR A CZ    1 
ATOM   1220 O  OH    . TYR A 1 155 ? 0.864   13.096  -3.861  1.00 27.77 ? 155 TYR A OH    1 
ATOM   1221 N  N     . VAL A 1 156 ? 7.740   11.221  0.853   1.00 30.08 ? 156 VAL A N     1 
ATOM   1222 C  CA    . VAL A 1 156 ? 8.641   10.858  1.932   1.00 28.76 ? 156 VAL A CA    1 
ATOM   1223 C  C     . VAL A 1 156 ? 8.293   11.682  3.155   1.00 33.88 ? 156 VAL A C     1 
ATOM   1224 O  O     . VAL A 1 156 ? 8.377   12.919  3.125   1.00 34.20 ? 156 VAL A O     1 
ATOM   1225 C  CB    . VAL A 1 156 ? 10.134  11.058  1.556   1.00 30.81 ? 156 VAL A CB    1 
ATOM   1226 C  CG1   . VAL A 1 156 ? 11.034  10.757  2.757   1.00 27.11 ? 156 VAL A CG1   1 
ATOM   1227 C  CG2   . VAL A 1 156 ? 10.505  10.182  0.375   1.00 36.53 ? 156 VAL A CG2   1 
ATOM   1228 N  N     . ILE A 1 157 ? 7.867   10.992  4.215   1.00 32.40 ? 157 ILE A N     1 
ATOM   1229 C  CA    . ILE A 1 157 ? 7.392   11.659  5.424   1.00 31.12 ? 157 ILE A CA    1 
ATOM   1230 C  C     . ILE A 1 157 ? 8.500   12.514  6.035   1.00 30.21 ? 157 ILE A C     1 
ATOM   1231 O  O     . ILE A 1 157 ? 9.605   12.030  6.284   1.00 30.25 ? 157 ILE A O     1 
ATOM   1232 C  CB    . ILE A 1 157 ? 6.892   10.652  6.481   1.00 34.28 ? 157 ILE A CB    1 
ATOM   1233 C  CG1   . ILE A 1 157 ? 5.689   9.865   5.954   1.00 28.81 ? 157 ILE A CG1   1 
ATOM   1234 C  CG2   . ILE A 1 157 ? 6.513   11.380  7.771   1.00 39.62 ? 157 ILE A CG2   1 
ATOM   1235 C  CD1   . ILE A 1 157 ? 4.499   10.755  5.597   1.00 34.57 ? 157 ILE A CD1   1 
ATOM   1236 N  N     . GLY A 1 158 ? 8.201   13.785  6.284   1.00 33.66 ? 158 GLY A N     1 
ATOM   1237 C  CA    . GLY A 1 158 ? 9.197   14.690  6.816   1.00 38.47 ? 158 GLY A CA    1 
ATOM   1238 C  C     . GLY A 1 158 ? 9.835   15.515  5.716   1.00 44.18 ? 158 GLY A C     1 
ATOM   1239 O  O     . GLY A 1 158 ? 10.568  16.461  5.992   1.00 50.83 ? 158 GLY A O     1 
ATOM   1240 N  N     . GLU A 1 159 ? 9.567   15.152  4.466   1.00 41.83 ? 159 GLU A N     1 
ATOM   1241 C  CA    . GLU A 1 159 ? 9.998   15.967  3.336   1.00 37.94 ? 159 GLU A CA    1 
ATOM   1242 C  C     . GLU A 1 159 ? 8.836   16.189  2.386   1.00 36.00 ? 159 GLU A C     1 
ATOM   1243 O  O     . GLU A 1 159 ? 9.036   16.527  1.234   1.00 37.44 ? 159 GLU A O     1 
ATOM   1244 C  CB    . GLU A 1 159 ? 11.160  15.314  2.589   1.00 46.49 ? 159 GLU A CB    1 
ATOM   1245 C  CG    . GLU A 1 159 ? 12.434  15.205  3.409   1.00 55.78 ? 159 GLU A CG    1 
ATOM   1246 C  CD    . GLU A 1 159 ? 13.649  14.790  2.585   1.00 69.36 ? 159 GLU A CD    1 
ATOM   1247 O  OE1   . GLU A 1 159 ? 13.563  13.783  1.845   1.00 70.79 ? 159 GLU A OE1   1 
ATOM   1248 O  OE2   . GLU A 1 159 ? 14.694  15.472  2.685   1.00 63.24 ? 159 GLU A OE2   1 
ATOM   1249 N  N     . HIS A 1 160 ? 7.622   16.003  2.893   1.00 36.13 ? 160 HIS A N     1 
ATOM   1250 C  CA    . HIS A 1 160 ? 6.422   16.034  2.077   1.00 35.94 ? 160 HIS A CA    1 
ATOM   1251 C  C     . HIS A 1 160 ? 5.736   17.407  2.092   1.00 44.94 ? 160 HIS A C     1 
ATOM   1252 O  O     . HIS A 1 160 ? 4.834   17.665  1.291   1.00 47.08 ? 160 HIS A O     1 
ATOM   1253 C  CB    . HIS A 1 160 ? 5.447   14.968  2.569   1.00 34.12 ? 160 HIS A CB    1 
ATOM   1254 C  CG    . HIS A 1 160 ? 4.958   15.195  3.967   1.00 34.06 ? 160 HIS A CG    1 
ATOM   1255 N  ND1   . HIS A 1 160 ? 5.716   14.896  5.081   1.00 31.53 ? 160 HIS A ND1   1 
ATOM   1256 C  CD2   . HIS A 1 160 ? 3.792   15.703  4.434   1.00 32.60 ? 160 HIS A CD2   1 
ATOM   1257 C  CE1   . HIS A 1 160 ? 5.033   15.201  6.171   1.00 34.00 ? 160 HIS A CE1   1 
ATOM   1258 N  NE2   . HIS A 1 160 ? 3.860   15.690  5.805   1.00 35.99 ? 160 HIS A NE2   1 
ATOM   1259 N  N     . LYS A 1 161 ? 6.157   18.277  3.007   1.00 49.35 ? 161 LYS A N     1 
ATOM   1260 C  CA    . LYS A 1 161 ? 5.621   19.634  3.078   1.00 57.82 ? 161 LYS A CA    1 
ATOM   1261 C  C     . LYS A 1 161 ? 6.715   20.682  2.923   1.00 53.46 ? 161 LYS A C     1 
ATOM   1262 O  O     . LYS A 1 161 ? 6.508   21.854  3.230   1.00 59.26 ? 161 LYS A O     1 
ATOM   1263 C  CB    . LYS A 1 161 ? 4.864   19.858  4.391   1.00 58.11 ? 161 LYS A CB    1 
ATOM   1264 C  CG    . LYS A 1 161 ? 3.589   19.058  4.499   1.00 60.60 ? 161 LYS A CG    1 
ATOM   1265 C  CD    . LYS A 1 161 ? 2.731   19.510  5.663   1.00 70.67 ? 161 LYS A CD    1 
ATOM   1266 C  CE    . LYS A 1 161 ? 3.418   19.283  6.996   1.00 75.27 ? 161 LYS A CE    1 
ATOM   1267 N  NZ    . LYS A 1 161 ? 2.440   19.382  8.115   1.00 63.39 ? 161 LYS A NZ    1 
HETATM 1268 N  N     . SAH B 2 .   ? -4.377  -2.192  -2.388  1.00 30.08 ? 201 SAH A N     1 
HETATM 1269 C  CA    . SAH B 2 .   ? -4.937  -3.191  -3.302  1.00 26.61 ? 201 SAH A CA    1 
HETATM 1270 C  CB    . SAH B 2 .   ? -6.472  -3.142  -3.295  1.00 24.45 ? 201 SAH A CB    1 
HETATM 1271 C  CG    . SAH B 2 .   ? -7.072  -1.792  -3.717  1.00 24.75 ? 201 SAH A CG    1 
HETATM 1272 S  SD    . SAH B 2 .   ? -8.876  -1.923  -3.777  1.00 28.68 ? 201 SAH A SD    1 
HETATM 1273 C  C     . SAH B 2 .   ? -4.404  -3.040  -4.731  1.00 28.14 ? 201 SAH A C     1 
HETATM 1274 O  O     . SAH B 2 .   ? -3.920  -1.973  -5.111  1.00 31.04 ? 201 SAH A O     1 
HETATM 1275 O  OXT   . SAH B 2 .   ? -4.444  -3.993  -5.526  1.00 30.66 ? 201 SAH A OXT   1 
HETATM 1276 C  "C5'" . SAH B 2 .   ? -9.097  -1.204  -2.130  1.00 31.12 ? 201 SAH A "C5'" 1 
HETATM 1277 C  "C4'" . SAH B 2 .   ? -9.400  -2.221  -1.033  1.00 29.05 ? 201 SAH A "C4'" 1 
HETATM 1278 O  "O4'" . SAH B 2 .   ? -9.480  -1.570  0.217   1.00 30.68 ? 201 SAH A "O4'" 1 
HETATM 1279 C  "C3'" . SAH B 2 .   ? -10.729 -2.942  -1.204  1.00 25.87 ? 201 SAH A "C3'" 1 
HETATM 1280 O  "O3'" . SAH B 2 .   ? -10.488 -4.323  -1.101  1.00 29.75 ? 201 SAH A "O3'" 1 
HETATM 1281 C  "C2'" . SAH B 2 .   ? -11.612 -2.511  -0.053  1.00 29.08 ? 201 SAH A "C2'" 1 
HETATM 1282 O  "O2'" . SAH B 2 .   ? -12.369 -3.582  0.460   1.00 26.96 ? 201 SAH A "O2'" 1 
HETATM 1283 C  "C1'" . SAH B 2 .   ? -10.584 -2.068  0.959   1.00 26.66 ? 201 SAH A "C1'" 1 
HETATM 1284 N  N9    . SAH B 2 .   ? -11.044 -0.979  1.815   1.00 28.62 ? 201 SAH A N9    1 
HETATM 1285 C  C8    . SAH B 2 .   ? -11.800 0.115   1.485   1.00 25.54 ? 201 SAH A C8    1 
HETATM 1286 N  N7    . SAH B 2 .   ? -11.936 0.872   2.598   1.00 27.85 ? 201 SAH A N7    1 
HETATM 1287 C  C5    . SAH B 2 .   ? -11.265 0.276   3.610   1.00 27.51 ? 201 SAH A C5    1 
HETATM 1288 C  C6    . SAH B 2 .   ? -11.077 0.602   4.945   1.00 27.32 ? 201 SAH A C6    1 
HETATM 1289 N  N6    . SAH B 2 .   ? -11.594 1.714   5.472   1.00 23.99 ? 201 SAH A N6    1 
HETATM 1290 N  N1    . SAH B 2 .   ? -10.318 -0.231  5.727   1.00 28.94 ? 201 SAH A N1    1 
HETATM 1291 C  C2    . SAH B 2 .   ? -9.776  -1.384  5.211   1.00 27.02 ? 201 SAH A C2    1 
HETATM 1292 N  N3    . SAH B 2 .   ? -9.971  -1.708  3.892   1.00 27.41 ? 201 SAH A N3    1 
HETATM 1293 C  C4    . SAH B 2 .   ? -10.704 -0.883  3.119   1.00 28.97 ? 201 SAH A C4    1 
HETATM 1294 MG MG    . MG  C 3 .   ? -4.177  2.977   -12.788 1.00 28.56 ? 202 MG  A MG    1 
HETATM 1295 O  O     . HOH D 4 .   ? 5.999   7.146   14.875  1.00 30.00 ? 301 HOH A O     1 
HETATM 1296 O  O     . HOH D 4 .   ? -4.909  -19.226 6.079   1.00 52.56 ? 302 HOH A O     1 
HETATM 1297 O  O     . HOH D 4 .   ? -2.075  8.427   -15.974 1.00 30.00 ? 303 HOH A O     1 
HETATM 1298 O  O     . HOH D 4 .   ? 7.376   8.254   17.963  1.00 34.55 ? 304 HOH A O     1 
HETATM 1299 O  O     . HOH D 4 .   ? 2.563   -19.877 4.116   1.00 40.55 ? 305 HOH A O     1 
HETATM 1300 O  O     . HOH D 4 .   ? -7.035  -14.362 -6.084  1.00 48.94 ? 306 HOH A O     1 
HETATM 1301 O  O     . HOH D 4 .   ? -14.983 10.797  1.258   1.00 50.87 ? 307 HOH A O     1 
HETATM 1302 O  O     . HOH D 4 .   ? 12.120  14.864  -6.159  1.00 34.55 ? 308 HOH A O     1 
HETATM 1303 O  O     . HOH D 4 .   ? -0.072  4.429   17.827  1.00 49.33 ? 309 HOH A O     1 
HETATM 1304 O  O     . HOH D 4 .   ? -10.984 -6.402  13.241  1.00 34.55 ? 310 HOH A O     1 
HETATM 1305 O  O     . HOH D 4 .   ? 6.095   6.288   -23.769 1.00 34.55 ? 311 HOH A O     1 
HETATM 1306 O  O     . HOH D 4 .   ? 16.580  -13.147 1.939   1.00 34.55 ? 312 HOH A O     1 
HETATM 1307 O  O     . HOH D 4 .   ? 4.979   12.077  10.718  1.00 31.56 ? 313 HOH A O     1 
HETATM 1308 O  O     . HOH D 4 .   ? -2.384  -11.654 -9.411  1.00 64.10 ? 314 HOH A O     1 
HETATM 1309 O  O     . HOH D 4 .   ? -2.104  -5.955  -1.406  1.00 28.27 ? 315 HOH A O     1 
HETATM 1310 O  O     . HOH D 4 .   ? 0.503   15.673  -4.512  1.00 35.36 ? 316 HOH A O     1 
HETATM 1311 O  O     . HOH D 4 .   ? 8.074   -3.912  13.930  1.00 30.00 ? 317 HOH A O     1 
HETATM 1312 O  O     . HOH D 4 .   ? 6.804   17.523  -5.517  1.00 45.20 ? 318 HOH A O     1 
HETATM 1313 O  O     . HOH D 4 .   ? 13.550  2.503   -7.893  1.00 34.55 ? 319 HOH A O     1 
HETATM 1314 O  O     . HOH D 4 .   ? 12.321  5.828   -6.869  1.00 44.11 ? 320 HOH A O     1 
HETATM 1315 O  O     . HOH D 4 .   ? 6.924   -13.706 11.297  1.00 30.00 ? 321 HOH A O     1 
HETATM 1316 O  O     . HOH D 4 .   ? -5.415  14.374  -1.004  1.00 35.69 ? 322 HOH A O     1 
HETATM 1317 O  O     . HOH D 4 .   ? -11.014 1.373   -4.371  1.00 30.00 ? 323 HOH A O     1 
HETATM 1318 O  O     . HOH D 4 .   ? -3.998  4.227   15.335  1.00 34.55 ? 324 HOH A O     1 
HETATM 1319 O  O     . HOH D 4 .   ? -8.823  -9.653  -8.614  1.00 34.55 ? 325 HOH A O     1 
HETATM 1320 O  O     . HOH D 4 .   ? 12.746  14.986  -0.351  1.00 34.55 ? 326 HOH A O     1 
HETATM 1321 O  O     . HOH D 4 .   ? -3.178  -1.663  -16.749 1.00 38.69 ? 327 HOH A O     1 
HETATM 1322 O  O     . HOH D 4 .   ? 3.234   -9.825  8.843   1.00 41.69 ? 328 HOH A O     1 
HETATM 1323 O  O     . HOH D 4 .   ? 3.653   16.299  9.318   1.00 50.56 ? 329 HOH A O     1 
HETATM 1324 O  O     . HOH D 4 .   ? -17.448 -7.902  5.059   1.00 40.69 ? 330 HOH A O     1 
HETATM 1325 O  O     . HOH D 4 .   ? -17.910 7.497   0.422   1.00 44.11 ? 331 HOH A O     1 
HETATM 1326 O  O     . HOH D 4 .   ? -13.361 5.907   1.133   1.00 30.00 ? 332 HOH A O     1 
HETATM 1327 O  O     . HOH D 4 .   ? -4.368  0.233   -1.200  1.00 29.19 ? 333 HOH A O     1 
HETATM 1328 O  O     . HOH D 4 .   ? -5.294  4.700   -16.823 1.00 34.55 ? 334 HOH A O     1 
HETATM 1329 O  O     . HOH D 4 .   ? 6.744   -18.589 4.907   1.00 37.33 ? 335 HOH A O     1 
HETATM 1330 O  O     . HOH D 4 .   ? -0.018  2.808   -22.931 1.00 54.93 ? 336 HOH A O     1 
HETATM 1331 O  O     . HOH D 4 .   ? 7.837   -8.731  -9.340  1.00 45.03 ? 337 HOH A O     1 
HETATM 1332 O  O     . HOH D 4 .   ? 12.445  -13.521 3.577   1.00 34.55 ? 338 HOH A O     1 
HETATM 1333 O  O     . HOH D 4 .   ? -5.031  3.439   -14.608 1.00 34.55 ? 339 HOH A O     1 
HETATM 1334 O  O     . HOH D 4 .   ? 5.916   -7.001  -13.682 1.00 34.55 ? 340 HOH A O     1 
HETATM 1335 O  O     . HOH D 4 .   ? 10.538  -14.282 -7.210  1.00 34.55 ? 341 HOH A O     1 
HETATM 1336 O  O     . HOH D 4 .   ? 2.394   11.505  16.671  1.00 40.84 ? 342 HOH A O     1 
HETATM 1337 O  O     . HOH D 4 .   ? -4.448  6.214   -2.993  1.00 29.15 ? 343 HOH A O     1 
HETATM 1338 O  O     . HOH D 4 .   ? 6.817   4.719   10.498  1.00 35.69 ? 344 HOH A O     1 
HETATM 1339 O  O     . HOH D 4 .   ? 7.576   8.759   -15.351 1.00 34.55 ? 345 HOH A O     1 
HETATM 1340 O  O     . HOH D 4 .   ? 13.647  7.502   3.306   1.00 37.33 ? 346 HOH A O     1 
HETATM 1341 O  O     . HOH D 4 .   ? 15.861  -9.222  5.201   1.00 30.00 ? 347 HOH A O     1 
HETATM 1342 O  O     . HOH D 4 .   ? -2.754  16.981  8.811   1.00 34.55 ? 348 HOH A O     1 
HETATM 1343 O  O     . HOH D 4 .   ? -5.814  -6.439  -4.572  1.00 28.87 ? 349 HOH A O     1 
HETATM 1344 O  O     . HOH D 4 .   ? 12.090  4.395   5.509   1.00 35.14 ? 350 HOH A O     1 
HETATM 1345 O  O     . HOH D 4 .   ? -4.860  -19.891 -7.703  1.00 34.33 ? 351 HOH A O     1 
HETATM 1346 O  O     . HOH D 4 .   ? -14.653 -6.664  -2.327  1.00 41.41 ? 352 HOH A O     1 
HETATM 1347 O  O     . HOH D 4 .   ? -2.314  -7.665  -13.216 1.00 34.55 ? 353 HOH A O     1 
HETATM 1348 O  O     . HOH D 4 .   ? 7.653   13.761  -0.417  1.00 29.91 ? 354 HOH A O     1 
HETATM 1349 O  O     . HOH D 4 .   ? -0.251  -14.989 7.314   1.00 44.40 ? 355 HOH A O     1 
HETATM 1350 O  O     . HOH D 4 .   ? -7.865  17.412  5.214   1.00 45.71 ? 356 HOH A O     1 
HETATM 1351 O  O     . HOH D 4 .   ? -14.479 -16.765 -0.166  1.00 37.67 ? 357 HOH A O     1 
HETATM 1352 O  O     . HOH D 4 .   ? -5.390  12.818  -7.574  1.00 39.75 ? 358 HOH A O     1 
HETATM 1353 O  O     . HOH D 4 .   ? -12.687 3.576   3.210   1.00 33.40 ? 359 HOH A O     1 
HETATM 1354 O  O     . HOH D 4 .   ? -7.086  -9.324  12.149  1.00 38.56 ? 360 HOH A O     1 
HETATM 1355 O  O     . HOH D 4 .   ? 12.161  -5.670  -9.089  1.00 50.07 ? 361 HOH A O     1 
HETATM 1356 O  O     . HOH D 4 .   ? -9.112  13.618  8.167   1.00 34.55 ? 362 HOH A O     1 
HETATM 1357 O  O     . HOH D 4 .   ? -0.031  -9.430  11.790  1.00 46.21 ? 363 HOH A O     1 
HETATM 1358 O  O     . HOH D 4 .   ? 10.718  -11.784 9.425   1.00 34.55 ? 364 HOH A O     1 
HETATM 1359 O  O     . HOH D 4 .   ? 16.018  -4.076  8.599   1.00 34.55 ? 365 HOH A O     1 
HETATM 1360 O  O     . HOH D 4 .   ? 5.879   1.679   16.127  1.00 43.62 ? 366 HOH A O     1 
HETATM 1361 O  O     . HOH D 4 .   ? 13.548  -11.089 4.893   1.00 45.80 ? 367 HOH A O     1 
HETATM 1362 O  O     . HOH D 4 .   ? 10.330  4.555   8.591   1.00 40.03 ? 368 HOH A O     1 
HETATM 1363 O  O     . HOH D 4 .   ? -14.169 -5.200  -1.178  1.00 39.66 ? 369 HOH A O     1 
HETATM 1364 O  O     . HOH D 4 .   ? -12.913 -15.113 -1.201  1.00 35.24 ? 370 HOH A O     1 
HETATM 1365 O  O     . HOH D 4 .   ? -3.147  -11.647 -7.321  1.00 48.26 ? 371 HOH A O     1 
HETATM 1366 O  O     . HOH D 4 .   ? 7.745   3.277   -15.350 1.00 34.55 ? 372 HOH A O     1 
HETATM 1367 O  O     . HOH D 4 .   ? -5.928  19.448  0.340   1.00 44.70 ? 373 HOH A O     1 
HETATM 1368 O  O     . HOH D 4 .   ? 0.306   -9.932  -14.939 1.00 34.55 ? 374 HOH A O     1 
HETATM 1369 O  O     . HOH D 4 .   ? -24.230 -2.289  6.639   1.00 34.55 ? 375 HOH A O     1 
HETATM 1370 O  O     . HOH D 4 .   ? -2.425  -13.128 8.702   1.00 36.93 ? 376 HOH A O     1 
HETATM 1371 O  O     . HOH D 4 .   ? -0.078  -5.902  -15.287 1.00 40.16 ? 377 HOH A O     1 
HETATM 1372 O  O     . HOH D 4 .   ? -15.729 -4.106  -6.593  1.00 34.55 ? 378 HOH A O     1 
HETATM 1373 O  O     . HOH D 4 .   ? -2.940  -17.401 5.328   1.00 34.55 ? 379 HOH A O     1 
HETATM 1374 O  O     . HOH D 4 .   ? 2.263   -0.690  13.517  1.00 36.52 ? 380 HOH A O     1 
HETATM 1375 O  O     . HOH D 4 .   ? 13.443  -1.577  9.408   1.00 53.59 ? 381 HOH A O     1 
HETATM 1376 O  O     . HOH D 4 .   ? -0.946  -14.658 -5.812  1.00 34.55 ? 382 HOH A O     1 
HETATM 1377 O  O     . HOH D 4 .   ? -6.461  -0.731  -12.069 1.00 34.55 ? 383 HOH A O     1 
HETATM 1378 O  O     . HOH D 4 .   ? -0.933  17.698  5.975   1.00 34.55 ? 384 HOH A O     1 
HETATM 1379 O  O     . HOH D 4 .   ? 9.149   12.817  -11.237 1.00 50.35 ? 385 HOH A O     1 
HETATM 1380 O  O     . HOH D 4 .   ? -3.993  -1.795  15.594  1.00 30.00 ? 386 HOH A O     1 
HETATM 1381 O  O     . HOH D 4 .   ? 2.355   3.698   18.486  1.00 34.55 ? 387 HOH A O     1 
HETATM 1382 O  O     . HOH D 4 .   ? -5.863  -7.382  -11.979 1.00 34.55 ? 388 HOH A O     1 
HETATM 1383 O  O     . HOH D 4 .   ? 7.664   17.988  5.746   1.00 34.55 ? 389 HOH A O     1 
HETATM 1384 O  O     . HOH D 4 .   ? 12.516  3.031   -10.553 1.00 51.67 ? 390 HOH A O     1 
HETATM 1385 O  O     . HOH D 4 .   ? -2.371  19.591  4.560   1.00 30.00 ? 391 HOH A O     1 
HETATM 1386 O  O     . HOH D 4 .   ? 8.014   -10.523 10.605  1.00 55.25 ? 392 HOH A O     1 
HETATM 1387 O  O     . HOH D 4 .   ? 7.667   1.119   -16.358 1.00 34.55 ? 393 HOH A O     1 
HETATM 1388 O  O     . HOH D 4 .   ? -9.279  6.693   14.018  1.00 30.00 ? 394 HOH A O     1 
HETATM 1389 O  O     . HOH D 4 .   ? -18.186 1.306   2.259   1.00 30.00 ? 395 HOH A O     1 
HETATM 1390 O  O     . HOH D 4 .   ? -10.260 -7.820  14.152  1.00 34.55 ? 396 HOH A O     1 
HETATM 1391 O  O     . HOH D 4 .   ? -17.121 -8.374  10.010  1.00 34.55 ? 397 HOH A O     1 
HETATM 1392 O  O     . HOH D 4 .   ? 0.744   -14.600 9.513   1.00 57.57 ? 398 HOH A O     1 
HETATM 1393 O  O     . HOH D 4 .   ? 13.328  5.364   -1.129  1.00 34.55 ? 399 HOH A O     1 
HETATM 1394 O  O     . HOH D 4 .   ? 1.372   -18.287 -7.470  1.00 47.09 ? 400 HOH A O     1 
HETATM 1395 O  O     . HOH D 4 .   ? -6.160  2.228   -12.693 1.00 34.55 ? 401 HOH A O     1 
HETATM 1396 O  O     . HOH D 4 .   ? 9.914   16.271  -2.577  1.00 30.00 ? 402 HOH A O     1 
HETATM 1397 O  O     . HOH D 4 .   ? -4.960  -13.385 10.073  1.00 50.40 ? 403 HOH A O     1 
HETATM 1398 O  O     . HOH D 4 .   ? 14.677  12.322  -8.736  1.00 30.00 ? 404 HOH A O     1 
HETATM 1399 O  O     . HOH D 4 .   ? 12.229  5.238   7.882   1.00 30.00 ? 405 HOH A O     1 
HETATM 1400 O  O     . HOH D 4 .   ? -15.730 -0.887  1.129   1.00 30.00 ? 406 HOH A O     1 
HETATM 1401 O  O     . HOH D 4 .   ? 2.391   -9.285  -14.907 1.00 34.55 ? 407 HOH A O     1 
HETATM 1402 O  O     . HOH D 4 .   ? 6.476   -19.605 8.930   1.00 34.55 ? 408 HOH A O     1 
HETATM 1403 O  O     . HOH D 4 .   ? 9.637   2.900   12.958  1.00 49.97 ? 409 HOH A O     1 
HETATM 1404 O  O     . HOH D 4 .   ? -6.496  10.583  12.515  1.00 30.00 ? 410 HOH A O     1 
HETATM 1405 O  O     . HOH D 4 .   ? 8.802   -6.301  13.765  1.00 34.55 ? 411 HOH A O     1 
HETATM 1406 O  O     . HOH D 4 .   ? -19.149 -0.608  -6.720  1.00 46.22 ? 412 HOH A O     1 
HETATM 1407 O  O     . HOH D 4 .   ? -8.474  -11.356 11.448  1.00 34.55 ? 413 HOH A O     1 
HETATM 1408 O  O     . HOH D 4 .   ? 2.509   -7.735  -18.575 1.00 42.84 ? 414 HOH A O     1 
HETATM 1409 O  O     . HOH D 4 .   ? -1.311  -12.336 -5.723  1.00 34.55 ? 415 HOH A O     1 
HETATM 1410 O  O     . HOH D 4 .   ? 11.578  19.609  -0.005  1.00 34.55 ? 416 HOH A O     1 
HETATM 1411 O  O     . HOH D 4 .   ? -4.886  10.277  13.859  1.00 34.55 ? 417 HOH A O     1 
HETATM 1412 O  O     . HOH D 4 .   ? -0.316  -5.975  -22.428 1.00 45.48 ? 418 HOH A O     1 
HETATM 1413 O  O     . HOH D 4 .   ? -17.947 -6.499  10.207  1.00 34.55 ? 419 HOH A O     1 
HETATM 1414 O  O     . HOH D 4 .   ? 10.551  -7.773  -9.618  1.00 42.77 ? 420 HOH A O     1 
HETATM 1415 O  O     . HOH D 4 .   ? -7.519  -20.018 -7.411  1.00 34.55 ? 421 HOH A O     1 
HETATM 1416 O  O     . HOH D 4 .   ? -8.732  -9.831  14.101  1.00 34.55 ? 422 HOH A O     1 
# 
